data_6RSO
# 
_entry.id   6RSO 
# 
_audit_conform.dict_name       mmcif_pdbx.dic 
_audit_conform.dict_version    5.392 
_audit_conform.dict_location   http://mmcif.pdb.org/dictionaries/ascii/mmcif_pdbx.dic 
# 
loop_
_database_2.database_id 
_database_2.database_code 
_database_2.pdbx_database_accession 
_database_2.pdbx_DOI 
PDB   6RSO         pdb_00006rso 10.2210/pdb6rso/pdb 
WWPDB D_1292102519 ?            ?                   
# 
loop_
_pdbx_audit_revision_history.ordinal 
_pdbx_audit_revision_history.data_content_type 
_pdbx_audit_revision_history.major_revision 
_pdbx_audit_revision_history.minor_revision 
_pdbx_audit_revision_history.revision_date 
1 'Structure model' 1 0 2020-07-08 
2 'Structure model' 1 1 2021-02-10 
3 'Structure model' 1 2 2024-05-15 
# 
_pdbx_audit_revision_details.ordinal             1 
_pdbx_audit_revision_details.revision_ordinal    1 
_pdbx_audit_revision_details.data_content_type   'Structure model' 
_pdbx_audit_revision_details.provider            repository 
_pdbx_audit_revision_details.type                'Initial release' 
_pdbx_audit_revision_details.description         ? 
_pdbx_audit_revision_details.details             ? 
# 
loop_
_pdbx_audit_revision_group.ordinal 
_pdbx_audit_revision_group.revision_ordinal 
_pdbx_audit_revision_group.data_content_type 
_pdbx_audit_revision_group.group 
1 2 'Structure model' 'Derived calculations'   
2 2 'Structure model' 'Structure summary'      
3 3 'Structure model' 'Data collection'        
4 3 'Structure model' 'Database references'    
5 3 'Structure model' 'Refinement description' 
# 
loop_
_pdbx_audit_revision_category.ordinal 
_pdbx_audit_revision_category.revision_ordinal 
_pdbx_audit_revision_category.data_content_type 
_pdbx_audit_revision_category.category 
1 2 'Structure model' pdbx_struct_conn_angle 
2 2 'Structure model' struct                 
3 2 'Structure model' struct_conn            
4 3 'Structure model' chem_comp_atom         
5 3 'Structure model' chem_comp_bond         
6 3 'Structure model' database_2             
7 3 'Structure model' refine                 
# 
loop_
_pdbx_audit_revision_item.ordinal 
_pdbx_audit_revision_item.revision_ordinal 
_pdbx_audit_revision_item.data_content_type 
_pdbx_audit_revision_item.item 
1  2 'Structure model' '_pdbx_struct_conn_angle.ptnr1_auth_asym_id'  
2  2 'Structure model' '_pdbx_struct_conn_angle.ptnr1_auth_comp_id'  
3  2 'Structure model' '_pdbx_struct_conn_angle.ptnr1_auth_seq_id'   
4  2 'Structure model' '_pdbx_struct_conn_angle.ptnr1_label_asym_id' 
5  2 'Structure model' '_pdbx_struct_conn_angle.ptnr1_label_atom_id' 
6  2 'Structure model' '_pdbx_struct_conn_angle.ptnr1_label_comp_id' 
7  2 'Structure model' '_pdbx_struct_conn_angle.ptnr1_label_seq_id'  
8  2 'Structure model' '_pdbx_struct_conn_angle.ptnr3_auth_asym_id'  
9  2 'Structure model' '_pdbx_struct_conn_angle.ptnr3_auth_comp_id'  
10 2 'Structure model' '_pdbx_struct_conn_angle.ptnr3_auth_seq_id'   
11 2 'Structure model' '_pdbx_struct_conn_angle.ptnr3_label_asym_id' 
12 2 'Structure model' '_pdbx_struct_conn_angle.ptnr3_label_atom_id' 
13 2 'Structure model' '_pdbx_struct_conn_angle.ptnr3_label_comp_id' 
14 2 'Structure model' '_pdbx_struct_conn_angle.ptnr3_label_seq_id'  
15 2 'Structure model' '_pdbx_struct_conn_angle.value'               
16 2 'Structure model' '_struct.title'                               
17 2 'Structure model' '_struct_conn.pdbx_dist_value'                
18 2 'Structure model' '_struct_conn.ptnr1_auth_asym_id'             
19 2 'Structure model' '_struct_conn.ptnr1_auth_comp_id'             
20 2 'Structure model' '_struct_conn.ptnr1_auth_seq_id'              
21 2 'Structure model' '_struct_conn.ptnr1_label_asym_id'            
22 2 'Structure model' '_struct_conn.ptnr1_label_atom_id'            
23 2 'Structure model' '_struct_conn.ptnr1_label_comp_id'            
24 2 'Structure model' '_struct_conn.ptnr1_label_seq_id'             
25 2 'Structure model' '_struct_conn.ptnr2_auth_asym_id'             
26 2 'Structure model' '_struct_conn.ptnr2_auth_comp_id'             
27 2 'Structure model' '_struct_conn.ptnr2_auth_seq_id'              
28 2 'Structure model' '_struct_conn.ptnr2_label_asym_id'            
29 2 'Structure model' '_struct_conn.ptnr2_label_atom_id'            
30 2 'Structure model' '_struct_conn.ptnr2_label_comp_id'            
31 3 'Structure model' '_database_2.pdbx_DOI'                        
32 3 'Structure model' '_database_2.pdbx_database_accession'         
33 3 'Structure model' '_refine.pdbx_diffrn_id'                      
# 
_pdbx_database_status.status_code                     REL 
_pdbx_database_status.status_code_sf                  REL 
_pdbx_database_status.status_code_mr                  ? 
_pdbx_database_status.entry_id                        6RSO 
_pdbx_database_status.recvd_initial_deposition_date   2019-05-21 
_pdbx_database_status.SG_entry                        N 
_pdbx_database_status.deposit_site                    PDBE 
_pdbx_database_status.process_site                    PDBE 
_pdbx_database_status.status_code_cs                  ? 
_pdbx_database_status.methods_development_category    ? 
_pdbx_database_status.pdb_format_compatible           Y 
_pdbx_database_status.status_code_nmr_data            ? 
# 
loop_
_audit_author.name 
_audit_author.pdbx_ordinal 
_audit_author.identifier_ORCID 
'McQuaid, K.T.' 1 0000-0002-3222-5584 
'Hall, J.P.'    2 0000-0003-3716-4378 
'Cardin, C.J.'  3 0000-0002-2556-9995 
# 
_citation.abstract                  ? 
_citation.abstract_id_CAS           ? 
_citation.book_id_ISBN              ? 
_citation.book_publisher            ? 
_citation.book_publisher_city       ? 
_citation.book_title                ? 
_citation.coordinate_linkage        ? 
_citation.country                   ? 
_citation.database_id_Medline       ? 
_citation.details                   ? 
_citation.id                        primary 
_citation.journal_abbrev            'To Be Published' 
_citation.journal_id_ASTM           ? 
_citation.journal_id_CSD            0353 
_citation.journal_id_ISSN           ? 
_citation.journal_full              ? 
_citation.journal_issue             ? 
_citation.journal_volume            ? 
_citation.language                  ? 
_citation.page_first                ? 
_citation.page_last                 ? 
_citation.title                     'Structure of [Ru(phen)2(10-NO2-dppz)]2+ bound to the DNA sequence d(TCGGCGCCGA)' 
_citation.year                      ? 
_citation.database_id_CSD           ? 
_citation.pdbx_database_id_DOI      ? 
_citation.pdbx_database_id_PubMed   ? 
_citation.unpublished_flag          ? 
# 
loop_
_citation_author.citation_id 
_citation_author.name 
_citation_author.ordinal 
_citation_author.identifier_ORCID 
primary 'McQuaid, K.T.' 1 ? 
primary 'Hall, J.P.'    2 ? 
primary 'Cardin, C.J.'  3 ? 
# 
loop_
_entity.id 
_entity.type 
_entity.src_method 
_entity.pdbx_description 
_entity.formula_weight 
_entity.pdbx_number_of_molecules 
_entity.pdbx_ec 
_entity.pdbx_mutation 
_entity.pdbx_fragment 
_entity.details 
1 polymer     syn 
;DNA (5'-D(*TP*CP*GP*GP*CP*GP*CP*CP*GP*A)-3')
;
3045.992 2  ? ? ? ? 
2 non-polymer syn 'BARIUM ION'                                                    137.327  2  ? ? ? ? 
3 non-polymer syn 'Ruthenium (bis-(phenanthroline)) (10-nitro-dipyridophenazine)' 789.785  2  ? ? ? ? 
4 water       nat water                                                           18.015   30 ? ? ? ? 
# 
_entity_poly.entity_id                      1 
_entity_poly.type                           polydeoxyribonucleotide 
_entity_poly.nstd_linkage                   no 
_entity_poly.nstd_monomer                   no 
_entity_poly.pdbx_seq_one_letter_code       '(DT)(DC)(DG)(DG)(DC)(DG)(DC)(DC)(DG)(DA)' 
_entity_poly.pdbx_seq_one_letter_code_can   TCGGCGCCGA 
_entity_poly.pdbx_strand_id                 A,B 
_entity_poly.pdbx_target_identifier         ? 
# 
loop_
_pdbx_entity_nonpoly.entity_id 
_pdbx_entity_nonpoly.name 
_pdbx_entity_nonpoly.comp_id 
2 'BARIUM ION'                                                    BA  
3 'Ruthenium (bis-(phenanthroline)) (10-nitro-dipyridophenazine)' KHN 
4 water                                                           HOH 
# 
loop_
_entity_poly_seq.entity_id 
_entity_poly_seq.num 
_entity_poly_seq.mon_id 
_entity_poly_seq.hetero 
1 1  DT n 
1 2  DC n 
1 3  DG n 
1 4  DG n 
1 5  DC n 
1 6  DG n 
1 7  DC n 
1 8  DC n 
1 9  DG n 
1 10 DA n 
# 
_pdbx_entity_src_syn.entity_id              1 
_pdbx_entity_src_syn.pdbx_src_id            1 
_pdbx_entity_src_syn.pdbx_alt_source_flag   sample 
_pdbx_entity_src_syn.pdbx_beg_seq_num       1 
_pdbx_entity_src_syn.pdbx_end_seq_num       10 
_pdbx_entity_src_syn.organism_scientific    'synthetic construct' 
_pdbx_entity_src_syn.organism_common_name   ? 
_pdbx_entity_src_syn.ncbi_taxonomy_id       32630 
_pdbx_entity_src_syn.details                ? 
# 
loop_
_chem_comp.id 
_chem_comp.type 
_chem_comp.mon_nstd_flag 
_chem_comp.name 
_chem_comp.pdbx_synonyms 
_chem_comp.formula 
_chem_comp.formula_weight 
BA  non-polymer   . 'BARIUM ION'                                                    ? 'Ba 2'             137.327 
DA  'DNA linking' y "2'-DEOXYADENOSINE-5'-MONOPHOSPHATE"                            ? 'C10 H14 N5 O6 P'  331.222 
DC  'DNA linking' y "2'-DEOXYCYTIDINE-5'-MONOPHOSPHATE"                             ? 'C9 H14 N3 O7 P'   307.197 
DG  'DNA linking' y "2'-DEOXYGUANOSINE-5'-MONOPHOSPHATE"                            ? 'C10 H14 N5 O7 P'  347.221 
DT  'DNA linking' y "THYMIDINE-5'-MONOPHOSPHATE"                                    ? 'C10 H15 N2 O8 P'  322.208 
HOH non-polymer   . WATER                                                           ? 'H2 O'             18.015  
KHN non-polymer   . 'Ruthenium (bis-(phenanthroline)) (10-nitro-dipyridophenazine)' ? 'C42 H26 N9 O2 Ru' 789.785 
# 
loop_
_pdbx_poly_seq_scheme.asym_id 
_pdbx_poly_seq_scheme.entity_id 
_pdbx_poly_seq_scheme.seq_id 
_pdbx_poly_seq_scheme.mon_id 
_pdbx_poly_seq_scheme.ndb_seq_num 
_pdbx_poly_seq_scheme.pdb_seq_num 
_pdbx_poly_seq_scheme.auth_seq_num 
_pdbx_poly_seq_scheme.pdb_mon_id 
_pdbx_poly_seq_scheme.auth_mon_id 
_pdbx_poly_seq_scheme.pdb_strand_id 
_pdbx_poly_seq_scheme.pdb_ins_code 
_pdbx_poly_seq_scheme.hetero 
A 1 1  DT 1  1  1  DT DT A . n 
A 1 2  DC 2  2  2  DC DC A . n 
A 1 3  DG 3  3  3  DG DG A . n 
A 1 4  DG 4  4  4  DG DG A . n 
A 1 5  DC 5  5  5  DC DC A . n 
A 1 6  DG 6  6  6  DG DG A . n 
A 1 7  DC 7  7  7  DC DC A . n 
A 1 8  DC 8  8  8  DC DC A . n 
A 1 9  DG 9  9  9  DG DG A . n 
A 1 10 DA 10 10 10 DA DA A . n 
B 1 1  DT 1  1  1  DT DT B . n 
B 1 2  DC 2  2  2  DC DC B . n 
B 1 3  DG 3  3  3  DG DG B . n 
B 1 4  DG 4  4  4  DG DG B . n 
B 1 5  DC 5  5  5  DC DC B . n 
B 1 6  DG 6  6  6  DG DG B . n 
B 1 7  DC 7  7  7  DC DC B . n 
B 1 8  DC 8  8  8  DC DC B . n 
B 1 9  DG 9  9  9  DG DG B . n 
B 1 10 DA 10 10 10 DA DA B . n 
# 
loop_
_pdbx_nonpoly_scheme.asym_id 
_pdbx_nonpoly_scheme.entity_id 
_pdbx_nonpoly_scheme.mon_id 
_pdbx_nonpoly_scheme.ndb_seq_num 
_pdbx_nonpoly_scheme.pdb_seq_num 
_pdbx_nonpoly_scheme.auth_seq_num 
_pdbx_nonpoly_scheme.pdb_mon_id 
_pdbx_nonpoly_scheme.auth_mon_id 
_pdbx_nonpoly_scheme.pdb_strand_id 
_pdbx_nonpoly_scheme.pdb_ins_code 
C 2 BA  1  101 102 BA  BA  A . 
D 3 KHN 1  102 1   KHN 10N A . 
E 2 BA  1  101 103 BA  BA  B . 
F 3 KHN 1  102 2   KHN 10N B . 
G 4 HOH 1  201 7   HOH HOH A . 
G 4 HOH 2  202 8   HOH HOH A . 
G 4 HOH 3  203 29  HOH HOH A . 
G 4 HOH 4  204 4   HOH HOH A . 
G 4 HOH 5  205 11  HOH HOH A . 
G 4 HOH 6  206 30  HOH HOH A . 
G 4 HOH 7  207 2   HOH HOH A . 
G 4 HOH 8  208 16  HOH HOH A . 
G 4 HOH 9  209 14  HOH HOH A . 
G 4 HOH 10 210 32  HOH HOH A . 
G 4 HOH 11 211 33  HOH HOH A . 
G 4 HOH 12 212 22  HOH HOH A . 
H 4 HOH 1  201 5   HOH HOH B . 
H 4 HOH 2  202 12  HOH HOH B . 
H 4 HOH 3  203 9   HOH HOH B . 
H 4 HOH 4  204 3   HOH HOH B . 
H 4 HOH 5  205 6   HOH HOH B . 
H 4 HOH 6  206 26  HOH HOH B . 
H 4 HOH 7  207 28  HOH HOH B . 
H 4 HOH 8  208 1   HOH HOH B . 
H 4 HOH 9  209 27  HOH HOH B . 
H 4 HOH 10 210 21  HOH HOH B . 
H 4 HOH 11 211 15  HOH HOH B . 
H 4 HOH 12 212 31  HOH HOH B . 
H 4 HOH 13 213 20  HOH HOH B . 
H 4 HOH 14 214 23  HOH HOH B . 
H 4 HOH 15 215 13  HOH HOH B . 
H 4 HOH 16 216 10  HOH HOH B . 
H 4 HOH 17 217 34  HOH HOH B . 
H 4 HOH 18 218 18  HOH HOH B . 
# 
loop_
_software.citation_id 
_software.classification 
_software.compiler_name 
_software.compiler_version 
_software.contact_author 
_software.contact_author_email 
_software.date 
_software.description 
_software.dependencies 
_software.hardware 
_software.language 
_software.location 
_software.mods 
_software.name 
_software.os 
_software.os_version 
_software.type 
_software.version 
_software.pdbx_ordinal 
? refinement       ? ? ? ? ? ? ? ? ? ? ? PHENIX ? ? ? '(1.15rc2_3433: ???)' 1 
? 'data reduction' ? ? ? ? ? ? ? ? ? ? ? xia2   ? ? ? .                     2 
? 'data scaling'   ? ? ? ? ? ? ? ? ? ? ? xia2   ? ? ? .                     3 
? phasing          ? ? ? ? ? ? ? ? ? ? ? PHASER ? ? ? .                     4 
? 'data reduction' ? ? ? ? ? ? ? ? ? ? ? XDS    ? ? ? .                     5 
? 'data scaling'   ? ? ? ? ? ? ? ? ? ? ? XSCALE ? ? ? .                     6 
? 'model building' ? ? ? ? ? ? ? ? ? ? ? Coot   ? ? ? .                     7 
# 
_cell.angle_alpha                  90.00 
_cell.angle_alpha_esd              ? 
_cell.angle_beta                   90.00 
_cell.angle_beta_esd               ? 
_cell.angle_gamma                  90.00 
_cell.angle_gamma_esd              ? 
_cell.entry_id                     6RSO 
_cell.details                      ? 
_cell.formula_units_Z              ? 
_cell.length_a                     46.730 
_cell.length_a_esd                 ? 
_cell.length_b                     46.730 
_cell.length_b_esd                 ? 
_cell.length_c                     31.990 
_cell.length_c_esd                 ? 
_cell.volume                       ? 
_cell.volume_esd                   ? 
_cell.Z_PDB                        8 
_cell.reciprocal_angle_alpha       ? 
_cell.reciprocal_angle_beta        ? 
_cell.reciprocal_angle_gamma       ? 
_cell.reciprocal_angle_alpha_esd   ? 
_cell.reciprocal_angle_beta_esd    ? 
_cell.reciprocal_angle_gamma_esd   ? 
_cell.reciprocal_length_a          ? 
_cell.reciprocal_length_b          ? 
_cell.reciprocal_length_c          ? 
_cell.reciprocal_length_a_esd      ? 
_cell.reciprocal_length_b_esd      ? 
_cell.reciprocal_length_c_esd      ? 
_cell.pdbx_unique_axis             ? 
# 
_symmetry.entry_id                         6RSO 
_symmetry.cell_setting                     ? 
_symmetry.Int_Tables_number                78 
_symmetry.space_group_name_Hall            ? 
_symmetry.space_group_name_H-M             'P 43' 
_symmetry.pdbx_full_space_group_name_H-M   ? 
# 
_exptl.absorpt_coefficient_mu     ? 
_exptl.absorpt_correction_T_max   ? 
_exptl.absorpt_correction_T_min   ? 
_exptl.absorpt_correction_type    ? 
_exptl.absorpt_process_details    ? 
_exptl.entry_id                   6RSO 
_exptl.crystals_number            1 
_exptl.details                    ? 
_exptl.method                     'X-RAY DIFFRACTION' 
_exptl.method_details             ? 
# 
_exptl_crystal.colour                      ? 
_exptl_crystal.density_diffrn              ? 
_exptl_crystal.density_Matthews            2.87 
_exptl_crystal.density_method              ? 
_exptl_crystal.density_percent_sol         35 
_exptl_crystal.description                 ? 
_exptl_crystal.F_000                       ? 
_exptl_crystal.id                          1 
_exptl_crystal.preparation                 ? 
_exptl_crystal.size_max                    ? 
_exptl_crystal.size_mid                    ? 
_exptl_crystal.size_min                    ? 
_exptl_crystal.size_rad                    ? 
_exptl_crystal.colour_lustre               ? 
_exptl_crystal.colour_modifier             ? 
_exptl_crystal.colour_primary              ? 
_exptl_crystal.density_meas                ? 
_exptl_crystal.density_meas_esd            ? 
_exptl_crystal.density_meas_gt             ? 
_exptl_crystal.density_meas_lt             ? 
_exptl_crystal.density_meas_temp           ? 
_exptl_crystal.density_meas_temp_esd       ? 
_exptl_crystal.density_meas_temp_gt        ? 
_exptl_crystal.density_meas_temp_lt        ? 
_exptl_crystal.pdbx_crystal_image_url      ? 
_exptl_crystal.pdbx_crystal_image_format   ? 
_exptl_crystal.pdbx_mosaicity              ? 
_exptl_crystal.pdbx_mosaicity_esd          ? 
# 
_exptl_crystal_grow.apparatus       ? 
_exptl_crystal_grow.atmosphere      ? 
_exptl_crystal_grow.crystal_id      1 
_exptl_crystal_grow.details         ? 
_exptl_crystal_grow.method          'VAPOR DIFFUSION, SITTING DROP' 
_exptl_crystal_grow.method_ref      ? 
_exptl_crystal_grow.pH              7 
_exptl_crystal_grow.pressure        ? 
_exptl_crystal_grow.pressure_esd    ? 
_exptl_crystal_grow.seeding         ? 
_exptl_crystal_grow.seeding_ref     ? 
_exptl_crystal_grow.temp            293 
_exptl_crystal_grow.temp_details    ? 
_exptl_crystal_grow.temp_esd        ? 
_exptl_crystal_grow.time            ? 
_exptl_crystal_grow.pdbx_details    
;8 uL drop containing; 250 uM d(TCGGCGCCGA), 625 uM rac-[Ru(phen)2(10-NO2-dppz)]Cl2, 7.5% v/v MPD, 30 mM pH 7 sodium cacodylate, 9 mM spermine tetrahydrochloride, 60 mM KCl and 15 mM BaCl2, all equilibrated against 500 uL of 35% v/v MPD
;
_exptl_crystal_grow.pdbx_pH_range   ? 
# 
_diffrn.ambient_environment              ? 
_diffrn.ambient_temp                     100 
_diffrn.ambient_temp_details             ? 
_diffrn.ambient_temp_esd                 ? 
_diffrn.crystal_id                       1 
_diffrn.crystal_support                  ? 
_diffrn.crystal_treatment                ? 
_diffrn.details                          ? 
_diffrn.id                               1 
_diffrn.ambient_pressure                 ? 
_diffrn.ambient_pressure_esd             ? 
_diffrn.ambient_pressure_gt              ? 
_diffrn.ambient_pressure_lt              ? 
_diffrn.ambient_temp_gt                  ? 
_diffrn.ambient_temp_lt                  ? 
_diffrn.pdbx_serial_crystal_experiment   N 
# 
_diffrn_detector.details                      ? 
_diffrn_detector.detector                     PIXEL 
_diffrn_detector.diffrn_id                    1 
_diffrn_detector.type                         'DECTRIS PILATUS3 S 6M' 
_diffrn_detector.area_resol_mean              ? 
_diffrn_detector.dtime                        ? 
_diffrn_detector.pdbx_frames_total            ? 
_diffrn_detector.pdbx_collection_time_total   ? 
_diffrn_detector.pdbx_collection_date         2019-02-18 
_diffrn_detector.pdbx_frequency               ? 
# 
_diffrn_radiation.collimation                      ? 
_diffrn_radiation.diffrn_id                        1 
_diffrn_radiation.filter_edge                      ? 
_diffrn_radiation.inhomogeneity                    ? 
_diffrn_radiation.monochromator                    ? 
_diffrn_radiation.polarisn_norm                    ? 
_diffrn_radiation.polarisn_ratio                   ? 
_diffrn_radiation.probe                            ? 
_diffrn_radiation.type                             ? 
_diffrn_radiation.xray_symbol                      ? 
_diffrn_radiation.wavelength_id                    1 
_diffrn_radiation.pdbx_monochromatic_or_laue_m_l   M 
_diffrn_radiation.pdbx_wavelength_list             ? 
_diffrn_radiation.pdbx_wavelength                  ? 
_diffrn_radiation.pdbx_diffrn_protocol             'SINGLE WAVELENGTH' 
_diffrn_radiation.pdbx_analyzer                    ? 
_diffrn_radiation.pdbx_scattering_type             x-ray 
# 
_diffrn_radiation_wavelength.id           1 
_diffrn_radiation_wavelength.wavelength   0.9762 
_diffrn_radiation_wavelength.wt           1.0 
# 
_diffrn_source.current                     ? 
_diffrn_source.details                     ? 
_diffrn_source.diffrn_id                   1 
_diffrn_source.power                       ? 
_diffrn_source.size                        ? 
_diffrn_source.source                      SYNCHROTRON 
_diffrn_source.target                      ? 
_diffrn_source.type                        'DIAMOND BEAMLINE I03' 
_diffrn_source.voltage                     ? 
_diffrn_source.take-off_angle              ? 
_diffrn_source.pdbx_wavelength_list        0.9762 
_diffrn_source.pdbx_wavelength             ? 
_diffrn_source.pdbx_synchrotron_beamline   I03 
_diffrn_source.pdbx_synchrotron_site       Diamond 
# 
_reflns.B_iso_Wilson_estimate            ? 
_reflns.entry_id                         6RSO 
_reflns.data_reduction_details           ? 
_reflns.data_reduction_method            ? 
_reflns.d_resolution_high                1.97 
_reflns.d_resolution_low                 46.73 
_reflns.details                          ? 
_reflns.limit_h_max                      ? 
_reflns.limit_h_min                      ? 
_reflns.limit_k_max                      ? 
_reflns.limit_k_min                      ? 
_reflns.limit_l_max                      ? 
_reflns.limit_l_min                      ? 
_reflns.number_all                       ? 
_reflns.number_obs                       9539 
_reflns.observed_criterion               ? 
_reflns.observed_criterion_F_max         ? 
_reflns.observed_criterion_F_min         ? 
_reflns.observed_criterion_I_max         ? 
_reflns.observed_criterion_I_min         ? 
_reflns.observed_criterion_sigma_F       ? 
_reflns.observed_criterion_sigma_I       ? 
_reflns.percent_possible_obs             100 
_reflns.R_free_details                   ? 
_reflns.Rmerge_F_all                     ? 
_reflns.Rmerge_F_obs                     ? 
_reflns.Friedel_coverage                 ? 
_reflns.number_gt                        ? 
_reflns.threshold_expression             ? 
_reflns.pdbx_redundancy                  12.9 
_reflns.pdbx_Rmerge_I_obs                0.049 
_reflns.pdbx_Rmerge_I_all                ? 
_reflns.pdbx_Rsym_value                  ? 
_reflns.pdbx_netI_over_av_sigmaI         ? 
_reflns.pdbx_netI_over_sigmaI            26.9 
_reflns.pdbx_res_netI_over_av_sigmaI_2   ? 
_reflns.pdbx_res_netI_over_sigmaI_2      ? 
_reflns.pdbx_chi_squared                 ? 
_reflns.pdbx_scaling_rejects             ? 
_reflns.pdbx_d_res_high_opt              ? 
_reflns.pdbx_d_res_low_opt               ? 
_reflns.pdbx_d_res_opt_method            ? 
_reflns.phase_calculation_details        ? 
_reflns.pdbx_Rrim_I_all                  0.051 
_reflns.pdbx_Rpim_I_all                  0.014 
_reflns.pdbx_d_opt                       ? 
_reflns.pdbx_number_measured_all         ? 
_reflns.pdbx_diffrn_id                   1 
_reflns.pdbx_ordinal                     1 
_reflns.pdbx_CC_half                     1.00 
_reflns.pdbx_R_split                     ? 
_reflns.pdbx_CC_star                     ? 
# 
_reflns_shell.d_res_high                  1.97 
_reflns_shell.d_res_low                   2.00 
_reflns_shell.meanI_over_sigI_all         ? 
_reflns_shell.meanI_over_sigI_obs         1.0 
_reflns_shell.number_measured_all         ? 
_reflns_shell.number_measured_obs         ? 
_reflns_shell.number_possible             ? 
_reflns_shell.number_unique_all           ? 
_reflns_shell.number_unique_obs           246 
_reflns_shell.percent_possible_all        99.6 
_reflns_shell.percent_possible_obs        ? 
_reflns_shell.Rmerge_F_all                ? 
_reflns_shell.Rmerge_F_obs                ? 
_reflns_shell.Rmerge_I_all                ? 
_reflns_shell.Rmerge_I_obs                ? 
_reflns_shell.meanI_over_sigI_gt          ? 
_reflns_shell.meanI_over_uI_all           ? 
_reflns_shell.meanI_over_uI_gt            ? 
_reflns_shell.number_measured_gt          ? 
_reflns_shell.number_unique_gt            ? 
_reflns_shell.percent_possible_gt         ? 
_reflns_shell.Rmerge_F_gt                 ? 
_reflns_shell.Rmerge_I_gt                 ? 
_reflns_shell.pdbx_redundancy             ? 
_reflns_shell.pdbx_Rsym_value             ? 
_reflns_shell.pdbx_chi_squared            ? 
_reflns_shell.pdbx_netI_over_sigmaI_all   ? 
_reflns_shell.pdbx_netI_over_sigmaI_obs   ? 
_reflns_shell.pdbx_Rrim_I_all             ? 
_reflns_shell.pdbx_Rpim_I_all             0.804 
_reflns_shell.pdbx_rejects                ? 
_reflns_shell.pdbx_ordinal                1 
_reflns_shell.pdbx_diffrn_id              1 
_reflns_shell.pdbx_CC_half                0.334 
_reflns_shell.pdbx_R_split                ? 
_reflns_shell.pdbx_CC_star                ? 
# 
_refine.aniso_B[1][1]                            ? 
_refine.aniso_B[1][2]                            ? 
_refine.aniso_B[1][3]                            ? 
_refine.aniso_B[2][2]                            ? 
_refine.aniso_B[2][3]                            ? 
_refine.aniso_B[3][3]                            ? 
_refine.B_iso_max                                ? 
_refine.B_iso_mean                               ? 
_refine.B_iso_min                                ? 
_refine.correlation_coeff_Fo_to_Fc               ? 
_refine.correlation_coeff_Fo_to_Fc_free          ? 
_refine.details                                  ? 
_refine.diff_density_max                         ? 
_refine.diff_density_max_esd                     ? 
_refine.diff_density_min                         ? 
_refine.diff_density_min_esd                     ? 
_refine.diff_density_rms                         ? 
_refine.diff_density_rms_esd                     ? 
_refine.entry_id                                 6RSO 
_refine.pdbx_refine_id                           'X-RAY DIFFRACTION' 
_refine.ls_abs_structure_details                 ? 
_refine.ls_abs_structure_Flack                   ? 
_refine.ls_abs_structure_Flack_esd               ? 
_refine.ls_abs_structure_Rogers                  ? 
_refine.ls_abs_structure_Rogers_esd              ? 
_refine.ls_d_res_high                            1.970 
_refine.ls_d_res_low                             26.397 
_refine.ls_extinction_coef                       ? 
_refine.ls_extinction_coef_esd                   ? 
_refine.ls_extinction_expression                 ? 
_refine.ls_extinction_method                     ? 
_refine.ls_goodness_of_fit_all                   ? 
_refine.ls_goodness_of_fit_all_esd               ? 
_refine.ls_goodness_of_fit_obs                   ? 
_refine.ls_goodness_of_fit_obs_esd               ? 
_refine.ls_hydrogen_treatment                    ? 
_refine.ls_matrix_type                           ? 
_refine.ls_number_constraints                    ? 
_refine.ls_number_parameters                     ? 
_refine.ls_number_reflns_all                     ? 
_refine.ls_number_reflns_obs                     9533 
_refine.ls_number_reflns_R_free                  511 
_refine.ls_number_reflns_R_work                  ? 
_refine.ls_number_restraints                     ? 
_refine.ls_percent_reflns_obs                    99.64 
_refine.ls_percent_reflns_R_free                 5.36 
_refine.ls_R_factor_all                          ? 
_refine.ls_R_factor_obs                          0.2090 
_refine.ls_R_factor_R_free                       0.2474 
_refine.ls_R_factor_R_free_error                 ? 
_refine.ls_R_factor_R_free_error_details         ? 
_refine.ls_R_factor_R_work                       0.2068 
_refine.ls_R_Fsqd_factor_obs                     ? 
_refine.ls_R_I_factor_obs                        ? 
_refine.ls_redundancy_reflns_all                 ? 
_refine.ls_redundancy_reflns_obs                 ? 
_refine.ls_restrained_S_all                      ? 
_refine.ls_restrained_S_obs                      ? 
_refine.ls_shift_over_esd_max                    ? 
_refine.ls_shift_over_esd_mean                   ? 
_refine.ls_structure_factor_coef                 ? 
_refine.ls_weighting_details                     ? 
_refine.ls_weighting_scheme                      ? 
_refine.ls_wR_factor_all                         ? 
_refine.ls_wR_factor_obs                         ? 
_refine.ls_wR_factor_R_free                      ? 
_refine.ls_wR_factor_R_work                      ? 
_refine.occupancy_max                            ? 
_refine.occupancy_min                            ? 
_refine.solvent_model_details                    'FLAT BULK SOLVENT MODEL' 
_refine.solvent_model_param_bsol                 ? 
_refine.solvent_model_param_ksol                 ? 
_refine.ls_R_factor_gt                           ? 
_refine.ls_goodness_of_fit_gt                    ? 
_refine.ls_goodness_of_fit_ref                   ? 
_refine.ls_shift_over_su_max                     ? 
_refine.ls_shift_over_su_max_lt                  ? 
_refine.ls_shift_over_su_mean                    ? 
_refine.ls_shift_over_su_mean_lt                 ? 
_refine.pdbx_ls_sigma_I                          ? 
_refine.pdbx_ls_sigma_F                          1.34 
_refine.pdbx_ls_sigma_Fsqd                       ? 
_refine.pdbx_data_cutoff_high_absF               ? 
_refine.pdbx_data_cutoff_high_rms_absF           ? 
_refine.pdbx_data_cutoff_low_absF                ? 
_refine.pdbx_isotropic_thermal_model             ? 
_refine.pdbx_ls_cross_valid_method               'FREE R-VALUE' 
_refine.pdbx_method_to_determine_struct          SAD 
_refine.pdbx_starting_model                      ? 
_refine.pdbx_stereochemistry_target_values       ML 
_refine.pdbx_R_Free_selection_details            'Random Selection' 
_refine.pdbx_stereochem_target_val_spec_case     ? 
_refine.pdbx_overall_ESU_R                       ? 
_refine.pdbx_overall_ESU_R_Free                  ? 
_refine.pdbx_solvent_vdw_probe_radii             1.11 
_refine.pdbx_solvent_ion_probe_radii             ? 
_refine.pdbx_solvent_shrinkage_radii             0.90 
_refine.pdbx_real_space_R                        ? 
_refine.pdbx_density_correlation                 ? 
_refine.pdbx_pd_number_of_powder_patterns        ? 
_refine.pdbx_pd_number_of_points                 ? 
_refine.pdbx_pd_meas_number_of_points            ? 
_refine.pdbx_pd_proc_ls_prof_R_factor            ? 
_refine.pdbx_pd_proc_ls_prof_wR_factor           ? 
_refine.pdbx_pd_Marquardt_correlation_coeff      ? 
_refine.pdbx_pd_Fsqrd_R_factor                   ? 
_refine.pdbx_pd_ls_matrix_band_width             ? 
_refine.pdbx_overall_phase_error                 35.30 
_refine.pdbx_overall_SU_R_free_Cruickshank_DPI   ? 
_refine.pdbx_overall_SU_R_free_Blow_DPI          ? 
_refine.pdbx_overall_SU_R_Blow_DPI               ? 
_refine.pdbx_TLS_residual_ADP_flag               ? 
_refine.pdbx_diffrn_id                           1 
_refine.overall_SU_B                             ? 
_refine.overall_SU_ML                            0.29 
_refine.overall_SU_R_Cruickshank_DPI             ? 
_refine.overall_SU_R_free                        ? 
_refine.overall_FOM_free_R_set                   ? 
_refine.overall_FOM_work_R_set                   ? 
_refine.pdbx_average_fsc_overall                 ? 
_refine.pdbx_average_fsc_work                    ? 
_refine.pdbx_average_fsc_free                    ? 
# 
_refine_hist.pdbx_refine_id                   'X-RAY DIFFRACTION' 
_refine_hist.cycle_id                         LAST 
_refine_hist.details                          ? 
_refine_hist.d_res_high                       1.970 
_refine_hist.d_res_low                        26.397 
_refine_hist.number_atoms_solvent             30 
_refine_hist.number_atoms_total               544 
_refine_hist.number_reflns_all                ? 
_refine_hist.number_reflns_obs                ? 
_refine_hist.number_reflns_R_free             ? 
_refine_hist.number_reflns_R_work             ? 
_refine_hist.R_factor_all                     ? 
_refine_hist.R_factor_obs                     ? 
_refine_hist.R_factor_R_free                  ? 
_refine_hist.R_factor_R_work                  ? 
_refine_hist.pdbx_number_residues_total       ? 
_refine_hist.pdbx_B_iso_mean_ligand           ? 
_refine_hist.pdbx_B_iso_mean_solvent          ? 
_refine_hist.pdbx_number_atoms_protein        0 
_refine_hist.pdbx_number_atoms_nucleic_acid   404 
_refine_hist.pdbx_number_atoms_ligand         110 
_refine_hist.pdbx_number_atoms_lipid          ? 
_refine_hist.pdbx_number_atoms_carb           ? 
_refine_hist.pdbx_pseudo_atom_details         ? 
# 
loop_
_refine_ls_restr.pdbx_refine_id 
_refine_ls_restr.criterion 
_refine_ls_restr.dev_ideal 
_refine_ls_restr.dev_ideal_target 
_refine_ls_restr.number 
_refine_ls_restr.rejects 
_refine_ls_restr.type 
_refine_ls_restr.weight 
_refine_ls_restr.pdbx_restraint_function 
'X-RAY DIFFRACTION' ? 0.008  ? 586 ? f_bond_d           ? ? 
'X-RAY DIFFRACTION' ? 0.868  ? 922 ? f_angle_d          ? ? 
'X-RAY DIFFRACTION' ? 23.928 ? 204 ? f_dihedral_angle_d ? ? 
'X-RAY DIFFRACTION' ? 0.039  ? 78  ? f_chiral_restr     ? ? 
'X-RAY DIFFRACTION' ? 0.008  ? 28  ? f_plane_restr      ? ? 
# 
loop_
_refine_ls_shell.pdbx_refine_id 
_refine_ls_shell.d_res_high 
_refine_ls_shell.d_res_low 
_refine_ls_shell.number_reflns_all 
_refine_ls_shell.number_reflns_obs 
_refine_ls_shell.number_reflns_R_free 
_refine_ls_shell.number_reflns_R_work 
_refine_ls_shell.percent_reflns_obs 
_refine_ls_shell.percent_reflns_R_free 
_refine_ls_shell.R_factor_all 
_refine_ls_shell.R_factor_obs 
_refine_ls_shell.R_factor_R_free 
_refine_ls_shell.R_factor_R_free_error 
_refine_ls_shell.R_factor_R_work 
_refine_ls_shell.redundancy_reflns_all 
_refine_ls_shell.redundancy_reflns_obs 
_refine_ls_shell.wR_factor_all 
_refine_ls_shell.wR_factor_obs 
_refine_ls_shell.wR_factor_R_free 
_refine_ls_shell.wR_factor_R_work 
_refine_ls_shell.pdbx_total_number_of_bins_used 
_refine_ls_shell.pdbx_phase_error 
_refine_ls_shell.pdbx_fsc_work 
_refine_ls_shell.pdbx_fsc_free 
'X-RAY DIFFRACTION' 1.9701 2.1683  . . 104 2266 100.00 . . . 0.4023 . 0.3140 . . . . . . . . . . 
'X-RAY DIFFRACTION' 2.1683 2.4818  . . 160 2264 100.00 . . . 0.2336 . 0.2145 . . . . . . . . . . 
'X-RAY DIFFRACTION' 2.4818 3.1260  . . 116 2231 100.00 . . . 0.3209 . 0.2671 . . . . . . . . . . 
'X-RAY DIFFRACTION' 3.1260 26.3995 . . 131 2261 100.00 . . . 0.2271 . 0.1841 . . . . . . . . . . 
# 
_struct.entry_id                     6RSO 
_struct.title                        'Structure of [Ru(phen)2(10-NO2-dppz)]2+ bound to the DNA sequence d(TCGGCGCCGA)' 
_struct.pdbx_model_details           ? 
_struct.pdbx_formula_weight          ? 
_struct.pdbx_formula_weight_method   ? 
_struct.pdbx_model_type_details      ? 
_struct.pdbx_CASP_flag               N 
# 
_struct_keywords.entry_id        6RSO 
_struct_keywords.text            'Ruthenium, intercalation, DNA, asymmetric' 
_struct_keywords.pdbx_keywords   DNA 
# 
loop_
_struct_asym.id 
_struct_asym.pdbx_blank_PDB_chainid_flag 
_struct_asym.pdbx_modified 
_struct_asym.entity_id 
_struct_asym.details 
A N N 1 ? 
B N N 1 ? 
C N N 2 ? 
D N N 3 ? 
E N N 2 ? 
F N N 3 ? 
G N N 4 ? 
H N N 4 ? 
# 
_struct_ref.id                         1 
_struct_ref.db_name                    PDB 
_struct_ref.db_code                    6RSO 
_struct_ref.pdbx_db_accession          6RSO 
_struct_ref.pdbx_db_isoform            ? 
_struct_ref.entity_id                  1 
_struct_ref.pdbx_seq_one_letter_code   ? 
_struct_ref.pdbx_align_begin           1 
# 
loop_
_struct_ref_seq.align_id 
_struct_ref_seq.ref_id 
_struct_ref_seq.pdbx_PDB_id_code 
_struct_ref_seq.pdbx_strand_id 
_struct_ref_seq.seq_align_beg 
_struct_ref_seq.pdbx_seq_align_beg_ins_code 
_struct_ref_seq.seq_align_end 
_struct_ref_seq.pdbx_seq_align_end_ins_code 
_struct_ref_seq.pdbx_db_accession 
_struct_ref_seq.db_align_beg 
_struct_ref_seq.pdbx_db_align_beg_ins_code 
_struct_ref_seq.db_align_end 
_struct_ref_seq.pdbx_db_align_end_ins_code 
_struct_ref_seq.pdbx_auth_seq_align_beg 
_struct_ref_seq.pdbx_auth_seq_align_end 
1 1 6RSO A 1 ? 10 ? 6RSO 1 ? 10 ? 1 10 
2 1 6RSO B 1 ? 10 ? 6RSO 1 ? 10 ? 1 10 
# 
_pdbx_struct_assembly.id                   1 
_pdbx_struct_assembly.details              author_and_software_defined_assembly 
_pdbx_struct_assembly.method_details       PISA 
_pdbx_struct_assembly.oligomeric_details   dimeric 
_pdbx_struct_assembly.oligomeric_count     2 
# 
loop_
_pdbx_struct_assembly_prop.biol_id 
_pdbx_struct_assembly_prop.type 
_pdbx_struct_assembly_prop.value 
_pdbx_struct_assembly_prop.details 
1 'ABSA (A^2)' 2180 ? 
1 MORE         -26  ? 
1 'SSA (A^2)'  4400 ? 
# 
_pdbx_struct_assembly_gen.assembly_id       1 
_pdbx_struct_assembly_gen.oper_expression   1 
_pdbx_struct_assembly_gen.asym_id_list      A,B,C,D,E,F,G,H 
# 
_pdbx_struct_assembly_auth_evidence.id                     1 
_pdbx_struct_assembly_auth_evidence.assembly_id            1 
_pdbx_struct_assembly_auth_evidence.experimental_support   none 
_pdbx_struct_assembly_auth_evidence.details                ? 
# 
_pdbx_struct_oper_list.id                   1 
_pdbx_struct_oper_list.type                 'identity operation' 
_pdbx_struct_oper_list.name                 1_555 
_pdbx_struct_oper_list.symmetry_operation   x,y,z 
_pdbx_struct_oper_list.matrix[1][1]         1.0000000000 
_pdbx_struct_oper_list.matrix[1][2]         0.0000000000 
_pdbx_struct_oper_list.matrix[1][3]         0.0000000000 
_pdbx_struct_oper_list.vector[1]            0.0000000000 
_pdbx_struct_oper_list.matrix[2][1]         0.0000000000 
_pdbx_struct_oper_list.matrix[2][2]         1.0000000000 
_pdbx_struct_oper_list.matrix[2][3]         0.0000000000 
_pdbx_struct_oper_list.vector[2]            0.0000000000 
_pdbx_struct_oper_list.matrix[3][1]         0.0000000000 
_pdbx_struct_oper_list.matrix[3][2]         0.0000000000 
_pdbx_struct_oper_list.matrix[3][3]         1.0000000000 
_pdbx_struct_oper_list.vector[3]            0.0000000000 
# 
loop_
_struct_conn.id 
_struct_conn.conn_type_id 
_struct_conn.pdbx_leaving_atom_flag 
_struct_conn.pdbx_PDB_id 
_struct_conn.ptnr1_label_asym_id 
_struct_conn.ptnr1_label_comp_id 
_struct_conn.ptnr1_label_seq_id 
_struct_conn.ptnr1_label_atom_id 
_struct_conn.pdbx_ptnr1_label_alt_id 
_struct_conn.pdbx_ptnr1_PDB_ins_code 
_struct_conn.pdbx_ptnr1_standard_comp_id 
_struct_conn.ptnr1_symmetry 
_struct_conn.ptnr2_label_asym_id 
_struct_conn.ptnr2_label_comp_id 
_struct_conn.ptnr2_label_seq_id 
_struct_conn.ptnr2_label_atom_id 
_struct_conn.pdbx_ptnr2_label_alt_id 
_struct_conn.pdbx_ptnr2_PDB_ins_code 
_struct_conn.ptnr1_auth_asym_id 
_struct_conn.ptnr1_auth_comp_id 
_struct_conn.ptnr1_auth_seq_id 
_struct_conn.ptnr2_auth_asym_id 
_struct_conn.ptnr2_auth_comp_id 
_struct_conn.ptnr2_auth_seq_id 
_struct_conn.ptnr2_symmetry 
_struct_conn.pdbx_ptnr3_label_atom_id 
_struct_conn.pdbx_ptnr3_label_seq_id 
_struct_conn.pdbx_ptnr3_label_comp_id 
_struct_conn.pdbx_ptnr3_label_asym_id 
_struct_conn.pdbx_ptnr3_label_alt_id 
_struct_conn.pdbx_ptnr3_PDB_ins_code 
_struct_conn.details 
_struct_conn.pdbx_dist_value 
_struct_conn.pdbx_value_order 
_struct_conn.pdbx_role 
metalc1  metalc ? ? A DG  4  O6 ? ? ? 1_555 C BA  .  BA ? ? A DG  4   A BA  101 1_555 ? ? ? ? ? ? ?            2.864 ? ? 
metalc2  metalc ? ? C BA  .  BA ? ? ? 1_555 G HOH .  O  ? ? A BA  101 A HOH 201 1_555 ? ? ? ? ? ? ?            2.616 ? ? 
metalc3  metalc ? ? C BA  .  BA ? ? ? 1_555 G HOH .  O  ? ? A BA  101 A HOH 202 1_555 ? ? ? ? ? ? ?            2.755 ? ? 
metalc4  metalc ? ? C BA  .  BA ? ? ? 1_555 G HOH .  O  ? ? A BA  101 A HOH 204 1_555 ? ? ? ? ? ? ?            2.678 ? ? 
metalc5  metalc ? ? C BA  .  BA ? ? ? 1_555 G HOH .  O  ? ? A BA  101 A HOH 207 1_555 ? ? ? ? ? ? ?            2.574 ? ? 
metalc6  metalc ? ? C BA  .  BA ? ? ? 1_555 G HOH .  O  ? ? A BA  101 A HOH 212 1_555 ? ? ? ? ? ? ?            2.953 ? ? 
metalc7  metalc ? ? C BA  .  BA ? ? ? 1_555 H HOH .  O  ? ? A BA  101 B HOH 205 1_555 ? ? ? ? ? ? ?            2.928 ? ? 
metalc8  metalc ? ? G HOH .  O  ? ? ? 1_555 E BA  .  BA ? ? A HOH 205 B BA  101 1_555 ? ? ? ? ? ? ?            2.837 ? ? 
metalc9  metalc ? ? B DG  4  O6 ? ? ? 1_555 E BA  .  BA ? ? B DG  4   B BA  101 1_555 ? ? ? ? ? ? ?            2.892 ? ? 
metalc10 metalc ? ? E BA  .  BA ? ? ? 1_555 H HOH .  O  ? ? B BA  101 B HOH 201 1_555 ? ? ? ? ? ? ?            2.576 ? ? 
metalc11 metalc ? ? E BA  .  BA ? ? ? 1_555 H HOH .  O  ? ? B BA  101 B HOH 203 1_555 ? ? ? ? ? ? ?            2.825 ? ? 
metalc12 metalc ? ? E BA  .  BA ? ? ? 1_555 H HOH .  O  ? ? B BA  101 B HOH 204 1_555 ? ? ? ? ? ? ?            2.725 ? ? 
metalc13 metalc ? ? E BA  .  BA ? ? ? 1_555 H HOH .  O  ? ? B BA  101 B HOH 208 1_555 ? ? ? ? ? ? ?            2.570 ? ? 
metalc14 metalc ? ? E BA  .  BA ? ? ? 1_555 H HOH .  O  ? ? B BA  101 B HOH 218 1_555 ? ? ? ? ? ? ?            2.746 ? ? 
hydrog1  hydrog ? ? A DT  1  N3 ? ? ? 1_555 B DA  10 N1 ? ? A DT  1   B DA  10  1_555 ? ? ? ? ? ? WATSON-CRICK ?     ? ? 
hydrog2  hydrog ? ? A DT  1  O4 ? ? ? 1_555 B DA  10 N6 ? ? A DT  1   B DA  10  1_555 ? ? ? ? ? ? WATSON-CRICK ?     ? ? 
hydrog3  hydrog ? ? A DC  2  N3 ? ? ? 1_555 B DG  9  N1 ? ? A DC  2   B DG  9   1_555 ? ? ? ? ? ? WATSON-CRICK ?     ? ? 
hydrog4  hydrog ? ? A DC  2  N4 ? ? ? 1_555 B DG  9  O6 ? ? A DC  2   B DG  9   1_555 ? ? ? ? ? ? WATSON-CRICK ?     ? ? 
hydrog5  hydrog ? ? A DC  2  O2 ? ? ? 1_555 B DG  9  N2 ? ? A DC  2   B DG  9   1_555 ? ? ? ? ? ? WATSON-CRICK ?     ? ? 
hydrog6  hydrog ? ? A DG  3  N1 ? ? ? 1_555 B DC  8  N3 ? ? A DG  3   B DC  8   1_555 ? ? ? ? ? ? WATSON-CRICK ?     ? ? 
hydrog7  hydrog ? ? A DG  3  N2 ? ? ? 1_555 B DC  8  O2 ? ? A DG  3   B DC  8   1_555 ? ? ? ? ? ? WATSON-CRICK ?     ? ? 
hydrog8  hydrog ? ? A DG  3  O6 ? ? ? 1_555 B DC  8  N4 ? ? A DG  3   B DC  8   1_555 ? ? ? ? ? ? WATSON-CRICK ?     ? ? 
hydrog9  hydrog ? ? A DG  4  N1 ? ? ? 1_555 B DC  7  N3 ? ? A DG  4   B DC  7   1_555 ? ? ? ? ? ? WATSON-CRICK ?     ? ? 
hydrog10 hydrog ? ? A DG  4  N2 ? ? ? 1_555 B DC  7  O2 ? ? A DG  4   B DC  7   1_555 ? ? ? ? ? ? WATSON-CRICK ?     ? ? 
hydrog11 hydrog ? ? A DG  4  O6 ? ? ? 1_555 B DC  7  N4 ? ? A DG  4   B DC  7   1_555 ? ? ? ? ? ? WATSON-CRICK ?     ? ? 
hydrog12 hydrog ? ? A DC  5  N3 ? ? ? 1_555 B DG  6  N1 ? ? A DC  5   B DG  6   1_555 ? ? ? ? ? ? WATSON-CRICK ?     ? ? 
hydrog13 hydrog ? ? A DC  5  N4 ? ? ? 1_555 B DG  6  O6 ? ? A DC  5   B DG  6   1_555 ? ? ? ? ? ? WATSON-CRICK ?     ? ? 
hydrog14 hydrog ? ? A DC  5  O2 ? ? ? 1_555 B DG  6  N2 ? ? A DC  5   B DG  6   1_555 ? ? ? ? ? ? WATSON-CRICK ?     ? ? 
hydrog15 hydrog ? ? A DG  6  N1 ? ? ? 1_555 B DC  5  N3 ? ? A DG  6   B DC  5   1_555 ? ? ? ? ? ? WATSON-CRICK ?     ? ? 
hydrog16 hydrog ? ? A DG  6  N2 ? ? ? 1_555 B DC  5  O2 ? ? A DG  6   B DC  5   1_555 ? ? ? ? ? ? WATSON-CRICK ?     ? ? 
hydrog17 hydrog ? ? A DG  6  O6 ? ? ? 1_555 B DC  5  N4 ? ? A DG  6   B DC  5   1_555 ? ? ? ? ? ? WATSON-CRICK ?     ? ? 
hydrog18 hydrog ? ? A DC  7  N3 ? ? ? 1_555 B DG  4  N1 ? ? A DC  7   B DG  4   1_555 ? ? ? ? ? ? WATSON-CRICK ?     ? ? 
hydrog19 hydrog ? ? A DC  7  N4 ? ? ? 1_555 B DG  4  O6 ? ? A DC  7   B DG  4   1_555 ? ? ? ? ? ? WATSON-CRICK ?     ? ? 
hydrog20 hydrog ? ? A DC  7  O2 ? ? ? 1_555 B DG  4  N2 ? ? A DC  7   B DG  4   1_555 ? ? ? ? ? ? WATSON-CRICK ?     ? ? 
hydrog21 hydrog ? ? A DC  8  N3 ? ? ? 1_555 B DG  3  N1 ? ? A DC  8   B DG  3   1_555 ? ? ? ? ? ? WATSON-CRICK ?     ? ? 
hydrog22 hydrog ? ? A DC  8  N4 ? ? ? 1_555 B DG  3  O6 ? ? A DC  8   B DG  3   1_555 ? ? ? ? ? ? WATSON-CRICK ?     ? ? 
hydrog23 hydrog ? ? A DC  8  O2 ? ? ? 1_555 B DG  3  N2 ? ? A DC  8   B DG  3   1_555 ? ? ? ? ? ? WATSON-CRICK ?     ? ? 
hydrog24 hydrog ? ? A DG  9  N1 ? ? ? 1_555 B DC  2  N3 ? ? A DG  9   B DC  2   1_555 ? ? ? ? ? ? WATSON-CRICK ?     ? ? 
hydrog25 hydrog ? ? A DG  9  N2 ? ? ? 1_555 B DC  2  O2 ? ? A DG  9   B DC  2   1_555 ? ? ? ? ? ? WATSON-CRICK ?     ? ? 
hydrog26 hydrog ? ? A DG  9  O6 ? ? ? 1_555 B DC  2  N4 ? ? A DG  9   B DC  2   1_555 ? ? ? ? ? ? WATSON-CRICK ?     ? ? 
hydrog27 hydrog ? ? A DA  10 N1 ? ? ? 1_555 B DT  1  N3 ? ? A DA  10  B DT  1   1_555 ? ? ? ? ? ? WATSON-CRICK ?     ? ? 
hydrog28 hydrog ? ? A DA  10 N6 ? ? ? 1_555 B DT  1  O4 ? ? A DA  10  B DT  1   1_555 ? ? ? ? ? ? WATSON-CRICK ?     ? ? 
# 
loop_
_struct_conn_type.id 
_struct_conn_type.criteria 
_struct_conn_type.reference 
metalc ? ? 
hydrog ? ? 
# 
loop_
_pdbx_struct_conn_angle.id 
_pdbx_struct_conn_angle.ptnr1_label_atom_id 
_pdbx_struct_conn_angle.ptnr1_label_alt_id 
_pdbx_struct_conn_angle.ptnr1_label_asym_id 
_pdbx_struct_conn_angle.ptnr1_label_comp_id 
_pdbx_struct_conn_angle.ptnr1_label_seq_id 
_pdbx_struct_conn_angle.ptnr1_auth_atom_id 
_pdbx_struct_conn_angle.ptnr1_auth_asym_id 
_pdbx_struct_conn_angle.ptnr1_auth_comp_id 
_pdbx_struct_conn_angle.ptnr1_auth_seq_id 
_pdbx_struct_conn_angle.ptnr1_PDB_ins_code 
_pdbx_struct_conn_angle.ptnr1_symmetry 
_pdbx_struct_conn_angle.ptnr2_label_atom_id 
_pdbx_struct_conn_angle.ptnr2_label_alt_id 
_pdbx_struct_conn_angle.ptnr2_label_asym_id 
_pdbx_struct_conn_angle.ptnr2_label_comp_id 
_pdbx_struct_conn_angle.ptnr2_label_seq_id 
_pdbx_struct_conn_angle.ptnr2_auth_atom_id 
_pdbx_struct_conn_angle.ptnr2_auth_asym_id 
_pdbx_struct_conn_angle.ptnr2_auth_comp_id 
_pdbx_struct_conn_angle.ptnr2_auth_seq_id 
_pdbx_struct_conn_angle.ptnr2_PDB_ins_code 
_pdbx_struct_conn_angle.ptnr2_symmetry 
_pdbx_struct_conn_angle.ptnr3_label_atom_id 
_pdbx_struct_conn_angle.ptnr3_label_alt_id 
_pdbx_struct_conn_angle.ptnr3_label_asym_id 
_pdbx_struct_conn_angle.ptnr3_label_comp_id 
_pdbx_struct_conn_angle.ptnr3_label_seq_id 
_pdbx_struct_conn_angle.ptnr3_auth_atom_id 
_pdbx_struct_conn_angle.ptnr3_auth_asym_id 
_pdbx_struct_conn_angle.ptnr3_auth_comp_id 
_pdbx_struct_conn_angle.ptnr3_auth_seq_id 
_pdbx_struct_conn_angle.ptnr3_PDB_ins_code 
_pdbx_struct_conn_angle.ptnr3_symmetry 
_pdbx_struct_conn_angle.value 
_pdbx_struct_conn_angle.value_esd 
1  O6 ? A DG  4 ? A DG  4   ? 1_555 BA ? C BA . ? A BA 101 ? 1_555 O  ? G HOH . ? A HOH 201 ? 1_555 147.8 ? 
2  O6 ? A DG  4 ? A DG  4   ? 1_555 BA ? C BA . ? A BA 101 ? 1_555 O  ? G HOH . ? A HOH 202 ? 1_555 91.7  ? 
3  O  ? G HOH . ? A HOH 201 ? 1_555 BA ? C BA . ? A BA 101 ? 1_555 O  ? G HOH . ? A HOH 202 ? 1_555 116.5 ? 
4  O6 ? A DG  4 ? A DG  4   ? 1_555 BA ? C BA . ? A BA 101 ? 1_555 O  ? G HOH . ? A HOH 204 ? 1_555 132.8 ? 
5  O  ? G HOH . ? A HOH 201 ? 1_555 BA ? C BA . ? A BA 101 ? 1_555 O  ? G HOH . ? A HOH 204 ? 1_555 61.0  ? 
6  O  ? G HOH . ? A HOH 202 ? 1_555 BA ? C BA . ? A BA 101 ? 1_555 O  ? G HOH . ? A HOH 204 ? 1_555 60.0  ? 
7  O6 ? A DG  4 ? A DG  4   ? 1_555 BA ? C BA . ? A BA 101 ? 1_555 O  ? G HOH . ? A HOH 207 ? 1_555 71.1  ? 
8  O  ? G HOH . ? A HOH 201 ? 1_555 BA ? C BA . ? A BA 101 ? 1_555 O  ? G HOH . ? A HOH 207 ? 1_555 88.1  ? 
9  O  ? G HOH . ? A HOH 202 ? 1_555 BA ? C BA . ? A BA 101 ? 1_555 O  ? G HOH . ? A HOH 207 ? 1_555 150.1 ? 
10 O  ? G HOH . ? A HOH 204 ? 1_555 BA ? C BA . ? A BA 101 ? 1_555 O  ? G HOH . ? A HOH 207 ? 1_555 148.6 ? 
11 O6 ? A DG  4 ? A DG  4   ? 1_555 BA ? C BA . ? A BA 101 ? 1_555 O  ? G HOH . ? A HOH 212 ? 1_555 130.7 ? 
12 O  ? G HOH . ? A HOH 201 ? 1_555 BA ? C BA . ? A BA 101 ? 1_555 O  ? G HOH . ? A HOH 212 ? 1_555 70.3  ? 
13 O  ? G HOH . ? A HOH 202 ? 1_555 BA ? C BA . ? A BA 101 ? 1_555 O  ? G HOH . ? A HOH 212 ? 1_555 85.3  ? 
14 O  ? G HOH . ? A HOH 204 ? 1_555 BA ? C BA . ? A BA 101 ? 1_555 O  ? G HOH . ? A HOH 212 ? 1_555 86.9  ? 
15 O  ? G HOH . ? A HOH 207 ? 1_555 BA ? C BA . ? A BA 101 ? 1_555 O  ? G HOH . ? A HOH 212 ? 1_555 87.8  ? 
16 O6 ? A DG  4 ? A DG  4   ? 1_555 BA ? C BA . ? A BA 101 ? 1_555 O  ? H HOH . ? B HOH 205 ? 1_555 62.8  ? 
17 O  ? G HOH . ? A HOH 201 ? 1_555 BA ? C BA . ? A BA 101 ? 1_555 O  ? H HOH . ? B HOH 205 ? 1_555 132.9 ? 
18 O  ? G HOH . ? A HOH 202 ? 1_555 BA ? C BA . ? A BA 101 ? 1_555 O  ? H HOH . ? B HOH 205 ? 1_555 81.2  ? 
19 O  ? G HOH . ? A HOH 204 ? 1_555 BA ? C BA . ? A BA 101 ? 1_555 O  ? H HOH . ? B HOH 205 ? 1_555 135.7 ? 
20 O  ? G HOH . ? A HOH 207 ? 1_555 BA ? C BA . ? A BA 101 ? 1_555 O  ? H HOH . ? B HOH 205 ? 1_555 69.2  ? 
21 O  ? G HOH . ? A HOH 212 ? 1_555 BA ? C BA . ? A BA 101 ? 1_555 O  ? H HOH . ? B HOH 205 ? 1_555 68.1  ? 
22 O  ? G HOH . ? A HOH 205 ? 1_555 BA ? E BA . ? B BA 101 ? 1_555 O6 ? B DG  4 ? B DG  4   ? 1_555 60.8  ? 
23 O  ? G HOH . ? A HOH 205 ? 1_555 BA ? E BA . ? B BA 101 ? 1_555 O  ? H HOH . ? B HOH 201 ? 1_555 132.5 ? 
24 O6 ? B DG  4 ? B DG  4   ? 1_555 BA ? E BA . ? B BA 101 ? 1_555 O  ? H HOH . ? B HOH 201 ? 1_555 145.9 ? 
25 O  ? G HOH . ? A HOH 205 ? 1_555 BA ? E BA . ? B BA 101 ? 1_555 O  ? H HOH . ? B HOH 203 ? 1_555 82.1  ? 
26 O6 ? B DG  4 ? B DG  4   ? 1_555 BA ? E BA . ? B BA 101 ? 1_555 O  ? H HOH . ? B HOH 203 ? 1_555 96.9  ? 
27 O  ? H HOH . ? B HOH 201 ? 1_555 BA ? E BA . ? B BA 101 ? 1_555 O  ? H HOH . ? B HOH 203 ? 1_555 114.9 ? 
28 O  ? G HOH . ? A HOH 205 ? 1_555 BA ? E BA . ? B BA 101 ? 1_555 O  ? H HOH . ? B HOH 204 ? 1_555 139.0 ? 
29 O6 ? B DG  4 ? B DG  4   ? 1_555 BA ? E BA . ? B BA 101 ? 1_555 O  ? H HOH . ? B HOH 204 ? 1_555 129.1 ? 
30 O  ? H HOH . ? B HOH 201 ? 1_555 BA ? E BA . ? B BA 101 ? 1_555 O  ? H HOH . ? B HOH 204 ? 1_555 65.9  ? 
31 O  ? H HOH . ? B HOH 203 ? 1_555 BA ? E BA . ? B BA 101 ? 1_555 O  ? H HOH . ? B HOH 204 ? 1_555 58.3  ? 
32 O  ? G HOH . ? A HOH 205 ? 1_555 BA ? E BA . ? B BA 101 ? 1_555 O  ? H HOH . ? B HOH 208 ? 1_555 68.4  ? 
33 O6 ? B DG  4 ? B DG  4   ? 1_555 BA ? E BA . ? B BA 101 ? 1_555 O  ? H HOH . ? B HOH 208 ? 1_555 69.5  ? 
34 O  ? H HOH . ? B HOH 201 ? 1_555 BA ? E BA . ? B BA 101 ? 1_555 O  ? H HOH . ? B HOH 208 ? 1_555 86.3  ? 
35 O  ? H HOH . ? B HOH 203 ? 1_555 BA ? E BA . ? B BA 101 ? 1_555 O  ? H HOH . ? B HOH 208 ? 1_555 150.5 ? 
36 O  ? H HOH . ? B HOH 204 ? 1_555 BA ? E BA . ? B BA 101 ? 1_555 O  ? H HOH . ? B HOH 208 ? 1_555 150.1 ? 
37 O  ? G HOH . ? A HOH 205 ? 1_555 BA ? E BA . ? B BA 101 ? 1_555 O  ? H HOH . ? B HOH 218 ? 1_555 71.0  ? 
38 O6 ? B DG  4 ? B DG  4   ? 1_555 BA ? E BA . ? B BA 101 ? 1_555 O  ? H HOH . ? B HOH 218 ? 1_555 131.4 ? 
39 O  ? H HOH . ? B HOH 201 ? 1_555 BA ? E BA . ? B BA 101 ? 1_555 O  ? H HOH . ? B HOH 218 ? 1_555 68.8  ? 
40 O  ? H HOH . ? B HOH 203 ? 1_555 BA ? E BA . ? B BA 101 ? 1_555 O  ? H HOH . ? B HOH 218 ? 1_555 81.1  ? 
41 O  ? H HOH . ? B HOH 204 ? 1_555 BA ? E BA . ? B BA 101 ? 1_555 O  ? H HOH . ? B HOH 218 ? 1_555 91.1  ? 
42 O  ? H HOH . ? B HOH 208 ? 1_555 BA ? E BA . ? B BA 101 ? 1_555 O  ? H HOH . ? B HOH 218 ? 1_555 88.8  ? 
# 
loop_
_struct_site.id 
_struct_site.pdbx_evidence_code 
_struct_site.pdbx_auth_asym_id 
_struct_site.pdbx_auth_comp_id 
_struct_site.pdbx_auth_seq_id 
_struct_site.pdbx_auth_ins_code 
_struct_site.pdbx_num_residues 
_struct_site.details 
AC1 Software A BA  101 ? 8  'binding site for residue BA A 101'  
AC2 Software A KHN 102 ? 9  'binding site for residue KHN A 102' 
AC3 Software B BA  101 ? 8  'binding site for residue BA B 101'  
AC4 Software B KHN 102 ? 10 'binding site for residue KHN B 102' 
# 
loop_
_struct_site_gen.id 
_struct_site_gen.site_id 
_struct_site_gen.pdbx_num_res 
_struct_site_gen.label_comp_id 
_struct_site_gen.label_asym_id 
_struct_site_gen.label_seq_id 
_struct_site_gen.pdbx_auth_ins_code 
_struct_site_gen.auth_comp_id 
_struct_site_gen.auth_asym_id 
_struct_site_gen.auth_seq_id 
_struct_site_gen.label_atom_id 
_struct_site_gen.label_alt_id 
_struct_site_gen.symmetry 
_struct_site_gen.details 
1  AC1 8  DG  A 3  ? DG  A 3   . ? 1_555 ? 
2  AC1 8  DG  A 4  ? DG  A 4   . ? 1_555 ? 
3  AC1 8  HOH G .  ? HOH A 201 . ? 1_555 ? 
4  AC1 8  HOH G .  ? HOH A 202 . ? 1_555 ? 
5  AC1 8  HOH G .  ? HOH A 204 . ? 1_555 ? 
6  AC1 8  HOH G .  ? HOH A 207 . ? 1_555 ? 
7  AC1 8  HOH G .  ? HOH A 212 . ? 1_555 ? 
8  AC1 8  HOH H .  ? HOH B 205 . ? 1_555 ? 
9  AC2 9  DC  A 7  ? DC  A 7   . ? 4_555 ? 
10 AC2 9  DC  A 8  ? DC  A 8   . ? 4_555 ? 
11 AC2 9  DG  A 9  ? DG  A 9   . ? 1_555 ? 
12 AC2 9  DA  A 10 ? DA  A 10  . ? 1_555 ? 
13 AC2 9  DT  B 1  ? DT  B 1   . ? 1_555 ? 
14 AC2 9  DC  B 2  ? DC  B 2   . ? 1_555 ? 
15 AC2 9  DG  B 3  ? DG  B 3   . ? 4_555 ? 
16 AC2 9  DG  B 3  ? DG  B 3   . ? 1_555 ? 
17 AC2 9  DG  B 4  ? DG  B 4   . ? 4_555 ? 
18 AC3 8  HOH G .  ? HOH A 205 . ? 1_555 ? 
19 AC3 8  DG  B 3  ? DG  B 3   . ? 1_555 ? 
20 AC3 8  DG  B 4  ? DG  B 4   . ? 1_555 ? 
21 AC3 8  HOH H .  ? HOH B 201 . ? 1_555 ? 
22 AC3 8  HOH H .  ? HOH B 203 . ? 1_555 ? 
23 AC3 8  HOH H .  ? HOH B 204 . ? 1_555 ? 
24 AC3 8  HOH H .  ? HOH B 208 . ? 1_555 ? 
25 AC3 8  HOH H .  ? HOH B 218 . ? 1_555 ? 
26 AC4 10 DT  A 1  ? DT  A 1   . ? 1_555 ? 
27 AC4 10 DC  A 2  ? DC  A 2   . ? 1_555 ? 
28 AC4 10 DG  A 3  ? DG  A 3   . ? 1_555 ? 
29 AC4 10 DG  A 3  ? DG  A 3   . ? 3_544 ? 
30 AC4 10 DG  A 4  ? DG  A 4   . ? 3_544 ? 
31 AC4 10 DC  A 5  ? DC  A 5   . ? 3_544 ? 
32 AC4 10 DC  B 7  ? DC  B 7   . ? 3_544 ? 
33 AC4 10 DC  B 8  ? DC  B 8   . ? 3_544 ? 
34 AC4 10 DG  B 9  ? DG  B 9   . ? 1_555 ? 
35 AC4 10 DA  B 10 ? DA  B 10  . ? 1_555 ? 
# 
loop_
_pdbx_refine_tls.id 
_pdbx_refine_tls.pdbx_refine_id 
_pdbx_refine_tls.details 
_pdbx_refine_tls.method 
_pdbx_refine_tls.origin_x 
_pdbx_refine_tls.origin_y 
_pdbx_refine_tls.origin_z 
_pdbx_refine_tls.T[1][1] 
_pdbx_refine_tls.T[1][1]_esd 
_pdbx_refine_tls.T[1][2] 
_pdbx_refine_tls.T[1][2]_esd 
_pdbx_refine_tls.T[1][3] 
_pdbx_refine_tls.T[1][3]_esd 
_pdbx_refine_tls.T[2][2] 
_pdbx_refine_tls.T[2][2]_esd 
_pdbx_refine_tls.T[2][3] 
_pdbx_refine_tls.T[2][3]_esd 
_pdbx_refine_tls.T[3][3] 
_pdbx_refine_tls.T[3][3]_esd 
_pdbx_refine_tls.L[1][1] 
_pdbx_refine_tls.L[1][1]_esd 
_pdbx_refine_tls.L[1][2] 
_pdbx_refine_tls.L[1][2]_esd 
_pdbx_refine_tls.L[1][3] 
_pdbx_refine_tls.L[1][3]_esd 
_pdbx_refine_tls.L[2][2] 
_pdbx_refine_tls.L[2][2]_esd 
_pdbx_refine_tls.L[2][3] 
_pdbx_refine_tls.L[2][3]_esd 
_pdbx_refine_tls.L[3][3] 
_pdbx_refine_tls.L[3][3]_esd 
_pdbx_refine_tls.S[1][1] 
_pdbx_refine_tls.S[1][1]_esd 
_pdbx_refine_tls.S[1][2] 
_pdbx_refine_tls.S[1][2]_esd 
_pdbx_refine_tls.S[1][3] 
_pdbx_refine_tls.S[1][3]_esd 
_pdbx_refine_tls.S[2][1] 
_pdbx_refine_tls.S[2][1]_esd 
_pdbx_refine_tls.S[2][2] 
_pdbx_refine_tls.S[2][2]_esd 
_pdbx_refine_tls.S[2][3] 
_pdbx_refine_tls.S[2][3]_esd 
_pdbx_refine_tls.S[3][1] 
_pdbx_refine_tls.S[3][1]_esd 
_pdbx_refine_tls.S[3][2] 
_pdbx_refine_tls.S[3][2]_esd 
_pdbx_refine_tls.S[3][3] 
_pdbx_refine_tls.S[3][3]_esd 
1 'X-RAY DIFFRACTION' ? refined -2.2687 1.7334 -2.9311 0.5770 ? 0.0086  ? 0.0469  ? 0.7163 ? -0.1082 ? 0.5896 ? -0.9209 ? 1.8827  ? -2.9402 ? 1.5875  ? -1.2654 ? 17.8779 ? 0.2106 ? 0.4915  ? -0.1534 ? -0.3507 ? -0.3149 ? 0.0361  ? 0.3680 ? 0.1510 ? 0.1583  ? 
2 'X-RAY DIFFRACTION' ? refined 1.7490  1.6639 3.2529  0.6628 ? -0.0114 ? -0.0203 ? 0.7027 ? 0.1283  ? 0.6812 ? 0.4329  ? -0.6890 ? -2.7234 ? -0.5486 ? -3.8077 ? 16.2376 ? 0.1485 ? -0.2596 ? -0.2703 ? 0.4702  ? -0.1827 ? -0.2188 ? 0.3083 ? 0.0371 ? -0.0814 ? 
# 
loop_
_pdbx_refine_tls_group.id 
_pdbx_refine_tls_group.pdbx_refine_id 
_pdbx_refine_tls_group.refine_tls_id 
_pdbx_refine_tls_group.beg_label_asym_id 
_pdbx_refine_tls_group.beg_label_seq_id 
_pdbx_refine_tls_group.beg_auth_asym_id 
_pdbx_refine_tls_group.beg_auth_seq_id 
_pdbx_refine_tls_group.end_label_asym_id 
_pdbx_refine_tls_group.end_label_seq_id 
_pdbx_refine_tls_group.end_auth_asym_id 
_pdbx_refine_tls_group.end_auth_seq_id 
_pdbx_refine_tls_group.selection 
_pdbx_refine_tls_group.selection_details 
1 'X-RAY DIFFRACTION' 1 ? ? ? ? ? ? ? ? ? 
;chain 'A' and (resid 1 through 10 )
;
2 'X-RAY DIFFRACTION' 2 ? ? ? ? ? ? ? ? ? 
;chain 'B' and (resid 1 through 10 )
;
# 
loop_
_chem_comp_atom.comp_id 
_chem_comp_atom.atom_id 
_chem_comp_atom.type_symbol 
_chem_comp_atom.pdbx_aromatic_flag 
_chem_comp_atom.pdbx_stereo_config 
_chem_comp_atom.pdbx_ordinal 
BA  BA     BA N N 1   
DA  OP3    O  N N 2   
DA  P      P  N N 3   
DA  OP1    O  N N 4   
DA  OP2    O  N N 5   
DA  "O5'"  O  N N 6   
DA  "C5'"  C  N N 7   
DA  "C4'"  C  N R 8   
DA  "O4'"  O  N N 9   
DA  "C3'"  C  N S 10  
DA  "O3'"  O  N N 11  
DA  "C2'"  C  N N 12  
DA  "C1'"  C  N R 13  
DA  N9     N  Y N 14  
DA  C8     C  Y N 15  
DA  N7     N  Y N 16  
DA  C5     C  Y N 17  
DA  C6     C  Y N 18  
DA  N6     N  N N 19  
DA  N1     N  Y N 20  
DA  C2     C  Y N 21  
DA  N3     N  Y N 22  
DA  C4     C  Y N 23  
DA  HOP3   H  N N 24  
DA  HOP2   H  N N 25  
DA  "H5'"  H  N N 26  
DA  "H5''" H  N N 27  
DA  "H4'"  H  N N 28  
DA  "H3'"  H  N N 29  
DA  "HO3'" H  N N 30  
DA  "H2'"  H  N N 31  
DA  "H2''" H  N N 32  
DA  "H1'"  H  N N 33  
DA  H8     H  N N 34  
DA  H61    H  N N 35  
DA  H62    H  N N 36  
DA  H2     H  N N 37  
DC  OP3    O  N N 38  
DC  P      P  N N 39  
DC  OP1    O  N N 40  
DC  OP2    O  N N 41  
DC  "O5'"  O  N N 42  
DC  "C5'"  C  N N 43  
DC  "C4'"  C  N R 44  
DC  "O4'"  O  N N 45  
DC  "C3'"  C  N S 46  
DC  "O3'"  O  N N 47  
DC  "C2'"  C  N N 48  
DC  "C1'"  C  N R 49  
DC  N1     N  N N 50  
DC  C2     C  N N 51  
DC  O2     O  N N 52  
DC  N3     N  N N 53  
DC  C4     C  N N 54  
DC  N4     N  N N 55  
DC  C5     C  N N 56  
DC  C6     C  N N 57  
DC  HOP3   H  N N 58  
DC  HOP2   H  N N 59  
DC  "H5'"  H  N N 60  
DC  "H5''" H  N N 61  
DC  "H4'"  H  N N 62  
DC  "H3'"  H  N N 63  
DC  "HO3'" H  N N 64  
DC  "H2'"  H  N N 65  
DC  "H2''" H  N N 66  
DC  "H1'"  H  N N 67  
DC  H41    H  N N 68  
DC  H42    H  N N 69  
DC  H5     H  N N 70  
DC  H6     H  N N 71  
DG  OP3    O  N N 72  
DG  P      P  N N 73  
DG  OP1    O  N N 74  
DG  OP2    O  N N 75  
DG  "O5'"  O  N N 76  
DG  "C5'"  C  N N 77  
DG  "C4'"  C  N R 78  
DG  "O4'"  O  N N 79  
DG  "C3'"  C  N S 80  
DG  "O3'"  O  N N 81  
DG  "C2'"  C  N N 82  
DG  "C1'"  C  N R 83  
DG  N9     N  Y N 84  
DG  C8     C  Y N 85  
DG  N7     N  Y N 86  
DG  C5     C  Y N 87  
DG  C6     C  N N 88  
DG  O6     O  N N 89  
DG  N1     N  N N 90  
DG  C2     C  N N 91  
DG  N2     N  N N 92  
DG  N3     N  N N 93  
DG  C4     C  Y N 94  
DG  HOP3   H  N N 95  
DG  HOP2   H  N N 96  
DG  "H5'"  H  N N 97  
DG  "H5''" H  N N 98  
DG  "H4'"  H  N N 99  
DG  "H3'"  H  N N 100 
DG  "HO3'" H  N N 101 
DG  "H2'"  H  N N 102 
DG  "H2''" H  N N 103 
DG  "H1'"  H  N N 104 
DG  H8     H  N N 105 
DG  H1     H  N N 106 
DG  H21    H  N N 107 
DG  H22    H  N N 108 
DT  OP3    O  N N 109 
DT  P      P  N N 110 
DT  OP1    O  N N 111 
DT  OP2    O  N N 112 
DT  "O5'"  O  N N 113 
DT  "C5'"  C  N N 114 
DT  "C4'"  C  N R 115 
DT  "O4'"  O  N N 116 
DT  "C3'"  C  N S 117 
DT  "O3'"  O  N N 118 
DT  "C2'"  C  N N 119 
DT  "C1'"  C  N R 120 
DT  N1     N  N N 121 
DT  C2     C  N N 122 
DT  O2     O  N N 123 
DT  N3     N  N N 124 
DT  C4     C  N N 125 
DT  O4     O  N N 126 
DT  C5     C  N N 127 
DT  C7     C  N N 128 
DT  C6     C  N N 129 
DT  HOP3   H  N N 130 
DT  HOP2   H  N N 131 
DT  "H5'"  H  N N 132 
DT  "H5''" H  N N 133 
DT  "H4'"  H  N N 134 
DT  "H3'"  H  N N 135 
DT  "HO3'" H  N N 136 
DT  "H2'"  H  N N 137 
DT  "H2''" H  N N 138 
DT  "H1'"  H  N N 139 
DT  H3     H  N N 140 
DT  H71    H  N N 141 
DT  H72    H  N N 142 
DT  H73    H  N N 143 
DT  H6     H  N N 144 
HOH O      O  N N 145 
HOH H1     H  N N 146 
HOH H2     H  N N 147 
KHN C12    C  Y N 148 
KHN C17    C  Y N 149 
KHN C18    C  Y N 150 
KHN C22    C  Y N 151 
KHN C23    C  Y N 152 
KHN C25    C  Y N 153 
KHN C26    C  Y N 154 
KHN C27    C  Y N 155 
KHN C28    C  Y N 156 
KHN C29    C  Y N 157 
KHN C30    C  Y N 158 
KHN C01    C  Y N 159 
KHN C02    C  Y N 160 
KHN C03    C  Y N 161 
KHN C04    C  Y N 162 
KHN C05    C  Y N 163 
KHN C06    C  Y N 164 
KHN C08    C  Y N 165 
KHN C09    C  Y N 166 
KHN C11    C  Y N 167 
KHN C13    C  Y N 168 
KHN C14    C  Y N 169 
KHN C16    C  Y N 170 
KHN C21    C  Y N 171 
KHN C31    C  Y N 172 
KHN C32    C  Y N 173 
KHN C33    C  Y N 174 
KHN C34    C  Y N 175 
KHN C35    C  Y N 176 
KHN C36    C  Y N 177 
KHN C39    C  Y N 178 
KHN C40    C  Y N 179 
KHN C41    C  Y N 180 
KHN C42    C  Y N 181 
KHN C43    C  Y N 182 
KHN C44    C  Y N 183 
KHN C45    C  Y N 184 
KHN C46    C  Y N 185 
KHN C47    C  Y N 186 
KHN C49    C  Y N 187 
KHN C50    C  Y N 188 
KHN C51    C  Y N 189 
KHN N07    N  Y N 190 
KHN N10    N  Y N 191 
KHN N15    N  Y N 192 
KHN N20    N  Y N 193 
KHN N24    N  Y N 194 
KHN N37    N  Y N 195 
KHN N38    N  Y N 196 
KHN N48    N  Y N 197 
KHN N66    N  N N 198 
KHN O67    O  N N 199 
KHN O68    O  N N 200 
KHN RU     RU N N 201 
KHN H54    H  N N 202 
KHN H79    H  N N 203 
KHN H57    H  N N 204 
KHN H58    H  N N 205 
KHN H59    H  N N 206 
KHN H60    H  N N 207 
KHN H61    H  N N 208 
KHN H69    H  N N 209 
KHN H52    H  N N 210 
KHN H53    H  N N 211 
KHN H55    H  N N 212 
KHN H56    H  N N 213 
KHN H78    H  N N 214 
KHN H62    H  N N 215 
KHN H63    H  N N 216 
KHN H64    H  N N 217 
KHN H65    H  N N 218 
KHN H70    H  N N 219 
KHN H71    H  N N 220 
KHN H72    H  N N 221 
KHN H73    H  N N 222 
KHN H74    H  N N 223 
KHN H75    H  N N 224 
KHN H76    H  N N 225 
KHN H77    H  N N 226 
KHN H1     H  N N 227 
# 
loop_
_chem_comp_bond.comp_id 
_chem_comp_bond.atom_id_1 
_chem_comp_bond.atom_id_2 
_chem_comp_bond.value_order 
_chem_comp_bond.pdbx_aromatic_flag 
_chem_comp_bond.pdbx_stereo_config 
_chem_comp_bond.pdbx_ordinal 
DA  OP3   P      sing N N 1   
DA  OP3   HOP3   sing N N 2   
DA  P     OP1    doub N N 3   
DA  P     OP2    sing N N 4   
DA  P     "O5'"  sing N N 5   
DA  OP2   HOP2   sing N N 6   
DA  "O5'" "C5'"  sing N N 7   
DA  "C5'" "C4'"  sing N N 8   
DA  "C5'" "H5'"  sing N N 9   
DA  "C5'" "H5''" sing N N 10  
DA  "C4'" "O4'"  sing N N 11  
DA  "C4'" "C3'"  sing N N 12  
DA  "C4'" "H4'"  sing N N 13  
DA  "O4'" "C1'"  sing N N 14  
DA  "C3'" "O3'"  sing N N 15  
DA  "C3'" "C2'"  sing N N 16  
DA  "C3'" "H3'"  sing N N 17  
DA  "O3'" "HO3'" sing N N 18  
DA  "C2'" "C1'"  sing N N 19  
DA  "C2'" "H2'"  sing N N 20  
DA  "C2'" "H2''" sing N N 21  
DA  "C1'" N9     sing N N 22  
DA  "C1'" "H1'"  sing N N 23  
DA  N9    C8     sing Y N 24  
DA  N9    C4     sing Y N 25  
DA  C8    N7     doub Y N 26  
DA  C8    H8     sing N N 27  
DA  N7    C5     sing Y N 28  
DA  C5    C6     sing Y N 29  
DA  C5    C4     doub Y N 30  
DA  C6    N6     sing N N 31  
DA  C6    N1     doub Y N 32  
DA  N6    H61    sing N N 33  
DA  N6    H62    sing N N 34  
DA  N1    C2     sing Y N 35  
DA  C2    N3     doub Y N 36  
DA  C2    H2     sing N N 37  
DA  N3    C4     sing Y N 38  
DC  OP3   P      sing N N 39  
DC  OP3   HOP3   sing N N 40  
DC  P     OP1    doub N N 41  
DC  P     OP2    sing N N 42  
DC  P     "O5'"  sing N N 43  
DC  OP2   HOP2   sing N N 44  
DC  "O5'" "C5'"  sing N N 45  
DC  "C5'" "C4'"  sing N N 46  
DC  "C5'" "H5'"  sing N N 47  
DC  "C5'" "H5''" sing N N 48  
DC  "C4'" "O4'"  sing N N 49  
DC  "C4'" "C3'"  sing N N 50  
DC  "C4'" "H4'"  sing N N 51  
DC  "O4'" "C1'"  sing N N 52  
DC  "C3'" "O3'"  sing N N 53  
DC  "C3'" "C2'"  sing N N 54  
DC  "C3'" "H3'"  sing N N 55  
DC  "O3'" "HO3'" sing N N 56  
DC  "C2'" "C1'"  sing N N 57  
DC  "C2'" "H2'"  sing N N 58  
DC  "C2'" "H2''" sing N N 59  
DC  "C1'" N1     sing N N 60  
DC  "C1'" "H1'"  sing N N 61  
DC  N1    C2     sing N N 62  
DC  N1    C6     sing N N 63  
DC  C2    O2     doub N N 64  
DC  C2    N3     sing N N 65  
DC  N3    C4     doub N N 66  
DC  C4    N4     sing N N 67  
DC  C4    C5     sing N N 68  
DC  N4    H41    sing N N 69  
DC  N4    H42    sing N N 70  
DC  C5    C6     doub N N 71  
DC  C5    H5     sing N N 72  
DC  C6    H6     sing N N 73  
DG  OP3   P      sing N N 74  
DG  OP3   HOP3   sing N N 75  
DG  P     OP1    doub N N 76  
DG  P     OP2    sing N N 77  
DG  P     "O5'"  sing N N 78  
DG  OP2   HOP2   sing N N 79  
DG  "O5'" "C5'"  sing N N 80  
DG  "C5'" "C4'"  sing N N 81  
DG  "C5'" "H5'"  sing N N 82  
DG  "C5'" "H5''" sing N N 83  
DG  "C4'" "O4'"  sing N N 84  
DG  "C4'" "C3'"  sing N N 85  
DG  "C4'" "H4'"  sing N N 86  
DG  "O4'" "C1'"  sing N N 87  
DG  "C3'" "O3'"  sing N N 88  
DG  "C3'" "C2'"  sing N N 89  
DG  "C3'" "H3'"  sing N N 90  
DG  "O3'" "HO3'" sing N N 91  
DG  "C2'" "C1'"  sing N N 92  
DG  "C2'" "H2'"  sing N N 93  
DG  "C2'" "H2''" sing N N 94  
DG  "C1'" N9     sing N N 95  
DG  "C1'" "H1'"  sing N N 96  
DG  N9    C8     sing Y N 97  
DG  N9    C4     sing Y N 98  
DG  C8    N7     doub Y N 99  
DG  C8    H8     sing N N 100 
DG  N7    C5     sing Y N 101 
DG  C5    C6     sing N N 102 
DG  C5    C4     doub Y N 103 
DG  C6    O6     doub N N 104 
DG  C6    N1     sing N N 105 
DG  N1    C2     sing N N 106 
DG  N1    H1     sing N N 107 
DG  C2    N2     sing N N 108 
DG  C2    N3     doub N N 109 
DG  N2    H21    sing N N 110 
DG  N2    H22    sing N N 111 
DG  N3    C4     sing N N 112 
DT  OP3   P      sing N N 113 
DT  OP3   HOP3   sing N N 114 
DT  P     OP1    doub N N 115 
DT  P     OP2    sing N N 116 
DT  P     "O5'"  sing N N 117 
DT  OP2   HOP2   sing N N 118 
DT  "O5'" "C5'"  sing N N 119 
DT  "C5'" "C4'"  sing N N 120 
DT  "C5'" "H5'"  sing N N 121 
DT  "C5'" "H5''" sing N N 122 
DT  "C4'" "O4'"  sing N N 123 
DT  "C4'" "C3'"  sing N N 124 
DT  "C4'" "H4'"  sing N N 125 
DT  "O4'" "C1'"  sing N N 126 
DT  "C3'" "O3'"  sing N N 127 
DT  "C3'" "C2'"  sing N N 128 
DT  "C3'" "H3'"  sing N N 129 
DT  "O3'" "HO3'" sing N N 130 
DT  "C2'" "C1'"  sing N N 131 
DT  "C2'" "H2'"  sing N N 132 
DT  "C2'" "H2''" sing N N 133 
DT  "C1'" N1     sing N N 134 
DT  "C1'" "H1'"  sing N N 135 
DT  N1    C2     sing N N 136 
DT  N1    C6     sing N N 137 
DT  C2    O2     doub N N 138 
DT  C2    N3     sing N N 139 
DT  N3    C4     sing N N 140 
DT  N3    H3     sing N N 141 
DT  C4    O4     doub N N 142 
DT  C4    C5     sing N N 143 
DT  C5    C7     sing N N 144 
DT  C5    C6     doub N N 145 
DT  C7    H71    sing N N 146 
DT  C7    H72    sing N N 147 
DT  C7    H73    sing N N 148 
DT  C6    H6     sing N N 149 
HOH O     H1     sing N N 150 
HOH O     H2     sing N N 151 
KHN C44   C45    doub Y N 152 
KHN C44   C42    sing Y N 153 
KHN C45   C46    sing Y N 154 
KHN C41   C42    doub Y N 155 
KHN C41   C40    sing Y N 156 
KHN C42   C43    sing Y N 157 
KHN C40   C39    doub Y N 158 
KHN C46   C49    doub Y N 159 
KHN C46   C47    sing Y N 160 
KHN C49   C50    sing Y N 161 
KHN C43   C47    sing Y N 162 
KHN C43   N38    doub Y N 163 
KHN C47   N48    doub Y N 164 
KHN C39   N38    sing Y N 165 
KHN N38   RU     sing N N 166 
KHN C26   C25    doub Y N 167 
KHN C26   C27    sing Y N 168 
KHN C25   N24    sing Y N 169 
KHN C50   C51    doub Y N 170 
KHN N48   C51    sing Y N 171 
KHN N48   RU     sing N N 172 
KHN C27   C29    doub Y N 173 
KHN N24   RU     sing N N 174 
KHN N24   C28    doub Y N 175 
KHN RU    N15    sing N N 176 
KHN RU    N20    sing N N 177 
KHN RU    N37    sing N N 178 
KHN C14   N15    doub Y N 179 
KHN C14   C13    sing Y N 180 
KHN C29   C28    sing Y N 181 
KHN C29   C30    sing Y N 182 
KHN N15   C16    sing Y N 183 
KHN C28   C36    sing Y N 184 
KHN C13   C12    doub Y N 185 
KHN N20   C21    doub Y N 186 
KHN N20   C17    sing Y N 187 
KHN C21   C22    sing Y N 188 
KHN C16   C17    doub Y N 189 
KHN C16   C11    sing Y N 190 
KHN C30   C31    doub Y N 191 
KHN C17   C18    sing Y N 192 
KHN C36   N37    doub Y N 193 
KHN C36   C32    sing Y N 194 
KHN N37   C35    sing Y N 195 
KHN C12   C11    sing Y N 196 
KHN C22   C23    doub Y N 197 
KHN C11   C08    doub Y N 198 
KHN C18   C23    sing Y N 199 
KHN C18   C09    doub Y N 200 
KHN C31   C32    sing Y N 201 
KHN C35   C34    doub Y N 202 
KHN C32   C33    doub Y N 203 
KHN C08   C09    sing Y N 204 
KHN C08   N07    sing Y N 205 
KHN C09   N10    sing Y N 206 
KHN N07   C05    doub Y N 207 
KHN O68   N66    sing N N 208 
KHN C33   C34    sing Y N 209 
KHN N10   C06    doub Y N 210 
KHN C05   C06    sing Y N 211 
KHN C05   C04    sing Y N 212 
KHN C06   C03    sing Y N 213 
KHN N66   C04    sing N N 214 
KHN N66   O67    doub N N 215 
KHN C04   C01    doub Y N 216 
KHN C03   C02    doub Y N 217 
KHN C01   C02    sing Y N 218 
KHN C12   H54    sing N N 219 
KHN C22   H79    sing N N 220 
KHN C23   H57    sing N N 221 
KHN C25   H58    sing N N 222 
KHN C26   H59    sing N N 223 
KHN C27   H60    sing N N 224 
KHN C30   H61    sing N N 225 
KHN C01   H69    sing N N 226 
KHN C02   H52    sing N N 227 
KHN C03   H53    sing N N 228 
KHN C13   H55    sing N N 229 
KHN C14   H56    sing N N 230 
KHN C21   H78    sing N N 231 
KHN C31   H62    sing N N 232 
KHN C33   H63    sing N N 233 
KHN C34   H64    sing N N 234 
KHN C35   H65    sing N N 235 
KHN C39   H70    sing N N 236 
KHN C40   H71    sing N N 237 
KHN C41   H72    sing N N 238 
KHN C44   H73    sing N N 239 
KHN C45   H74    sing N N 240 
KHN C49   H75    sing N N 241 
KHN C50   H76    sing N N 242 
KHN C51   H77    sing N N 243 
KHN O68   H1     sing N N 244 
# 
loop_
_ndb_struct_conf_na.entry_id 
_ndb_struct_conf_na.feature 
6RSO 'double helix'        
6RSO 'b-form double helix' 
# 
loop_
_ndb_struct_na_base_pair.model_number 
_ndb_struct_na_base_pair.i_label_asym_id 
_ndb_struct_na_base_pair.i_label_comp_id 
_ndb_struct_na_base_pair.i_label_seq_id 
_ndb_struct_na_base_pair.i_symmetry 
_ndb_struct_na_base_pair.j_label_asym_id 
_ndb_struct_na_base_pair.j_label_comp_id 
_ndb_struct_na_base_pair.j_label_seq_id 
_ndb_struct_na_base_pair.j_symmetry 
_ndb_struct_na_base_pair.shear 
_ndb_struct_na_base_pair.stretch 
_ndb_struct_na_base_pair.stagger 
_ndb_struct_na_base_pair.buckle 
_ndb_struct_na_base_pair.propeller 
_ndb_struct_na_base_pair.opening 
_ndb_struct_na_base_pair.pair_number 
_ndb_struct_na_base_pair.pair_name 
_ndb_struct_na_base_pair.i_auth_asym_id 
_ndb_struct_na_base_pair.i_auth_seq_id 
_ndb_struct_na_base_pair.i_PDB_ins_code 
_ndb_struct_na_base_pair.j_auth_asym_id 
_ndb_struct_na_base_pair.j_auth_seq_id 
_ndb_struct_na_base_pair.j_PDB_ins_code 
_ndb_struct_na_base_pair.hbond_type_28 
_ndb_struct_na_base_pair.hbond_type_12 
1 A DT 1  1_555 B DA 10 1_555 0.260  -0.178 -0.018 3.027   -16.382 12.656 1  A_DT1:DA10_B A 1  ? B 10 ? 20 1 
1 A DC 2  1_555 B DG 9  1_555 0.231  -0.180 0.152  -13.577 10.469  1.708  2  A_DC2:DG9_B  A 2  ? B 9  ? 19 1 
1 A DG 3  1_555 B DC 8  1_555 -0.240 -0.153 0.413  24.590  -2.093  -3.990 3  A_DG3:DC8_B  A 3  ? B 8  ? 19 1 
1 A DG 4  1_555 B DC 7  1_555 -0.206 -0.047 -0.325 -16.017 1.097   -1.380 4  A_DG4:DC7_B  A 4  ? B 7  ? 19 1 
1 A DC 5  1_555 B DG 6  1_555 0.437  -0.070 0.372  1.741   -6.901  2.831  5  A_DC5:DG6_B  A 5  ? B 6  ? 19 1 
1 A DG 6  1_555 B DC 5  1_555 -0.627 -0.120 0.321  -3.720  -8.449  2.394  6  A_DG6:DC5_B  A 6  ? B 5  ? 19 1 
1 A DC 7  1_555 B DG 4  1_555 0.308  -0.062 -0.154 12.430  1.184   0.042  7  A_DC7:DG4_B  A 7  ? B 4  ? 19 1 
1 A DC 8  1_555 B DG 3  1_555 0.346  -0.179 0.563  -26.369 -1.071  -2.877 8  A_DC8:DG3_B  A 8  ? B 3  ? 19 1 
1 A DG 9  1_555 B DC 2  1_555 -0.194 -0.159 0.205  13.297  9.358   2.369  9  A_DG9:DC2_B  A 9  ? B 2  ? 19 1 
1 A DA 10 1_555 B DT 1  1_555 -0.639 0.028  -0.141 0.773   -5.172  19.048 10 A_DA10:DT1_B A 10 ? B 1  ? 20 1 
# 
loop_
_ndb_struct_na_base_pair_step.model_number 
_ndb_struct_na_base_pair_step.i_label_asym_id_1 
_ndb_struct_na_base_pair_step.i_label_comp_id_1 
_ndb_struct_na_base_pair_step.i_label_seq_id_1 
_ndb_struct_na_base_pair_step.i_symmetry_1 
_ndb_struct_na_base_pair_step.j_label_asym_id_1 
_ndb_struct_na_base_pair_step.j_label_comp_id_1 
_ndb_struct_na_base_pair_step.j_label_seq_id_1 
_ndb_struct_na_base_pair_step.j_symmetry_1 
_ndb_struct_na_base_pair_step.i_label_asym_id_2 
_ndb_struct_na_base_pair_step.i_label_comp_id_2 
_ndb_struct_na_base_pair_step.i_label_seq_id_2 
_ndb_struct_na_base_pair_step.i_symmetry_2 
_ndb_struct_na_base_pair_step.j_label_asym_id_2 
_ndb_struct_na_base_pair_step.j_label_comp_id_2 
_ndb_struct_na_base_pair_step.j_label_seq_id_2 
_ndb_struct_na_base_pair_step.j_symmetry_2 
_ndb_struct_na_base_pair_step.shift 
_ndb_struct_na_base_pair_step.slide 
_ndb_struct_na_base_pair_step.rise 
_ndb_struct_na_base_pair_step.tilt 
_ndb_struct_na_base_pair_step.roll 
_ndb_struct_na_base_pair_step.twist 
_ndb_struct_na_base_pair_step.x_displacement 
_ndb_struct_na_base_pair_step.y_displacement 
_ndb_struct_na_base_pair_step.helical_rise 
_ndb_struct_na_base_pair_step.inclination 
_ndb_struct_na_base_pair_step.tip 
_ndb_struct_na_base_pair_step.helical_twist 
_ndb_struct_na_base_pair_step.step_number 
_ndb_struct_na_base_pair_step.step_name 
_ndb_struct_na_base_pair_step.i_auth_asym_id_1 
_ndb_struct_na_base_pair_step.i_auth_seq_id_1 
_ndb_struct_na_base_pair_step.i_PDB_ins_code_1 
_ndb_struct_na_base_pair_step.j_auth_asym_id_1 
_ndb_struct_na_base_pair_step.j_auth_seq_id_1 
_ndb_struct_na_base_pair_step.j_PDB_ins_code_1 
_ndb_struct_na_base_pair_step.i_auth_asym_id_2 
_ndb_struct_na_base_pair_step.i_auth_seq_id_2 
_ndb_struct_na_base_pair_step.i_PDB_ins_code_2 
_ndb_struct_na_base_pair_step.j_auth_asym_id_2 
_ndb_struct_na_base_pair_step.j_auth_seq_id_2 
_ndb_struct_na_base_pair_step.j_PDB_ins_code_2 
1 A DT 1 1_555 B DA 10 1_555 A DC 2  1_555 B DG 9 1_555 0.244  0.791 7.055 2.258  5.303  19.545 -2.992 1.536  7.003 15.200 -6.470 
20.369 1 AA_DT1DC2:DG9DA10_BB A 1 ? B 10 ? A 2  ? B 9 ? 
1 A DC 2 1_555 B DG 9  1_555 A DG 3  1_555 B DC 8 1_555 -0.037 1.507 2.565 -0.244 4.965  22.563 2.319  0.022  2.826 12.494 0.614  
23.097 2 AA_DC2DG3:DC8DG9_BB  A 2 ? B 9  ? A 3  ? B 8 ? 
1 A DG 3 1_555 B DC 8  1_555 A DG 4  1_555 B DC 7 1_555 -0.019 0.625 5.510 1.077  53.436 16.202 -5.421 0.143  2.258 74.347 -1.498 
55.675 3 AA_DG3DG4:DC7DC8_BB  A 3 ? B 8  ? A 4  ? B 7 ? 
1 A DG 4 1_555 B DC 7  1_555 A DC 5  1_555 B DG 6 1_555 -0.631 0.700 2.945 -4.994 0.904  40.025 0.922  0.401  3.013 1.314  7.261  
40.332 4 AA_DG4DC5:DG6DC7_BB  A 4 ? B 7  ? A 5  ? B 6 ? 
1 A DC 5 1_555 B DG 6  1_555 A DG 6  1_555 B DC 5 1_555 -0.014 1.361 4.152 0.526  33.400 13.670 -5.348 0.141  2.854 68.356 -1.076 
36.020 5 AA_DC5DG6:DC5DG6_BB  A 5 ? B 6  ? A 6  ? B 5 ? 
1 A DG 6 1_555 B DC 5  1_555 A DC 7  1_555 B DG 4 1_555 0.646  0.710 3.048 2.519  0.531  41.263 0.953  -0.662 3.089 0.752  -3.571 
41.339 6 AA_DG6DC7:DG4DC5_BB  A 6 ? B 5  ? A 7  ? B 4 ? 
1 A DC 7 1_555 B DG 4  1_555 A DC 8  1_555 B DG 3 1_555 0.031  0.568 5.460 -0.186 53.219 17.510 -5.317 -0.054 2.313 73.099 0.255  
55.825 7 AA_DC7DC8:DG3DG4_BB  A 7 ? B 4  ? A 8  ? B 3 ? 
1 A DC 8 1_555 B DG 3  1_555 A DG 9  1_555 B DC 2 1_555 0.021  1.457 2.509 0.657  3.263  22.365 2.766  0.138  2.690 8.354  -1.681 
22.609 8 AA_DC8DG9:DC2DG3_BB  A 8 ? B 3  ? A 9  ? B 2 ? 
1 A DG 9 1_555 B DC 2  1_555 A DA 10 1_555 B DT 1 1_555 0.493  0.666 7.135 -1.002 -2.100 15.976 5.629  -3.311 6.945 -7.505 3.580  
16.144 9 AA_DG9DA10:DT1DC2_BB A 9 ? B 2  ? A 10 ? B 1 ? 
# 
loop_
_pdbx_audit_support.funding_organization 
_pdbx_audit_support.country 
_pdbx_audit_support.grant_number 
_pdbx_audit_support.ordinal 
'Biotechnology and Biological Sciences Research Council' 'United Kingdom' BB/K019279/1 1 
'Biotechnology and Biological Sciences Research Council' 'United Kingdom' BB/M004635/1 2 
# 
_pdbx_entity_instance_feature.ordinal        1 
_pdbx_entity_instance_feature.comp_id        KHN 
_pdbx_entity_instance_feature.asym_id        ? 
_pdbx_entity_instance_feature.seq_num        ? 
_pdbx_entity_instance_feature.auth_comp_id   KHN 
_pdbx_entity_instance_feature.auth_asym_id   ? 
_pdbx_entity_instance_feature.auth_seq_num   ? 
_pdbx_entity_instance_feature.feature_type   'SUBJECT OF INVESTIGATION' 
_pdbx_entity_instance_feature.details        ? 
# 
_atom_sites.entry_id                    6RSO 
_atom_sites.fract_transf_matrix[1][1]   -0.01244538 
_atom_sites.fract_transf_matrix[1][2]   0.01233219 
_atom_sites.fract_transf_matrix[1][3]   0.01228778 
_atom_sites.fract_transf_matrix[2][1]   0.00817059 
_atom_sites.fract_transf_matrix[2][2]   0.01747550 
_atom_sites.fract_transf_matrix[2][3]   -0.00926328 
_atom_sites.fract_transf_matrix[3][1]   -0.02245536 
_atom_sites.fract_transf_matrix[3][2]   -0.00101615 
_atom_sites.fract_transf_matrix[3][3]   -0.02172354 
_atom_sites.fract_transf_vector[1]      0.235165 
_atom_sites.fract_transf_vector[2]      -0.264599 
_atom_sites.fract_transf_vector[3]      -0.015464 
# 
loop_
_atom_type.symbol 
BA 
C  
H  
N  
O  
P  
RU 
# 
loop_
_atom_site.group_PDB 
_atom_site.id 
_atom_site.type_symbol 
_atom_site.label_atom_id 
_atom_site.label_alt_id 
_atom_site.label_comp_id 
_atom_site.label_asym_id 
_atom_site.label_entity_id 
_atom_site.label_seq_id 
_atom_site.pdbx_PDB_ins_code 
_atom_site.Cartn_x 
_atom_site.Cartn_y 
_atom_site.Cartn_z 
_atom_site.occupancy 
_atom_site.B_iso_or_equiv 
_atom_site.pdbx_formal_charge 
_atom_site.auth_seq_id 
_atom_site.auth_comp_id 
_atom_site.auth_asym_id 
_atom_site.auth_atom_id 
_atom_site.pdbx_PDB_model_num 
ATOM   1   O  "O5'" . DT  A 1 1  ? 8.693   -9.893  9.026   1.00 117.15 ? 1   DT  A "O5'" 1 
ATOM   2   C  "C5'" . DT  A 1 1  ? 8.827   -9.194  10.264  1.00 117.07 ? 1   DT  A "C5'" 1 
ATOM   3   C  "C4'" . DT  A 1 1  ? 7.557   -9.310  11.101  1.00 113.03 ? 1   DT  A "C4'" 1 
ATOM   4   O  "O4'" . DT  A 1 1  ? 7.848   -8.945  12.474  1.00 114.78 ? 1   DT  A "O4'" 1 
ATOM   5   C  "C3'" . DT  A 1 1  ? 6.412   -8.401  10.680  1.00 98.68  ? 1   DT  A "C3'" 1 
ATOM   6   O  "O3'" . DT  A 1 1  ? 5.614   -9.040  9.668   1.00 99.37  ? 1   DT  A "O3'" 1 
ATOM   7   C  "C2'" . DT  A 1 1  ? 5.634   -8.249  11.986  1.00 97.21  ? 1   DT  A "C2'" 1 
ATOM   8   C  "C1'" . DT  A 1 1  ? 6.746   -8.258  13.033  1.00 104.20 ? 1   DT  A "C1'" 1 
ATOM   9   N  N1    . DT  A 1 1  ? 7.194   -6.902  13.437  1.00 104.67 ? 1   DT  A N1    1 
ATOM   10  C  C2    . DT  A 1 1  ? 6.738   -6.382  14.618  1.00 97.27  ? 1   DT  A C2    1 
ATOM   11  O  O2    . DT  A 1 1  ? 5.980   -6.982  15.354  1.00 95.06  ? 1   DT  A O2    1 
ATOM   12  N  N3    . DT  A 1 1  ? 7.202   -5.128  14.913  1.00 96.62  ? 1   DT  A N3    1 
ATOM   13  C  C4    . DT  A 1 1  ? 8.063   -4.356  14.154  1.00 106.02 ? 1   DT  A C4    1 
ATOM   14  O  O4    . DT  A 1 1  ? 8.423   -3.237  14.508  1.00 104.54 ? 1   DT  A O4    1 
ATOM   15  C  C5    . DT  A 1 1  ? 8.508   -4.963  12.916  1.00 109.41 ? 1   DT  A C5    1 
ATOM   16  C  C7    . DT  A 1 1  ? 9.443   -4.225  12.002  1.00 106.47 ? 1   DT  A C7    1 
ATOM   17  C  C6    . DT  A 1 1  ? 8.057   -6.195  12.623  1.00 113.17 ? 1   DT  A C6    1 
ATOM   18  P  P     . DC  A 1 2  ? 5.412   -8.357  8.216   1.00 110.33 ? 2   DC  A P     1 
ATOM   19  O  OP1   . DC  A 1 2  ? 5.251   -9.488  7.258   1.00 98.07  ? 2   DC  A OP1   1 
ATOM   20  O  OP2   . DC  A 1 2  ? 6.501   -7.363  8.026   1.00 104.11 ? 2   DC  A OP2   1 
ATOM   21  O  "O5'" . DC  A 1 2  ? 4.053   -7.497  8.339   1.00 89.11  ? 2   DC  A "O5'" 1 
ATOM   22  C  "C5'" . DC  A 1 2  ? 2.794   -8.151  8.487   1.00 74.99  ? 2   DC  A "C5'" 1 
ATOM   23  C  "C4'" . DC  A 1 2  ? 1.638   -7.150  8.529   1.00 60.26  ? 2   DC  A "C4'" 1 
ATOM   24  O  "O4'" . DC  A 1 2  ? 1.881   -6.160  9.529   1.00 60.25  ? 2   DC  A "O4'" 1 
ATOM   25  C  "C3'" . DC  A 1 2  ? 1.398   -6.358  7.259   1.00 58.47  ? 2   DC  A "C3'" 1 
ATOM   26  O  "O3'" . DC  A 1 2  ? 0.630   -7.175  6.323   1.00 63.83  ? 2   DC  A "O3'" 1 
ATOM   27  C  "C2'" . DC  A 1 2  ? 0.626   -5.150  7.763   1.00 56.13  ? 2   DC  A "C2'" 1 
ATOM   28  C  "C1'" . DC  A 1 2  ? 1.096   -5.016  9.244   1.00 53.43  ? 2   DC  A "C1'" 1 
ATOM   29  N  N1    . DC  A 1 2  ? 1.938   -3.813  9.527   1.00 64.89  ? 2   DC  A N1    1 
ATOM   30  C  C2    . DC  A 1 2  ? 1.607   -2.948  10.594  1.00 58.71  ? 2   DC  A C2    1 
ATOM   31  O  O2    . DC  A 1 2  ? 0.601   -3.178  11.283  1.00 56.48  ? 2   DC  A O2    1 
ATOM   32  N  N3    . DC  A 1 2  ? 2.397   -1.887  10.847  1.00 53.91  ? 2   DC  A N3    1 
ATOM   33  C  C4    . DC  A 1 2  ? 3.461   -1.662  10.111  1.00 64.55  ? 2   DC  A C4    1 
ATOM   34  N  N4    . DC  A 1 2  ? 4.210   -0.595  10.410  1.00 64.71  ? 2   DC  A N4    1 
ATOM   35  C  C5    . DC  A 1 2  ? 3.836   -2.523  9.038   1.00 74.26  ? 2   DC  A C5    1 
ATOM   36  C  C6    . DC  A 1 2  ? 3.051   -3.580  8.782   1.00 69.28  ? 2   DC  A C6    1 
ATOM   37  P  P     . DG  A 1 3  ? 0.120   -6.582  4.920   1.00 66.66  ? 3   DG  A P     1 
ATOM   38  O  OP1   . DG  A 1 3  ? -0.285  -7.724  4.091   1.00 73.03  ? 3   DG  A OP1   1 
ATOM   39  O  OP2   . DG  A 1 3  ? 1.105   -5.588  4.404   1.00 74.87  ? 3   DG  A OP2   1 
ATOM   40  O  "O5'" . DG  A 1 3  ? -1.208  -5.812  5.337   1.00 58.86  ? 3   DG  A "O5'" 1 
ATOM   41  C  "C5'" . DG  A 1 3  ? -2.363  -6.543  5.712   1.00 56.78  ? 3   DG  A "C5'" 1 
ATOM   42  C  "C4'" . DG  A 1 3  ? -3.376  -5.594  6.329   1.00 70.22  ? 3   DG  A "C4'" 1 
ATOM   43  O  "O4'" . DG  A 1 3  ? -2.767  -4.881  7.409   1.00 66.52  ? 3   DG  A "O4'" 1 
ATOM   44  C  "C3'" . DG  A 1 3  ? -3.906  -4.538  5.379   1.00 69.37  ? 3   DG  A "C3'" 1 
ATOM   45  O  "O3'" . DG  A 1 3  ? -5.083  -5.066  4.736   1.00 77.89  ? 3   DG  A "O3'" 1 
ATOM   46  C  "C2'" . DG  A 1 3  ? -4.225  -3.366  6.293   1.00 65.57  ? 3   DG  A "C2'" 1 
ATOM   47  C  "C1'" . DG  A 1 3  ? -3.215  -3.541  7.449   1.00 62.87  ? 3   DG  A "C1'" 1 
ATOM   48  N  N9    . DG  A 1 3  ? -2.018  -2.697  7.392   1.00 55.85  ? 3   DG  A N9    1 
ATOM   49  C  C8    . DG  A 1 3  ? -1.092  -2.630  6.384   1.00 59.65  ? 3   DG  A C8    1 
ATOM   50  N  N7    . DG  A 1 3  ? -0.085  -1.816  6.648   1.00 57.55  ? 3   DG  A N7    1 
ATOM   51  C  C5    . DG  A 1 3  ? -0.362  -1.317  7.911   1.00 53.67  ? 3   DG  A C5    1 
ATOM   52  C  C6    . DG  A 1 3  ? 0.368   -0.409  8.715   1.00 50.81  ? 3   DG  A C6    1 
ATOM   53  O  O6    . DG  A 1 3  ? 1.431   0.161   8.452   1.00 57.33  ? 3   DG  A O6    1 
ATOM   54  N  N1    . DG  A 1 3  ? -0.260  -0.179  9.939   1.00 60.37  ? 3   DG  A N1    1 
ATOM   55  C  C2    . DG  A 1 3  ? -1.434  -0.766  10.331  1.00 63.34  ? 3   DG  A C2    1 
ATOM   56  N  N2    . DG  A 1 3  ? -1.891  -0.419  11.529  1.00 59.30  ? 3   DG  A N2    1 
ATOM   57  N  N3    . DG  A 1 3  ? -2.124  -1.652  9.592   1.00 57.59  ? 3   DG  A N3    1 
ATOM   58  C  C4    . DG  A 1 3  ? -1.540  -1.859  8.395   1.00 56.82  ? 3   DG  A C4    1 
ATOM   59  P  P     . DG  A 1 4  ? -5.294  -4.858  3.160   1.00 73.84  ? 4   DG  A P     1 
ATOM   60  O  OP1   . DG  A 1 4  ? -6.370  -5.763  2.752   1.00 75.41  ? 4   DG  A OP1   1 
ATOM   61  O  OP2   . DG  A 1 4  ? -3.977  -4.893  2.504   1.00 72.76  ? 4   DG  A OP2   1 
ATOM   62  O  "O5'" . DG  A 1 4  ? -5.758  -3.333  3.050   1.00 72.33  ? 4   DG  A "O5'" 1 
ATOM   63  C  "C5'" . DG  A 1 4  ? -6.844  -2.874  3.834   1.00 71.28  ? 4   DG  A "C5'" 1 
ATOM   64  C  "C4'" . DG  A 1 4  ? -7.022  -1.380  3.683   1.00 64.31  ? 4   DG  A "C4'" 1 
ATOM   65  O  "O4'" . DG  A 1 4  ? -5.897  -0.703  4.281   1.00 58.02  ? 4   DG  A "O4'" 1 
ATOM   66  C  "C3'" . DG  A 1 4  ? -7.105  -0.873  2.249   1.00 67.32  ? 4   DG  A "C3'" 1 
ATOM   67  O  "O3'" . DG  A 1 4  ? -8.097  0.144   2.187   1.00 71.72  ? 4   DG  A "O3'" 1 
ATOM   68  C  "C2'" . DG  A 1 4  ? -5.694  -0.322  1.987   1.00 66.49  ? 4   DG  A "C2'" 1 
ATOM   69  C  "C1'" . DG  A 1 4  ? -5.326  0.216   3.365   1.00 62.55  ? 4   DG  A "C1'" 1 
ATOM   70  N  N9    . DG  A 1 4  ? -3.889  0.253   3.653   1.00 62.53  ? 4   DG  A N9    1 
ATOM   71  C  C8    . DG  A 1 4  ? -2.983  -0.771  3.479   1.00 64.90  ? 4   DG  A C8    1 
ATOM   72  N  N7    . DG  A 1 4  ? -1.771  -0.462  3.888   1.00 62.96  ? 4   DG  A N7    1 
ATOM   73  C  C5    . DG  A 1 4  ? -1.893  0.839   4.367   1.00 64.25  ? 4   DG  A C5    1 
ATOM   74  C  C6    . DG  A 1 4  ? -0.914  1.704   4.919   1.00 61.22  ? 4   DG  A C6    1 
ATOM   75  O  O6    . DG  A 1 4  ? 0.297   1.481   5.111   1.00 59.78  ? 4   DG  A O6    1 
ATOM   76  N  N1    . DG  A 1 4  ? -1.453  2.925   5.278   1.00 54.72  ? 4   DG  A N1    1 
ATOM   77  C  C2    . DG  A 1 4  ? -2.759  3.295   5.100   1.00 66.42  ? 4   DG  A C2    1 
ATOM   78  N  N2    . DG  A 1 4  ? -3.083  4.543   5.503   1.00 58.13  ? 4   DG  A N2    1 
ATOM   79  N  N3    . DG  A 1 4  ? -3.686  2.507   4.592   1.00 70.31  ? 4   DG  A N3    1 
ATOM   80  C  C4    . DG  A 1 4  ? -3.181  1.293   4.236   1.00 62.67  ? 4   DG  A C4    1 
ATOM   81  P  P     . DC  A 1 5  ? -8.655  0.659   0.770   1.00 70.79  ? 5   DC  A P     1 
ATOM   82  O  OP1   . DC  A 1 5  ? -10.115 0.504   0.825   1.00 80.77  ? 5   DC  A OP1   1 
ATOM   83  O  OP2   . DC  A 1 5  ? -7.869  0.024   -0.309  1.00 59.97  ? 5   DC  A OP2   1 
ATOM   84  O  "O5'" . DC  A 1 5  ? -8.271  2.214   0.779   1.00 68.68  ? 5   DC  A "O5'" 1 
ATOM   85  C  "C5'" . DC  A 1 5  ? -8.895  3.067   1.740   1.00 76.35  ? 5   DC  A "C5'" 1 
ATOM   86  C  "C4'" . DC  A 1 5  ? -8.419  4.495   1.580   1.00 66.37  ? 5   DC  A "C4'" 1 
ATOM   87  O  "O4'" . DC  A 1 5  ? -7.205  4.682   2.329   1.00 61.18  ? 5   DC  A "O4'" 1 
ATOM   88  C  "C3'" . DC  A 1 5  ? -8.112  4.890   0.145   1.00 65.70  ? 5   DC  A "C3'" 1 
ATOM   89  O  "O3'" . DC  A 1 5  ? -9.266  5.516   -0.413  1.00 79.06  ? 5   DC  A "O3'" 1 
ATOM   90  C  "C2'" . DC  A 1 5  ? -6.956  5.877   0.284   1.00 69.73  ? 5   DC  A "C2'" 1 
ATOM   91  C  "C1'" . DC  A 1 5  ? -6.273  5.429   1.582   1.00 66.84  ? 5   DC  A "C1'" 1 
ATOM   92  N  N1    . DC  A 1 5  ? -5.064  4.582   1.390   1.00 68.61  ? 5   DC  A N1    1 
ATOM   93  C  C2    . DC  A 1 5  ? -3.843  5.010   1.927   1.00 70.32  ? 5   DC  A C2    1 
ATOM   94  O  O2    . DC  A 1 5  ? -3.805  6.084   2.552   1.00 66.01  ? 5   DC  A O2    1 
ATOM   95  N  N3    . DC  A 1 5  ? -2.752  4.230   1.777   1.00 61.58  ? 5   DC  A N3    1 
ATOM   96  C  C4    . DC  A 1 5  ? -2.846  3.074   1.139   1.00 63.98  ? 5   DC  A C4    1 
ATOM   97  N  N4    . DC  A 1 5  ? -1.727  2.342   1.013   1.00 78.63  ? 5   DC  A N4    1 
ATOM   98  C  C5    . DC  A 1 5  ? -4.073  2.614   0.580   1.00 58.90  ? 5   DC  A C5    1 
ATOM   99  C  C6    . DC  A 1 5  ? -5.153  3.392   0.736   1.00 67.44  ? 5   DC  A C6    1 
ATOM   100 P  P     . DG  A 1 6  ? -9.541  5.444   -1.994  1.00 89.65  ? 6   DG  A P     1 
ATOM   101 O  OP1   . DG  A 1 6  ? -10.933 5.879   -2.228  1.00 88.80  ? 6   DG  A OP1   1 
ATOM   102 O  OP2   . DG  A 1 6  ? -9.094  4.121   -2.494  1.00 78.11  ? 6   DG  A OP2   1 
ATOM   103 O  "O5'" . DG  A 1 6  ? -8.543  6.539   -2.586  1.00 73.30  ? 6   DG  A "O5'" 1 
ATOM   104 C  "C5'" . DG  A 1 6  ? -8.676  7.889   -2.178  1.00 77.89  ? 6   DG  A "C5'" 1 
ATOM   105 C  "C4'" . DG  A 1 6  ? -7.650  8.727   -2.878  1.00 65.40  ? 6   DG  A "C4'" 1 
ATOM   106 O  "O4'" . DG  A 1 6  ? -6.340  8.227   -2.508  1.00 69.58  ? 6   DG  A "O4'" 1 
ATOM   107 C  "C3'" . DG  A 1 6  ? -7.721  8.665   -4.397  1.00 71.58  ? 6   DG  A "C3'" 1 
ATOM   108 O  "O3'" . DG  A 1 6  ? -7.399  9.942   -4.967  1.00 83.87  ? 6   DG  A "O3'" 1 
ATOM   109 C  "C2'" . DG  A 1 6  ? -6.680  7.598   -4.758  1.00 76.04  ? 6   DG  A "C2'" 1 
ATOM   110 C  "C1'" . DG  A 1 6  ? -5.645  7.781   -3.646  1.00 72.44  ? 6   DG  A "C1'" 1 
ATOM   111 N  N9    . DG  A 1 6  ? -4.917  6.565   -3.301  1.00 68.75  ? 6   DG  A N9    1 
ATOM   112 C  C8    . DG  A 1 6  ? -5.382  5.266   -3.322  1.00 71.39  ? 6   DG  A C8    1 
ATOM   113 N  N7    . DG  A 1 6  ? -4.472  4.384   -2.968  1.00 61.21  ? 6   DG  A N7    1 
ATOM   114 C  C5    . DG  A 1 6  ? -3.342  5.145   -2.696  1.00 67.64  ? 6   DG  A C5    1 
ATOM   115 C  C6    . DG  A 1 6  ? -2.044  4.745   -2.278  1.00 73.83  ? 6   DG  A C6    1 
ATOM   116 O  O6    . DG  A 1 6  ? -1.624  3.592   -2.058  1.00 69.96  ? 6   DG  A O6    1 
ATOM   117 N  N1    . DG  A 1 6  ? -1.185  5.849   -2.135  1.00 71.33  ? 6   DG  A N1    1 
ATOM   118 C  C2    . DG  A 1 6  ? -1.555  7.168   -2.345  1.00 69.16  ? 6   DG  A C2    1 
ATOM   119 N  N2    . DG  A 1 6  ? -0.618  8.108   -2.129  1.00 59.19  ? 6   DG  A N2    1 
ATOM   120 N  N3    . DG  A 1 6  ? -2.759  7.539   -2.752  1.00 64.30  ? 6   DG  A N3    1 
ATOM   121 C  C4    . DG  A 1 6  ? -3.600  6.489   -2.892  1.00 67.61  ? 6   DG  A C4    1 
ATOM   122 P  P     . DC  A 1 7  ? -7.677  10.222  -6.529  1.00 93.81  ? 7   DC  A P     1 
ATOM   123 O  OP1   . DC  A 1 7  ? -8.324  11.551  -6.623  1.00 100.01 ? 7   DC  A OP1   1 
ATOM   124 O  OP2   . DC  A 1 7  ? -8.308  9.019   -7.132  1.00 91.33  ? 7   DC  A OP2   1 
ATOM   125 O  "O5'" . DC  A 1 7  ? -6.230  10.285  -7.176  1.00 82.76  ? 7   DC  A "O5'" 1 
ATOM   126 C  "C5'" . DC  A 1 7  ? -5.279  11.204  -6.696  1.00 81.68  ? 7   DC  A "C5'" 1 
ATOM   127 C  "C4'" . DC  A 1 7  ? -3.915  10.841  -7.236  1.00 78.53  ? 7   DC  A "C4'" 1 
ATOM   128 O  "O4'" . DC  A 1 7  ? -3.335  9.853   -6.377  1.00 75.83  ? 7   DC  A "O4'" 1 
ATOM   129 C  "C3'" . DC  A 1 7  ? -3.931  10.175  -8.593  1.00 72.33  ? 7   DC  A "C3'" 1 
ATOM   130 O  "O3'" . DC  A 1 7  ? -3.950  11.155  -9.614  1.00 78.23  ? 7   DC  A "O3'" 1 
ATOM   131 C  "C2'" . DC  A 1 7  ? -2.611  9.393   -8.591  1.00 62.36  ? 7   DC  A "C2'" 1 
ATOM   132 C  "C1'" . DC  A 1 7  ? -2.420  9.072   -7.101  1.00 61.32  ? 7   DC  A "C1'" 1 
ATOM   133 N  N1    . DC  A 1 7  ? -2.675  7.638   -6.761  1.00 62.24  ? 7   DC  A N1    1 
ATOM   134 C  C2    . DC  A 1 7  ? -1.689  6.916   -6.080  1.00 67.14  ? 7   DC  A C2    1 
ATOM   135 O  O2    . DC  A 1 7  ? -0.643  7.493   -5.772  1.00 59.93  ? 7   DC  A O2    1 
ATOM   136 N  N3    . DC  A 1 7  ? -1.904  5.607   -5.792  1.00 62.80  ? 7   DC  A N3    1 
ATOM   137 C  C4    . DC  A 1 7  ? -3.052  5.030   -6.161  1.00 73.44  ? 7   DC  A C4    1 
ATOM   138 N  N4    . DC  A 1 7  ? -3.227  3.746   -5.854  1.00 65.60  ? 7   DC  A N4    1 
ATOM   139 C  C5    . DC  A 1 7  ? -4.083  5.755   -6.851  1.00 73.53  ? 7   DC  A C5    1 
ATOM   140 C  C6    . DC  A 1 7  ? -3.850  7.045   -7.128  1.00 68.86  ? 7   DC  A C6    1 
ATOM   141 P  P     . DC  A 1 8  ? -4.706  10.845  -10.996 1.00 80.91  ? 8   DC  A P     1 
ATOM   142 O  OP1   . DC  A 1 8  ? -4.795  12.120  -11.754 1.00 78.64  ? 8   DC  A OP1   1 
ATOM   143 O  OP2   . DC  A 1 8  ? -5.932  10.079  -10.656 1.00 82.68  ? 8   DC  A OP2   1 
ATOM   144 O  "O5'" . DC  A 1 8  ? -3.724  9.852   -11.772 1.00 71.17  ? 8   DC  A "O5'" 1 
ATOM   145 C  "C5'" . DC  A 1 8  ? -2.478  10.319  -12.267 1.00 61.66  ? 8   DC  A "C5'" 1 
ATOM   146 C  "C4'" . DC  A 1 8  ? -1.743  9.218   -13.035 1.00 60.15  ? 8   DC  A "C4'" 1 
ATOM   147 O  "O4'" . DC  A 1 8  ? -1.387  8.183   -12.121 1.00 63.80  ? 8   DC  A "O4'" 1 
ATOM   148 C  "C3'" . DC  A 1 8  ? -2.556  8.531   -14.101 1.00 60.54  ? 8   DC  A "C3'" 1 
ATOM   149 O  "O3'" . DC  A 1 8  ? -2.357  9.206   -15.315 1.00 67.47  ? 8   DC  A "O3'" 1 
ATOM   150 C  "C2'" . DC  A 1 8  ? -1.971  7.106   -14.155 1.00 62.62  ? 8   DC  A "C2'" 1 
ATOM   151 C  "C1'" . DC  A 1 8  ? -1.284  6.951   -12.787 1.00 63.38  ? 8   DC  A "C1'" 1 
ATOM   152 N  N1    . DC  A 1 8  ? -1.915  5.949   -11.876 1.00 67.67  ? 8   DC  A N1    1 
ATOM   153 C  C2    . DC  A 1 8  ? -1.260  4.738   -11.611 1.00 73.94  ? 8   DC  A C2    1 
ATOM   154 O  O2    . DC  A 1 8  ? -0.177  4.493   -12.190 1.00 60.26  ? 8   DC  A O2    1 
ATOM   155 N  N3    . DC  A 1 8  ? -1.849  3.849   -10.767 1.00 67.71  ? 8   DC  A N3    1 
ATOM   156 C  C4    . DC  A 1 8  ? -3.020  4.150   -10.195 1.00 60.95  ? 8   DC  A C4    1 
ATOM   157 N  N4    . DC  A 1 8  ? -3.563  3.254   -9.365  1.00 60.96  ? 8   DC  A N4    1 
ATOM   158 C  C5    . DC  A 1 8  ? -3.688  5.382   -10.443 1.00 65.13  ? 8   DC  A C5    1 
ATOM   159 C  C6    . DC  A 1 8  ? -3.101  6.245   -11.276 1.00 67.65  ? 8   DC  A C6    1 
ATOM   160 P  P     . DG  A 1 9  ? -3.312  8.931   -16.570 1.00 77.28  ? 9   DG  A P     1 
ATOM   161 O  OP1   . DG  A 1 9  ? -3.221  10.108  -17.489 1.00 77.07  ? 9   DG  A OP1   1 
ATOM   162 O  OP2   . DG  A 1 9  ? -4.605  8.431   -16.058 1.00 67.31  ? 9   DG  A OP2   1 
ATOM   163 O  "O5'" . DG  A 1 9  ? -2.631  7.695   -17.322 1.00 70.91  ? 9   DG  A "O5'" 1 
ATOM   164 C  "C5'" . DG  A 1 9  ? -1.309  7.765   -17.767 1.00 63.11  ? 9   DG  A "C5'" 1 
ATOM   165 C  "C4'" . DG  A 1 9  ? -0.910  6.426   -18.298 1.00 74.90  ? 9   DG  A "C4'" 1 
ATOM   166 O  "O4'" . DG  A 1 9  ? -0.621  5.573   -17.168 1.00 66.32  ? 9   DG  A "O4'" 1 
ATOM   167 C  "C3'" . DG  A 1 9  ? -2.027  5.732   -19.076 1.00 71.01  ? 9   DG  A "C3'" 1 
ATOM   168 O  "O3'" . DG  A 1 9  ? -1.894  5.998   -20.482 1.00 84.25  ? 9   DG  A "O3'" 1 
ATOM   169 C  "C2'" . DG  A 1 9  ? -1.827  4.259   -18.757 1.00 65.95  ? 9   DG  A "C2'" 1 
ATOM   170 C  "C1'" . DG  A 1 9  ? -1.187  4.293   -17.362 1.00 65.02  ? 9   DG  A "C1'" 1 
ATOM   171 N  N9    . DG  A 1 9  ? -2.108  4.074   -16.266 1.00 60.34  ? 9   DG  A N9    1 
ATOM   172 C  C8    . DG  A 1 9  ? -3.271  4.759   -15.987 1.00 60.32  ? 9   DG  A C8    1 
ATOM   173 N  N7    . DG  A 1 9  ? -3.868  4.329   -14.896 1.00 66.91  ? 9   DG  A N7    1 
ATOM   174 C  C5    . DG  A 1 9  ? -3.023  3.336   -14.407 1.00 68.20  ? 9   DG  A C5    1 
ATOM   175 C  C6    . DG  A 1 9  ? -3.131  2.500   -13.247 1.00 69.88  ? 9   DG  A C6    1 
ATOM   176 O  O6    . DG  A 1 9  ? -4.007  2.503   -12.362 1.00 60.01  ? 9   DG  A O6    1 
ATOM   177 N  N1    . DG  A 1 9  ? -2.044  1.621   -13.144 1.00 65.36  ? 9   DG  A N1    1 
ATOM   178 C  C2    . DG  A 1 9  ? -0.997  1.556   -14.040 1.00 76.15  ? 9   DG  A C2    1 
ATOM   179 N  N2    . DG  A 1 9  ? -0.035  0.647   -13.785 1.00 76.15  ? 9   DG  A N2    1 
ATOM   180 N  N3    . DG  A 1 9  ? -0.900  2.315   -15.120 1.00 66.65  ? 9   DG  A N3    1 
ATOM   181 C  C4    . DG  A 1 9  ? -1.938  3.178   -15.238 1.00 66.35  ? 9   DG  A C4    1 
ATOM   182 P  P     . DA  A 1 10 ? -2.684  5.098   -21.559 1.00 97.78  ? 10  DA  A P     1 
ATOM   183 O  OP1   . DA  A 1 10 ? -2.545  5.760   -22.878 1.00 91.38  ? 10  DA  A OP1   1 
ATOM   184 O  OP2   . DA  A 1 10 ? -4.040  4.825   -21.031 1.00 88.30  ? 10  DA  A OP2   1 
ATOM   185 O  "O5'" . DA  A 1 10 ? -1.842  3.723   -21.558 1.00 98.57  ? 10  DA  A "O5'" 1 
ATOM   186 C  "C5'" . DA  A 1 10 ? -1.978  2.782   -22.622 1.00 92.27  ? 10  DA  A "C5'" 1 
ATOM   187 C  "C4'" . DA  A 1 10 ? -1.038  1.598   -22.418 1.00 85.54  ? 10  DA  A "C4'" 1 
ATOM   188 O  "O4'" . DA  A 1 10 ? -1.347  0.946   -21.163 1.00 81.90  ? 10  DA  A "O4'" 1 
ATOM   189 C  "C3'" . DA  A 1 10 ? -1.143  0.516   -23.479 1.00 93.33  ? 10  DA  A "C3'" 1 
ATOM   190 O  "O3'" . DA  A 1 10 ? 0.115   -0.147  -23.677 1.00 105.42 ? 10  DA  A "O3'" 1 
ATOM   191 C  "C2'" . DA  A 1 10 ? -2.192  -0.424  -22.908 1.00 86.45  ? 10  DA  A "C2'" 1 
ATOM   192 C  "C1'" . DA  A 1 10 ? -2.031  -0.270  -21.401 1.00 89.06  ? 10  DA  A "C1'" 1 
ATOM   193 N  N9    . DA  A 1 10 ? -3.314  -0.218  -20.715 1.00 91.32  ? 10  DA  A N9    1 
ATOM   194 C  C8    . DA  A 1 10 ? -4.347  0.637   -20.974 1.00 88.30  ? 10  DA  A C8    1 
ATOM   195 N  N7    . DA  A 1 10 ? -5.392  0.450   -20.209 1.00 88.29  ? 10  DA  A N7    1 
ATOM   196 C  C5    . DA  A 1 10 ? -5.024  -0.608  -19.398 1.00 88.94  ? 10  DA  A C5    1 
ATOM   197 C  C6    . DA  A 1 10 ? -5.699  -1.288  -18.372 1.00 88.08  ? 10  DA  A C6    1 
ATOM   198 N  N6    . DA  A 1 10 ? -6.937  -0.980  -17.984 1.00 93.09  ? 10  DA  A N6    1 
ATOM   199 N  N1    . DA  A 1 10 ? -5.049  -2.298  -17.759 1.00 94.33  ? 10  DA  A N1    1 
ATOM   200 C  C2    . DA  A 1 10 ? -3.813  -2.609  -18.171 1.00 90.36  ? 10  DA  A C2    1 
ATOM   201 N  N3    . DA  A 1 10 ? -3.079  -2.040  -19.126 1.00 80.23  ? 10  DA  A N3    1 
ATOM   202 C  C4    . DA  A 1 10 ? -3.747  -1.036  -19.702 1.00 86.13  ? 10  DA  A C4    1 
ATOM   203 O  "O5'" . DT  B 1 1  ? -6.656  -9.250  -12.478 1.00 122.01 ? 1   DT  B "O5'" 1 
ATOM   204 C  "C5'" . DT  B 1 1  ? -5.448  -9.898  -12.848 1.00 122.51 ? 1   DT  B "C5'" 1 
ATOM   205 C  "C4'" . DT  B 1 1  ? -4.397  -8.890  -13.301 1.00 113.71 ? 1   DT  B "C4'" 1 
ATOM   206 O  "O4'" . DT  B 1 1  ? -4.871  -8.182  -14.466 1.00 111.79 ? 1   DT  B "O4'" 1 
ATOM   207 C  "C3'" . DT  B 1 1  ? -4.067  -7.797  -12.303 1.00 99.49  ? 1   DT  B "C3'" 1 
ATOM   208 O  "O3'" . DT  B 1 1  ? -3.085  -8.258  -11.376 1.00 97.98  ? 1   DT  B "O3'" 1 
ATOM   209 C  "C2'" . DT  B 1 1  ? -3.490  -6.715  -13.209 1.00 97.53  ? 1   DT  B "C2'" 1 
ATOM   210 C  "C1'" . DT  B 1 1  ? -4.271  -6.903  -14.510 1.00 100.93 ? 1   DT  B "C1'" 1 
ATOM   211 N  N1    . DT  B 1 1  ? -5.330  -5.885  -14.708 1.00 100.75 ? 1   DT  B N1    1 
ATOM   212 C  C2    . DT  B 1 1  ? -5.160  -4.930  -15.676 1.00 90.63  ? 1   DT  B C2    1 
ATOM   213 O  O2    . DT  B 1 1  ? -4.185  -4.886  -16.397 1.00 86.83  ? 1   DT  B O2    1 
ATOM   214 N  N3    . DT  B 1 1  ? -6.186  -4.030  -15.784 1.00 89.74  ? 1   DT  B N3    1 
ATOM   215 C  C4    . DT  B 1 1  ? -7.341  -3.992  -15.030 1.00 106.23 ? 1   DT  B C4    1 
ATOM   216 O  O4    . DT  B 1 1  ? -8.207  -3.142  -15.208 1.00 112.29 ? 1   DT  B O4    1 
ATOM   217 C  C5    . DT  B 1 1  ? -7.457  -5.025  -14.019 1.00 104.80 ? 1   DT  B C5    1 
ATOM   218 C  C7    . DT  B 1 1  ? -8.665  -5.089  -13.134 1.00 111.70 ? 1   DT  B C7    1 
ATOM   219 C  C6    . DT  B 1 1  ? -6.456  -5.912  -13.909 1.00 107.64 ? 1   DT  B C6    1 
ATOM   220 P  P     . DC  B 1 2  ? -3.124  -7.798  -9.827  1.00 109.34 ? 2   DC  B P     1 
ATOM   221 O  OP1   . DC  B 1 2  ? -2.652  -8.979  -9.045  1.00 100.65 ? 2   DC  B OP1   1 
ATOM   222 O  OP2   . DC  B 1 2  ? -4.475  -7.240  -9.556  1.00 106.39 ? 2   DC  B OP2   1 
ATOM   223 O  "O5'" . DC  B 1 2  ? -2.084  -6.560  -9.733  1.00 89.04  ? 2   DC  B "O5'" 1 
ATOM   224 C  "C5'" . DC  B 1 2  ? -0.701  -6.767  -10.007 1.00 78.85  ? 2   DC  B "C5'" 1 
ATOM   225 C  "C4'" . DC  B 1 2  ? 0.120   -5.491  -9.815  1.00 62.30  ? 2   DC  B "C4'" 1 
ATOM   226 O  "O4'" . DC  B 1 2  ? -0.401  -4.422  -10.622 1.00 64.11  ? 2   DC  B "O4'" 1 
ATOM   227 C  "C3'" . DC  B 1 2  ? 0.164   -4.924  -8.405  1.00 60.78  ? 2   DC  B "C3'" 1 
ATOM   228 O  "O3'" . DC  B 1 2  ? 1.170   -5.623  -7.655  1.00 62.49  ? 2   DC  B "O3'" 1 
ATOM   229 C  "C2'" . DC  B 1 2  ? 0.544   -3.458  -8.656  1.00 60.18  ? 2   DC  B "C2'" 1 
ATOM   230 C  "C1'" . DC  B 1 2  ? 0.025   -3.189  -10.093 1.00 55.50  ? 2   DC  B "C1'" 1 
ATOM   231 N  N1    . DC  B 1 2  ? -1.130  -2.246  -10.169 1.00 62.41  ? 2   DC  B N1    1 
ATOM   232 C  C2    . DC  B 1 2  ? -1.072  -1.132  -11.028 1.00 60.84  ? 2   DC  B C2    1 
ATOM   233 O  O2    . DC  B 1 2  ? -0.053  -0.927  -11.699 1.00 54.83  ? 2   DC  B O2    1 
ATOM   234 N  N3    . DC  B 1 2  ? -2.123  -0.297  -11.085 1.00 65.52  ? 2   DC  B N3    1 
ATOM   235 C  C4    . DC  B 1 2  ? -3.192  -0.524  -10.366 1.00 72.99  ? 2   DC  B C4    1 
ATOM   236 N  N4    . DC  B 1 2  ? -4.199  0.340   -10.484 1.00 72.31  ? 2   DC  B N4    1 
ATOM   237 C  C5    . DC  B 1 2  ? -3.304  -1.653  -9.500  1.00 76.13  ? 2   DC  B C5    1 
ATOM   238 C  C6    . DC  B 1 2  ? -2.247  -2.481  -9.426  1.00 71.30  ? 2   DC  B C6    1 
ATOM   239 P  P     . DG  B 1 3  ? 1.533   -5.219  -6.136  1.00 67.37  ? 3   DG  B P     1 
ATOM   240 O  OP1   . DG  B 1 3  ? 2.252   -6.361  -5.533  1.00 68.72  ? 3   DG  B OP1   1 
ATOM   241 O  OP2   . DG  B 1 3  ? 0.330   -4.645  -5.468  1.00 70.63  ? 3   DG  B OP2   1 
ATOM   242 O  "O5'" . DG  B 1 3  ? 2.606   -4.060  -6.320  1.00 58.01  ? 3   DG  B "O5'" 1 
ATOM   243 C  "C5'" . DG  B 1 3  ? 3.871   -4.362  -6.870  1.00 58.75  ? 3   DG  B "C5'" 1 
ATOM   244 C  "C4'" . DG  B 1 3  ? 4.569   -3.079  -7.265  1.00 69.50  ? 3   DG  B "C4'" 1 
ATOM   245 O  "O4'" . DG  B 1 3  ? 3.736   -2.358  -8.196  1.00 62.76  ? 3   DG  B "O4'" 1 
ATOM   246 C  "C3'" . DG  B 1 3  ? 4.807   -2.134  -6.109  1.00 71.42  ? 3   DG  B "C3'" 1 
ATOM   247 O  "O3'" . DG  B 1 3  ? 6.097   -2.404  -5.576  1.00 75.14  ? 3   DG  B "O3'" 1 
ATOM   248 C  "C2'" . DG  B 1 3  ? 4.727   -0.750  -6.746  1.00 61.76  ? 3   DG  B "C2'" 1 
ATOM   249 C  "C1'" . DG  B 1 3  ? 3.791   -0.965  -7.950  1.00 61.25  ? 3   DG  B "C1'" 1 
ATOM   250 N  N9    . DG  B 1 3  ? 2.413   -0.501  -7.770  1.00 54.01  ? 3   DG  B N9    1 
ATOM   251 C  C8    . DG  B 1 3  ? 1.532   -0.875  -6.788  1.00 56.65  ? 3   DG  B C8    1 
ATOM   252 N  N7    . DG  B 1 3  ? 0.334   -0.338  -6.925  1.00 55.79  ? 3   DG  B N7    1 
ATOM   253 C  C5    . DG  B 1 3  ? 0.438   0.455   -8.062  1.00 55.21  ? 3   DG  B C5    1 
ATOM   254 C  C6    . DG  B 1 3  ? -0.524  1.272   -8.683  1.00 54.44  ? 3   DG  B C6    1 
ATOM   255 O  O6    . DG  B 1 3  ? -1.687  1.466   -8.338  1.00 58.08  ? 3   DG  B O6    1 
ATOM   256 N  N1    . DG  B 1 3  ? -0.025  1.895   -9.830  1.00 60.75  ? 3   DG  B N1    1 
ATOM   257 C  C2    . DG  B 1 3  ? 1.237   1.741   -10.302 1.00 63.99  ? 3   DG  B C2    1 
ATOM   258 N  N2    . DG  B 1 3  ? 1.534   2.428   -11.409 1.00 61.03  ? 3   DG  B N2    1 
ATOM   259 N  N3    . DG  B 1 3  ? 2.176   0.954   -9.731  1.00 57.50  ? 3   DG  B N3    1 
ATOM   260 C  C4    . DG  B 1 3  ? 1.701   0.350   -8.613  1.00 60.31  ? 3   DG  B C4    1 
ATOM   261 P  P     . DG  B 1 4  ? 6.326   -2.427  -3.989  1.00 73.37  ? 4   DG  B P     1 
ATOM   262 O  OP1   . DG  B 1 4  ? 7.682   -2.955  -3.786  1.00 67.70  ? 4   DG  B OP1   1 
ATOM   263 O  OP2   . DG  B 1 4  ? 5.172   -3.061  -3.330  1.00 73.43  ? 4   DG  B OP2   1 
ATOM   264 O  "O5'" . DG  B 1 4  ? 6.282   -0.884  -3.601  1.00 74.84  ? 4   DG  B "O5'" 1 
ATOM   265 C  "C5'" . DG  B 1 4  ? 7.239   -0.011  -4.157  1.00 72.13  ? 4   DG  B "C5'" 1 
ATOM   266 C  "C4'" . DG  B 1 4  ? 6.996   1.398   -3.696  1.00 65.56  ? 4   DG  B "C4'" 1 
ATOM   267 O  "O4'" . DG  B 1 4  ? 5.708   1.842   -4.178  1.00 53.82  ? 4   DG  B "O4'" 1 
ATOM   268 C  "C3'" . DG  B 1 4  ? 6.972   1.596   -2.189  1.00 66.38  ? 4   DG  B "C3'" 1 
ATOM   269 O  "O3'" . DG  B 1 4  ? 7.634   2.816   -1.895  1.00 75.28  ? 4   DG  B "O3'" 1 
ATOM   270 C  "C2'" . DG  B 1 4  ? 5.470   1.654   -1.862  1.00 67.25  ? 4   DG  B "C2'" 1 
ATOM   271 C  "C1'" . DG  B 1 4  ? 4.922   2.339   -3.116  1.00 55.45  ? 4   DG  B "C1'" 1 
ATOM   272 N  N9    . DG  B 1 4  ? 3.526   2.028   -3.442  1.00 59.91  ? 4   DG  B N9    1 
ATOM   273 C  C8    . DG  B 1 4  ? 2.938   0.778   -3.484  1.00 70.74  ? 4   DG  B C8    1 
ATOM   274 N  N7    . DG  B 1 4  ? 1.679   0.810   -3.856  1.00 63.79  ? 4   DG  B N7    1 
ATOM   275 C  C5    . DG  B 1 4  ? 1.423   2.169   -4.080  1.00 67.73  ? 4   DG  B C5    1 
ATOM   276 C  C6    . DG  B 1 4  ? 0.235   2.823   -4.494  1.00 64.36  ? 4   DG  B C6    1 
ATOM   277 O  O6    . DG  B 1 4  ? -0.867  2.321   -4.761  1.00 59.85  ? 4   DG  B O6    1 
ATOM   278 N  N1    . DG  B 1 4  ? 0.411   4.196   -4.605  1.00 56.91  ? 4   DG  B N1    1 
ATOM   279 C  C2    . DG  B 1 4  ? 1.567   4.865   -4.320  1.00 66.87  ? 4   DG  B C2    1 
ATOM   280 N  N2    . DG  B 1 4  ? 1.538   6.206   -4.487  1.00 58.32  ? 4   DG  B N2    1 
ATOM   281 N  N3    . DG  B 1 4  ? 2.690   4.272   -3.948  1.00 70.68  ? 4   DG  B N3    1 
ATOM   282 C  C4    . DG  B 1 4  ? 2.544   2.924   -3.840  1.00 68.34  ? 4   DG  B C4    1 
ATOM   283 P  P     . DC  B 1 5  ? 8.085   3.151   -0.391  1.00 73.25  ? 5   DC  B P     1 
ATOM   284 O  OP1   . DC  B 1 5  ? 9.531   3.402   -0.414  1.00 83.26  ? 5   DC  B OP1   1 
ATOM   285 O  OP2   . DC  B 1 5  ? 7.518   2.133   0.528   1.00 61.57  ? 5   DC  B OP2   1 
ATOM   286 O  "O5'" . DC  B 1 5  ? 7.314   4.517   -0.088  1.00 67.16  ? 5   DC  B "O5'" 1 
ATOM   287 C  "C5'" . DC  B 1 5  ? 7.624   5.675   -0.830  1.00 68.80  ? 5   DC  B "C5'" 1 
ATOM   288 C  "C4'" . DC  B 1 5  ? 6.730   6.830   -0.412  1.00 63.44  ? 5   DC  B "C4'" 1 
ATOM   289 O  "O4'" . DC  B 1 5  ? 5.482   6.753   -1.124  1.00 61.64  ? 5   DC  B "O4'" 1 
ATOM   290 C  "C3'" . DC  B 1 5  ? 6.372   6.832   1.066   1.00 63.83  ? 5   DC  B "C3'" 1 
ATOM   291 O  "O3'" . DC  B 1 5  ? 7.297   7.653   1.746   1.00 78.00  ? 5   DC  B "O3'" 1 
ATOM   292 C  "C2'" . DC  B 1 5  ? 4.968   7.439   1.101   1.00 70.54  ? 5   DC  B "C2'" 1 
ATOM   293 C  "C1'" . DC  B 1 5  ? 4.399   7.078   -0.275  1.00 65.27  ? 5   DC  B "C1'" 1 
ATOM   294 N  N1    . DC  B 1 5  ? 3.468   5.901   -0.271  1.00 61.00  ? 5   DC  B N1    1 
ATOM   295 C  C2    . DC  B 1 5  ? 2.188   6.058   -0.793  1.00 69.21  ? 5   DC  B C2    1 
ATOM   296 O  O2    . DC  B 1 5  ? 1.854   7.179   -1.240  1.00 61.68  ? 5   DC  B O2    1 
ATOM   297 N  N3    . DC  B 1 5  ? 1.350   4.990   -0.811  1.00 60.48  ? 5   DC  B N3    1 
ATOM   298 C  C4    . DC  B 1 5  ? 1.769   3.815   -0.379  1.00 66.43  ? 5   DC  B C4    1 
ATOM   299 N  N4    . DC  B 1 5  ? 0.899   2.795   -0.420  1.00 81.57  ? 5   DC  B N4    1 
ATOM   300 C  C5    . DC  B 1 5  ? 3.080   3.629   0.165   1.00 57.91  ? 5   DC  B C5    1 
ATOM   301 C  C6    . DC  B 1 5  ? 3.890   4.693   0.192   1.00 68.82  ? 5   DC  B C6    1 
ATOM   302 P  P     . DG  B 1 6  ? 7.656   7.345   3.275   1.00 89.12  ? 6   DG  B P     1 
ATOM   303 O  OP1   . DG  B 1 6  ? 8.909   8.074   3.597   1.00 86.88  ? 6   DG  B OP1   1 
ATOM   304 O  OP2   . DG  B 1 6  ? 7.578   5.878   3.493   1.00 78.42  ? 6   DG  B OP2   1 
ATOM   305 O  "O5'" . DG  B 1 6  ? 6.446   8.014   4.063   1.00 74.81  ? 6   DG  B "O5'" 1 
ATOM   306 C  "C5'" . DG  B 1 6  ? 6.177   9.388   3.901   1.00 77.97  ? 6   DG  B "C5'" 1 
ATOM   307 C  "C4'" . DG  B 1 6  ? 4.974   9.752   4.732   1.00 66.96  ? 6   DG  B "C4'" 1 
ATOM   308 O  "O4'" . DG  B 1 6  ? 3.842   8.980   4.245   1.00 70.19  ? 6   DG  B "O4'" 1 
ATOM   309 C  "C3'" . DG  B 1 6  ? 5.114   9.418   6.212   1.00 75.83  ? 6   DG  B "C3'" 1 
ATOM   310 O  "O3'" . DG  B 1 6  ? 4.484   10.424  7.011   1.00 84.27  ? 6   DG  B "O3'" 1 
ATOM   311 C  "C2'" . DG  B 1 6  ? 4.416   8.057   6.341   1.00 73.50  ? 6   DG  B "C2'" 1 
ATOM   312 C  "C1'" . DG  B 1 6  ? 3.338   8.146   5.259   1.00 74.30  ? 6   DG  B "C1'" 1 
ATOM   313 N  N9    . DG  B 1 6  ? 2.976   6.862   4.665   1.00 70.12  ? 6   DG  B N9    1 
ATOM   314 C  C8    . DG  B 1 6  ? 3.793   5.774   4.451   1.00 72.83  ? 6   DG  B C8    1 
ATOM   315 N  N7    . DG  B 1 6  ? 3.169   4.756   3.906   1.00 68.35  ? 6   DG  B N7    1 
ATOM   316 C  C5    . DG  B 1 6  ? 1.863   5.198   3.750   1.00 68.38  ? 6   DG  B C5    1 
ATOM   317 C  C6    . DG  B 1 6  ? 0.730   4.538   3.216   1.00 71.99  ? 6   DG  B C6    1 
ATOM   318 O  O6    . DG  B 1 6  ? 0.654   3.389   2.759   1.00 69.52  ? 6   DG  B O6    1 
ATOM   319 N  N1    . DG  B 1 6  ? -0.409  5.354   3.249   1.00 69.22  ? 6   DG  B N1    1 
ATOM   320 C  C2    . DG  B 1 6  ? -0.436  6.648   3.731   1.00 66.53  ? 6   DG  B C2    1 
ATOM   321 N  N2    . DG  B 1 6  ? -1.615  7.296   3.668   1.00 61.97  ? 6   DG  B N2    1 
ATOM   322 N  N3    . DG  B 1 6  ? 0.617   7.266   4.238   1.00 62.79  ? 6   DG  B N3    1 
ATOM   323 C  C4    . DG  B 1 6  ? 1.728   6.494   4.206   1.00 66.41  ? 6   DG  B C4    1 
ATOM   324 P  P     . DC  B 1 7  ? 4.710   10.431  8.603   1.00 91.36  ? 7   DC  B P     1 
ATOM   325 O  OP1   . DC  B 1 7  ? 4.938   11.836  8.995   1.00 98.79  ? 7   DC  B OP1   1 
ATOM   326 O  OP2   . DC  B 1 7  ? 5.677   9.360   8.970   1.00 85.55  ? 7   DC  B OP2   1 
ATOM   327 O  "O5'" . DC  B 1 7  ? 3.317   9.939   9.196   1.00 80.56  ? 7   DC  B "O5'" 1 
ATOM   328 C  "C5'" . DC  B 1 7  ? 2.138   10.663  8.914   1.00 79.35  ? 7   DC  B "C5'" 1 
ATOM   329 C  "C4'" . DC  B 1 7  ? 0.936   9.852   9.348   1.00 76.99  ? 7   DC  B "C4'" 1 
ATOM   330 O  "O4'" . DC  B 1 7  ? 0.620   8.914   8.307   1.00 74.68  ? 7   DC  B "O4'" 1 
ATOM   331 C  "C3'" . DC  B 1 7  ? 1.180   8.986   10.556  1.00 71.02  ? 7   DC  B "C3'" 1 
ATOM   332 O  "O3'" . DC  B 1 7  ? 0.933   9.721   11.738  1.00 81.72  ? 7   DC  B "O3'" 1 
ATOM   333 C  "C2'" . DC  B 1 7  ? 0.167   7.854   10.375  1.00 66.37  ? 7   DC  B "C2'" 1 
ATOM   334 C  "C1'" . DC  B 1 7  ? 0.001   7.784   8.856   1.00 60.86  ? 7   DC  B "C1'" 1 
ATOM   335 N  N1    . DC  B 1 7  ? 0.612   6.577   8.227   1.00 67.25  ? 7   DC  B N1    1 
ATOM   336 C  C2    . DC  B 1 7  ? -0.152  5.821   7.329   1.00 70.34  ? 7   DC  B C2    1 
ATOM   337 O  O2    . DC  B 1 7  ? -1.314  6.165   7.107   1.00 58.94  ? 7   DC  B O2    1 
ATOM   338 N  N3    . DC  B 1 7  ? 0.396   4.719   6.755   1.00 68.01  ? 7   DC  B N3    1 
ATOM   339 C  C4    . DC  B 1 7  ? 1.646   4.367   7.053   1.00 71.30  ? 7   DC  B C4    1 
ATOM   340 N  N4    . DC  B 1 7  ? 2.143   3.275   6.462   1.00 59.81  ? 7   DC  B N4    1 
ATOM   341 C  C5    . DC  B 1 7  ? 2.456   5.135   7.956   1.00 74.83  ? 7   DC  B C5    1 
ATOM   342 C  C6    . DC  B 1 7  ? 1.902   6.223   8.514   1.00 73.52  ? 7   DC  B C6    1 
ATOM   343 P  P     . DC  B 1 8  ? 1.807   9.410   13.050  1.00 83.31  ? 8   DC  B P     1 
ATOM   344 O  OP1   . DC  B 1 8  ? 1.577   10.502  14.034  1.00 82.31  ? 8   DC  B OP1   1 
ATOM   345 O  OP2   . DC  B 1 8  ? 3.165   9.082   12.560  1.00 85.15  ? 8   DC  B OP2   1 
ATOM   346 O  "O5'" . DC  B 1 8  ? 1.196   8.056   13.640  1.00 71.74  ? 8   DC  B "O5'" 1 
ATOM   347 C  "C5'" . DC  B 1 8  ? -0.119  8.040   14.163  1.00 70.19  ? 8   DC  B "C5'" 1 
ATOM   348 C  "C4'" . DC  B 1 8  ? -0.501  6.644   14.639  1.00 64.37  ? 8   DC  B "C4'" 1 
ATOM   349 O  "O4'" . DC  B 1 8  ? -0.557  5.777   13.509  1.00 67.85  ? 8   DC  B "O4'" 1 
ATOM   350 C  "C3'" . DC  B 1 8  ? 0.487   5.996   15.585  1.00 64.62  ? 8   DC  B "C3'" 1 
ATOM   351 O  "O3'" . DC  B 1 8  ? 0.101   6.278   16.907  1.00 72.31  ? 8   DC  B "O3'" 1 
ATOM   352 C  "C2'" . DC  B 1 8  ? 0.380   4.490   15.276  1.00 62.58  ? 8   DC  B "C2'" 1 
ATOM   353 C  "C1'" . DC  B 1 8  ? -0.314  4.449   13.906  1.00 61.56  ? 8   DC  B "C1'" 1 
ATOM   354 N  N1    . DC  B 1 8  ? 0.503   3.829   12.813  1.00 63.27  ? 8   DC  B N1    1 
ATOM   355 C  C2    . DC  B 1 8  ? 0.144   2.573   12.295  1.00 70.96  ? 8   DC  B C2    1 
ATOM   356 O  O2    . DC  B 1 8  ? -0.840  1.969   12.786  1.00 65.18  ? 8   DC  B O2    1 
ATOM   357 N  N3    . DC  B 1 8  ? 0.902   2.038   11.295  1.00 63.65  ? 8   DC  B N3    1 
ATOM   358 C  C4    . DC  B 1 8  ? 1.963   2.712   10.832  1.00 60.61  ? 8   DC  B C4    1 
ATOM   359 N  N4    . DC  B 1 8  ? 2.680   2.157   9.850   1.00 62.19  ? 8   DC  B N4    1 
ATOM   360 C  C5    . DC  B 1 8  ? 2.327   3.992   11.342  1.00 60.26  ? 8   DC  B C5    1 
ATOM   361 C  C6    . DC  B 1 8  ? 1.578   4.504   12.324  1.00 69.17  ? 8   DC  B C6    1 
ATOM   362 P  P     . DG  B 1 9  ? 1.109   6.027   18.129  1.00 79.75  ? 9   DG  B P     1 
ATOM   363 O  OP1   . DG  B 1 9  ? 0.727   6.964   19.231  1.00 78.03  ? 9   DG  B OP1   1 
ATOM   364 O  OP2   . DG  B 1 9  ? 2.481   6.003   17.570  1.00 68.24  ? 9   DG  B OP2   1 
ATOM   365 O  "O5'" . DG  B 1 9  ? 0.826   4.531   18.595  1.00 72.53  ? 9   DG  B "O5'" 1 
ATOM   366 C  "C5'" . DG  B 1 9  ? -0.445  4.118   18.979  1.00 64.56  ? 9   DG  B "C5'" 1 
ATOM   367 C  "C4'" . DG  B 1 9  ? -0.393  2.646   19.235  1.00 81.07  ? 9   DG  B "C4'" 1 
ATOM   368 O  "O4'" . DG  B 1 9  ? -0.425  1.986   17.950  1.00 62.33  ? 9   DG  B "O4'" 1 
ATOM   369 C  "C3'" . DG  B 1 9  ? 0.912   2.200   19.910  1.00 69.76  ? 9   DG  B "C3'" 1 
ATOM   370 O  "O3'" . DG  B 1 9  ? 0.736   2.095   21.322  1.00 91.32  ? 9   DG  B "O3'" 1 
ATOM   371 C  "C2'" . DG  B 1 9  ? 1.216   0.846   19.275  1.00 64.78  ? 9   DG  B "C2'" 1 
ATOM   372 C  "C1'" . DG  B 1 9  ? 0.518   0.933   17.904  1.00 62.42  ? 9   DG  B "C1'" 1 
ATOM   373 N  N9    . DG  B 1 9  ? 1.399   1.201   16.778  1.00 62.38  ? 9   DG  B N9    1 
ATOM   374 C  C8    . DG  B 1 9  ? 2.312   2.224   16.642  1.00 63.38  ? 9   DG  B C8    1 
ATOM   375 N  N7    . DG  B 1 9  ? 2.935   2.201   15.485  1.00 65.22  ? 9   DG  B N7    1 
ATOM   376 C  C5    . DG  B 1 9  ? 2.370   1.121   14.811  1.00 68.76  ? 9   DG  B C5    1 
ATOM   377 C  C6    . DG  B 1 9  ? 2.633   0.595   13.506  1.00 73.10  ? 9   DG  B C6    1 
ATOM   378 O  O6    . DG  B 1 9  ? 3.421   1.017   12.641  1.00 67.01  ? 9   DG  B O6    1 
ATOM   379 N  N1    . DG  B 1 9  ? 1.832   -0.515  13.226  1.00 67.72  ? 9   DG  B N1    1 
ATOM   380 C  C2    . DG  B 1 9  ? 0.896   -1.049  14.088  1.00 76.22  ? 9   DG  B C2    1 
ATOM   381 N  N2    . DG  B 1 9  ? 0.203   -2.121  13.647  1.00 73.44  ? 9   DG  B N2    1 
ATOM   382 N  N3    . DG  B 1 9  ? 0.653   -0.575  15.298  1.00 63.57  ? 9   DG  B N3    1 
ATOM   383 C  C4    . DG  B 1 9  ? 1.424   0.507   15.592  1.00 61.68  ? 9   DG  B C4    1 
ATOM   384 P  P     . DA  B 1 10 ? 1.789   1.259   22.209  1.00 97.53  ? 10  DA  B P     1 
ATOM   385 O  OP1   . DA  B 1 10 ? 1.577   1.606   23.634  1.00 96.83  ? 10  DA  B OP1   1 
ATOM   386 O  OP2   . DA  B 1 10 ? 3.128   1.447   21.614  1.00 88.69  ? 10  DA  B OP2   1 
ATOM   387 O  "O5'" . DA  B 1 10 ? 1.322   -0.270  21.965  1.00 94.91  ? 10  DA  B "O5'" 1 
ATOM   388 C  "C5'" . DA  B 1 10 ? 1.812   -1.323  22.806  1.00 93.19  ? 10  DA  B "C5'" 1 
ATOM   389 C  "C4'" . DA  B 1 10 ? 1.204   -2.662  22.405  1.00 84.81  ? 10  DA  B "C4'" 1 
ATOM   390 O  "O4'" . DA  B 1 10 ? 1.567   -2.968  21.035  1.00 79.69  ? 10  DA  B "O4'" 1 
ATOM   391 C  "C3'" . DA  B 1 10 ? 1.679   -3.847  23.236  1.00 91.75  ? 10  DA  B "C3'" 1 
ATOM   392 O  "O3'" . DA  B 1 10 ? 0.641   -4.851  23.350  1.00 94.99  ? 10  DA  B "O3'" 1 
ATOM   393 C  "C2'" . DA  B 1 10 ? 2.884   -4.357  22.460  1.00 82.59  ? 10  DA  B "C2'" 1 
ATOM   394 C  "C1'" . DA  B 1 10 ? 2.590   -3.948  21.014  1.00 87.85  ? 10  DA  B "C1'" 1 
ATOM   395 N  N9    . DA  B 1 10 ? 3.758   -3.378  20.356  1.00 88.59  ? 10  DA  B N9    1 
ATOM   396 C  C8    . DA  B 1 10 ? 4.495   -2.302  20.776  1.00 87.36  ? 10  DA  B C8    1 
ATOM   397 N  N7    . DA  B 1 10 ? 5.509   -2.021  20.000  1.00 84.60  ? 10  DA  B N7    1 
ATOM   398 C  C5    . DA  B 1 10 ? 5.455   -2.992  19.018  1.00 86.07  ? 10  DA  B C5    1 
ATOM   399 C  C6    . DA  B 1 10 ? 6.258   -3.241  17.893  1.00 84.58  ? 10  DA  B C6    1 
ATOM   400 N  N6    . DA  B 1 10 ? 7.317   -2.499  17.572  1.00 89.32  ? 10  DA  B N6    1 
ATOM   401 N  N1    . DA  B 1 10 ? 5.930   -4.288  17.111  1.00 93.23  ? 10  DA  B N1    1 
ATOM   402 C  C2    . DA  B 1 10 ? 4.860   -5.031  17.442  1.00 89.42  ? 10  DA  B C2    1 
ATOM   403 N  N3    . DA  B 1 10 ? 4.027   -4.890  18.469  1.00 78.99  ? 10  DA  B N3    1 
ATOM   404 C  C4    . DA  B 1 10 ? 4.382   -3.842  19.224  1.00 83.66  ? 10  DA  B C4    1 
HETATM 405 BA BA    . BA  C 2 .  ? 1.205   -1.092  4.239   1.00 65.50  ? 101 BA  A BA    1 
HETATM 406 C  C12   . KHN D 3 .  ? -3.286  -2.508  -13.661 1.00 60.80  ? 102 KHN A C12   1 
HETATM 407 C  C17   . KHN D 3 .  ? -0.745  -1.647  -16.130 1.00 62.82  ? 102 KHN A C17   1 
HETATM 408 C  C18   . KHN D 3 .  ? -1.262  -0.570  -16.814 1.00 68.83  ? 102 KHN A C18   1 
HETATM 409 C  C22   . KHN D 3 .  ? 0.802   -0.539  -18.186 1.00 76.30  ? 102 KHN A C22   1 
HETATM 410 C  C23   . KHN D 3 .  ? -0.545  -0.005  -17.815 1.00 69.30  ? 102 KHN A C23   1 
HETATM 411 C  C25   . KHN D 3 .  ? 3.881   -3.690  -16.142 1.00 57.03  ? 102 KHN A C25   1 
HETATM 412 C  C26   . KHN D 3 .  ? 4.809   -4.095  -17.018 1.00 66.79  ? 102 KHN A C26   1 
HETATM 413 C  C27   . KHN D 3 .  ? 4.431   -4.877  -18.173 1.00 58.63  ? 102 KHN A C27   1 
HETATM 414 C  C28   . KHN D 3 .  ? 2.176   -4.851  -17.493 1.00 55.25  ? 102 KHN A C28   1 
HETATM 415 C  C29   . KHN D 3 .  ? 3.205   -5.251  -18.400 1.00 55.02  ? 102 KHN A C29   1 
HETATM 416 C  C30   . KHN D 3 .  ? 2.781   -6.053  -19.567 1.00 63.65  ? 102 KHN A C30   1 
HETATM 417 C  C01   . KHN D 3 .  ? -6.771  2.259   -15.922 1.00 96.38  ? 102 KHN A C01   1 
HETATM 418 C  C02   . KHN D 3 .  ? -6.072  2.876   -16.960 1.00 99.30  ? 102 KHN A C02   1 
HETATM 419 C  C03   . KHN D 3 .  ? -4.818  2.415   -17.349 1.00 91.27  ? 102 KHN A C03   1 
HETATM 420 C  C04   . KHN D 3 .  ? -6.232  1.160   -15.226 1.00 97.26  ? 102 KHN A C04   1 
HETATM 421 C  C05   . KHN D 3 .  ? -4.955  0.684   -15.612 1.00 92.88  ? 102 KHN A C05   1 
HETATM 422 C  C06   . KHN D 3 .  ? -4.244  1.332   -16.689 1.00 85.35  ? 102 KHN A C06   1 
HETATM 423 C  C08   . KHN D 3 .  ? -3.211  -0.775  -15.352 1.00 76.37  ? 102 KHN A C08   1 
HETATM 424 C  C09   . KHN D 3 .  ? -2.513  -0.125  -16.422 1.00 75.62  ? 102 KHN A C09   1 
HETATM 425 C  C11   . KHN D 3 .  ? -2.665  -1.862  -14.676 1.00 72.48  ? 102 KHN A C11   1 
HETATM 426 C  C13   . KHN D 3 .  ? -2.641  -3.666  -12.980 1.00 66.69  ? 102 KHN A C13   1 
HETATM 427 C  C14   . KHN D 3 .  ? -1.436  -4.076  -13.388 1.00 56.61  ? 102 KHN A C14   1 
HETATM 428 C  C16   . KHN D 3 .  ? -1.423  -2.277  -15.076 1.00 60.25  ? 102 KHN A C16   1 
HETATM 429 C  C21   . KHN D 3 .  ? 1.298   -1.584  -17.521 1.00 71.38  ? 102 KHN A C21   1 
HETATM 430 C  C31   . KHN D 3 .  ? 1.475   -6.397  -19.739 1.00 61.68  ? 102 KHN A C31   1 
HETATM 431 C  C32   . KHN D 3 .  ? 0.432   -5.965  -18.775 1.00 55.73  ? 102 KHN A C32   1 
HETATM 432 C  C33   . KHN D 3 .  ? -0.832  -6.255  -18.884 1.00 54.96  ? 102 KHN A C33   1 
HETATM 433 C  C34   . KHN D 3 .  ? -1.802  -5.803  -17.918 1.00 57.86  ? 102 KHN A C34   1 
HETATM 434 C  C35   . KHN D 3 .  ? -1.415  -5.048  -16.856 1.00 60.57  ? 102 KHN A C35   1 
HETATM 435 C  C36   . KHN D 3 .  ? 0.889   -5.180  -17.663 1.00 49.94  ? 102 KHN A C36   1 
HETATM 436 C  C39   . KHN D 3 .  ? 2.409   -1.446  -13.903 1.00 51.98  ? 102 KHN A C39   1 
HETATM 437 C  C40   . KHN D 3 .  ? 3.199   -1.063  -12.900 1.00 54.47  ? 102 KHN A C40   1 
HETATM 438 C  C41   . KHN D 3 .  ? 3.658   -2.009  -11.912 1.00 61.20  ? 102 KHN A C41   1 
HETATM 439 C  C42   . KHN D 3 .  ? 3.341   -3.268  -11.963 1.00 63.64  ? 102 KHN A C42   1 
HETATM 440 C  C43   . KHN D 3 .  ? 2.502   -3.729  -13.034 1.00 54.91  ? 102 KHN A C43   1 
HETATM 441 C  C44   . KHN D 3 .  ? 3.789   -4.286  -10.998 1.00 72.91  ? 102 KHN A C44   1 
HETATM 442 C  C45   . KHN D 3 .  ? 3.417   -5.598  -11.125 1.00 74.39  ? 102 KHN A C45   1 
HETATM 443 C  C46   . KHN D 3 .  ? 2.546   -6.033  -12.246 1.00 65.06  ? 102 KHN A C46   1 
HETATM 444 C  C47   . KHN D 3 .  ? 2.127   -5.009  -13.162 1.00 57.81  ? 102 KHN A C47   1 
HETATM 445 C  C49   . KHN D 3 .  ? 2.141   -7.255  -12.433 1.00 64.97  ? 102 KHN A C49   1 
HETATM 446 C  C50   . KHN D 3 .  ? 1.287   -7.624  -13.539 1.00 64.24  ? 102 KHN A C50   1 
HETATM 447 C  C51   . KHN D 3 .  ? 0.866   -6.692  -14.431 1.00 65.01  ? 102 KHN A C51   1 
HETATM 448 N  N07   . KHN D 3 .  ? -4.425  -0.331  -14.994 1.00 88.20  ? 102 KHN A N07   1 
HETATM 449 N  N10   . KHN D 3 .  ? -3.074  0.922   -17.063 1.00 87.91  ? 102 KHN A N10   1 
HETATM 450 N  N15   . KHN D 3 .  ? -0.818  -3.352  -14.430 1.00 55.78  ? 102 KHN A N15   1 
HETATM 451 N  N20   . KHN D 3 .  ? 0.516   -2.117  -16.474 1.00 66.80  ? 102 KHN A N20   1 
HETATM 452 N  N24   . KHN D 3 .  ? 2.557   -4.108  -16.386 1.00 57.32  ? 102 KHN A N24   1 
HETATM 453 N  N37   . KHN D 3 .  ? -0.050  -4.737  -16.756 1.00 48.62  ? 102 KHN A N37   1 
HETATM 454 N  N38   . KHN D 3 .  ? 2.062   -2.789  -13.942 1.00 52.44  ? 102 KHN A N38   1 
HETATM 455 N  N48   . KHN D 3 .  ? 1.292   -5.359  -14.219 1.00 61.22  ? 102 KHN A N48   1 
HETATM 456 N  N66   . KHN D 3 .  ? -6.986  0.553   -14.167 1.00 103.17 ? 102 KHN A N66   1 
HETATM 457 O  O67   . KHN D 3 .  ? -8.153  0.770   -14.074 1.00 108.41 ? 102 KHN A O67   1 
HETATM 458 O  O68   . KHN D 3 .  ? -6.437  -0.249  -13.280 1.00 112.65 ? 102 KHN A O68   1 
HETATM 459 RU RU    . KHN D 3 .  ? 0.929   -3.707  -15.329 1.00 57.30  ? 102 KHN A RU    1 
HETATM 460 H  H54   . KHN D 3 .  ? -4.127  -2.226  -13.385 1.00 73.02  ? 102 KHN A H54   1 
HETATM 461 H  H79   . KHN D 3 .  ? 1.288   -0.146  -18.874 1.00 91.62  ? 102 KHN A H79   1 
HETATM 462 H  H57   . KHN D 3 .  ? -0.893  0.724   -18.275 1.00 83.22  ? 102 KHN A H57   1 
HETATM 463 H  H58   . KHN D 3 .  ? 4.099   -3.162  -15.410 1.00 68.50  ? 102 KHN A H58   1 
HETATM 464 H  H59   . KHN D 3 .  ? 5.700   -3.872  -16.883 1.00 80.21  ? 102 KHN A H59   1 
HETATM 465 H  H60   . KHN D 3 .  ? 5.090   -5.124  -18.779 1.00 70.42  ? 102 KHN A H60   1 
HETATM 466 H  H61   . KHN D 3 .  ? 3.414   -6.327  -20.191 1.00 76.44  ? 102 KHN A H61   1 
HETATM 467 H  H69   . KHN D 3 .  ? -7.608  2.595   -15.700 1.00 115.71 ? 102 KHN A H69   1 
HETATM 468 H  H52   . KHN D 3 .  ? -6.450  3.603   -17.398 1.00 119.22 ? 102 KHN A H52   1 
HETATM 469 H  H53   . KHN D 3 .  ? -4.371  2.835   -18.048 1.00 109.59 ? 102 KHN A H53   1 
HETATM 470 H  H55   . KHN D 3 .  ? -3.071  -4.099  -12.279 1.00 80.09  ? 102 KHN A H55   1 
HETATM 471 H  H56   . KHN D 3 .  ? -1.020  -4.810  -12.999 1.00 67.99  ? 102 KHN A H56   1 
HETATM 472 H  H78   . KHN D 3 .  ? 2.125   -1.946  -17.739 1.00 85.72  ? 102 KHN A H78   1 
HETATM 473 H  H62   . KHN D 3 .  ? 1.231   -6.912  -20.474 1.00 74.07  ? 102 KHN A H62   1 
HETATM 474 H  H63   . KHN D 3 .  ? -1.116  -6.768  -19.605 1.00 66.01  ? 102 KHN A H63   1 
HETATM 475 H  H64   . KHN D 3 .  ? -2.697  -6.027  -18.022 1.00 69.49  ? 102 KHN A H64   1 
HETATM 476 H  H65   . KHN D 3 .  ? -2.027  -4.752  -16.224 1.00 72.74  ? 102 KHN A H65   1 
HETATM 477 H  H70   . KHN D 3 .  ? 2.106   -0.845  -14.543 1.00 62.44  ? 102 KHN A H70   1 
HETATM 478 H  H71   . KHN D 3 .  ? 3.457   -0.173  -12.837 1.00 65.43  ? 102 KHN A H71   1 
HETATM 479 H  H72   . KHN D 3 .  ? 4.198   -1.709  -11.218 1.00 73.50  ? 102 KHN A H72   1 
HETATM 480 H  H73   . KHN D 3 .  ? 4.334   -4.033  -10.290 1.00 87.55  ? 102 KHN A H73   1 
HETATM 481 H  H74   . KHN D 3 .  ? 3.712   -6.223  -10.503 1.00 89.33  ? 102 KHN A H74   1 
HETATM 482 H  H75   . KHN D 3 .  ? 2.411   -7.913  -11.834 1.00 78.02  ? 102 KHN A H75   1 
HETATM 483 H  H76   . KHN D 3 .  ? 1.025   -8.510  -13.640 1.00 77.15  ? 102 KHN A H76   1 
HETATM 484 H  H77   . KHN D 3 .  ? 0.322   -6.918  -15.148 1.00 78.07  ? 102 KHN A H77   1 
HETATM 485 BA BA    . BA  E 2 .  ? -1.035  -0.543  -4.404  1.00 65.09  ? 101 BA  B BA    1 
HETATM 486 C  C12   . KHN F 3 .  ? 4.237   -4.177  12.954  1.00 61.27  ? 102 KHN B C12   1 
HETATM 487 C  C17   . KHN F 3 .  ? 1.618   -4.519  15.472  1.00 61.45  ? 102 KHN B C17   1 
HETATM 488 C  C18   . KHN F 3 .  ? 1.836   -3.494  16.359  1.00 71.12  ? 102 KHN B C18   1 
HETATM 489 C  C22   . KHN F 3 .  ? -0.126  -4.290  17.650  1.00 80.33  ? 102 KHN B C22   1 
HETATM 490 C  C23   . KHN F 3 .  ? 1.011   -3.349  17.424  1.00 70.55  ? 102 KHN B C23   1 
HETATM 491 C  C25   . KHN F 3 .  ? -2.257  -7.761  14.927  1.00 54.86  ? 102 KHN B C25   1 
HETATM 492 C  C26   . KHN F 3 .  ? -3.010  -8.576  15.672  1.00 64.98  ? 102 KHN B C26   1 
HETATM 493 C  C27   . KHN F 3 .  ? -2.408  -9.442  16.658  1.00 62.90  ? 102 KHN B C27   1 
HETATM 494 C  C28   . KHN F 3 .  ? -0.271  -8.645  16.080  1.00 52.11  ? 102 KHN B C28   1 
HETATM 495 C  C29   . KHN F 3 .  ? -1.124  -9.502  16.848  1.00 51.59  ? 102 KHN B C29   1 
HETATM 496 C  C30   . KHN F 3 .  ? -0.478  -10.383 17.840  1.00 62.13  ? 102 KHN B C30   1 
HETATM 497 C  C01   . KHN F 3 .  ? 6.335   0.861   16.195  1.00 94.02  ? 102 KHN B C01   1 
HETATM 498 C  C02   . KHN F 3 .  ? 5.515   1.050   17.306  1.00 97.87  ? 102 KHN B C02   1 
HETATM 499 C  C03   . KHN F 3 .  ? 4.447   0.197   17.560  1.00 92.41  ? 102 KHN B C03   1 
HETATM 500 C  C04   . KHN F 3 .  ? 6.108   -0.191  15.284  1.00 97.03  ? 102 KHN B C04   1 
HETATM 501 C  C05   . KHN F 3 .  ? 5.017   -1.068  15.531  1.00 94.82  ? 102 KHN B C05   1 
HETATM 502 C  C06   . KHN F 3 .  ? 4.178   -0.856  16.689  1.00 85.02  ? 102 KHN B C06   1 
HETATM 503 C  C08   . KHN F 3 .  ? 3.735   -2.877  14.947  1.00 76.67  ? 102 KHN B C08   1 
HETATM 504 C  C09   . KHN F 3 .  ? 2.909   -2.660  16.098  1.00 80.94  ? 102 KHN B C09   1 
HETATM 505 C  C11   . KHN F 3 .  ? 3.493   -3.926  14.059  1.00 72.90  ? 102 KHN B C11   1 
HETATM 506 C  C13   . KHN F 3 .  ? 3.911   -5.324  12.050  1.00 67.47  ? 102 KHN B C13   1 
HETATM 507 C  C14   . KHN F 3 .  ? 2.875   -6.119  12.342  1.00 61.86  ? 102 KHN B C14   1 
HETATM 508 C  C16   . KHN F 3 .  ? 2.417   -4.727  14.336  1.00 58.40  ? 102 KHN B C16   1 
HETATM 509 C  C21   . KHN F 3 .  ? -0.334  -5.287  16.786  1.00 74.23  ? 102 KHN B C21   1 
HETATM 510 C  C31   . KHN F 3 .  ? 0.876   -10.367 17.990  1.00 61.33  ? 102 KHN B C31   1 
HETATM 511 C  C32   . KHN F 3 .  ? 1.734   -9.467  17.181  1.00 55.57  ? 102 KHN B C32   1 
HETATM 512 C  C33   . KHN F 3 .  ? 3.029   -9.413  17.273  1.00 58.59  ? 102 KHN B C33   1 
HETATM 513 C  C34   . KHN F 3 .  ? 3.811   -8.525  16.451  1.00 61.43  ? 102 KHN B C34   1 
HETATM 514 C  C35   . KHN F 3 .  ? 3.215   -7.697  15.553  1.00 64.35  ? 102 KHN B C35   1 
HETATM 515 C  C36   . KHN F 3 .  ? 1.058   -8.629  16.228  1.00 51.76  ? 102 KHN B C36   1 
HETATM 516 C  C39   . KHN F 3 .  ? -1.495  -4.740  13.227  1.00 53.49  ? 102 KHN B C39   1 
HETATM 517 C  C40   . KHN F 3 .  ? -2.364  -4.389  12.275  1.00 59.07  ? 102 KHN B C40   1 
HETATM 518 C  C41   . KHN F 3 .  ? -2.572  -5.228  11.116  1.00 64.24  ? 102 KHN B C41   1 
HETATM 519 C  C42   . KHN F 3 .  ? -1.936  -6.346  10.946  1.00 64.26  ? 102 KHN B C42   1 
HETATM 520 C  C43   . KHN F 3 .  ? -0.990  -6.762  11.938  1.00 53.76  ? 102 KHN B C43   1 
HETATM 521 C  C44   . KHN F 3 .  ? -2.107  -7.242  9.786   1.00 74.48  ? 102 KHN B C44   1 
HETATM 522 C  C45   . KHN F 3 .  ? -1.402  -8.410  9.680   1.00 74.35  ? 102 KHN B C45   1 
HETATM 523 C  C46   . KHN F 3 .  ? -0.430  -8.799  10.728  1.00 66.73  ? 102 KHN B C46   1 
HETATM 524 C  C47   . KHN F 3 .  ? -0.289  -7.894  11.834  1.00 55.65  ? 102 KHN B C47   1 
HETATM 525 C  C49   . KHN F 3 .  ? 0.282   -9.890  10.701  1.00 65.44  ? 102 KHN B C49   1 
HETATM 526 C  C50   . KHN F 3 .  ? 1.217   -10.224 11.757  1.00 66.50  ? 102 KHN B C50   1 
HETATM 527 C  C51   . KHN F 3 .  ? 1.386   -9.397  12.818  1.00 69.70  ? 102 KHN B C51   1 
HETATM 528 N  N07   . KHN F 3 .  ? 4.769   -2.055  14.718  1.00 88.58  ? 102 KHN B N07   1 
HETATM 529 N  N10   . KHN F 3 .  ? 3.172   -1.636  16.943  1.00 89.44  ? 102 KHN B N10   1 
HETATM 530 N  N15   . KHN F 3 .  ? 2.119   -5.789  13.488  1.00 54.51  ? 102 KHN B N15   1 
HETATM 531 N  N20   . KHN F 3 .  ? 0.548   -5.380  15.686  1.00 65.40  ? 102 KHN B N20   1 
HETATM 532 N  N24   . KHN F 3 .  ? -0.868  -7.822  15.134  1.00 48.86  ? 102 KHN B N24   1 
HETATM 533 N  N37   . KHN F 3 .  ? 1.812   -7.752  15.465  1.00 51.73  ? 102 KHN B N37   1 
HETATM 534 N  N38   . KHN F 3 .  ? -0.805  -5.931  13.020  1.00 53.79  ? 102 KHN B N38   1 
HETATM 535 N  N48   . KHN F 3 .  ? 0.616   -8.213  12.834  1.00 60.19  ? 102 KHN B N48   1 
HETATM 536 N  N66   . KHN F 3 .  ? 6.985   -0.342  14.157  1.00 103.46 ? 102 KHN B N66   1 
HETATM 537 O  O67   . KHN F 3 .  ? 8.043   0.201   14.155  1.00 107.80 ? 102 KHN B O67   1 
HETATM 538 O  O68   . KHN F 3 .  ? 6.666   -1.065  13.104  1.00 111.01 ? 102 KHN B O68   1 
HETATM 539 RU RU    . KHN F 3 .  ? 0.550   -6.765  14.241  1.00 55.43  ? 102 KHN B RU    1 
HETATM 540 H  H54   . KHN F 3 .  ? 4.960   -3.630  12.756  1.00 73.59  ? 102 KHN B H54   1 
HETATM 541 H  H79   . KHN F 3 .  ? -0.685  -4.183  18.385  1.00 96.46  ? 102 KHN B H79   1 
HETATM 542 H  H57   . KHN F 3 .  ? 1.156   -2.654  18.023  1.00 84.72  ? 102 KHN B H57   1 
HETATM 543 H  H58   . KHN F 3 .  ? -2.633  -7.182  14.304  1.00 65.89  ? 102 KHN B H58   1 
HETATM 544 H  H59   . KHN F 3 .  ? -3.932  -8.586  15.552  1.00 78.04  ? 102 KHN B H59   1 
HETATM 545 H  H60   . KHN F 3 .  ? -2.961  -9.978  17.178  1.00 75.54  ? 102 KHN B H60   1 
HETATM 546 H  H61   . KHN F 3 .  ? -0.995  -10.951 18.363  1.00 74.61  ? 102 KHN B H61   1 
HETATM 547 H  H69   . KHN F 3 .  ? 7.041   1.451   16.070  1.00 112.89 ? 102 KHN B H69   1 
HETATM 548 H  H52   . KHN F 3 .  ? 5.684   1.755   17.887  1.00 117.50 ? 102 KHN B H52   1 
HETATM 549 H  H53   . KHN F 3 .  ? 3.917   0.334   18.311  1.00 110.96 ? 102 KHN B H53   1 
HETATM 550 H  H55   . KHN F 3 .  ? 4.425   -5.484  11.292  1.00 81.03  ? 102 KHN B H55   1 
HETATM 551 H  H56   . KHN F 3 .  ? 2.663   -6.854  11.815  1.00 74.29  ? 102 KHN B H56   1 
HETATM 552 H  H78   . KHN F 3 .  ? -1.029  -5.894  16.904  1.00 89.14  ? 102 KHN B H78   1 
HETATM 553 H  H62   . KHN F 3 .  ? 1.271   -10.932 18.614  1.00 73.65  ? 102 KHN B H62   1 
HETATM 554 H  H63   . KHN F 3 .  ? 3.462   -9.963  17.885  1.00 70.37  ? 102 KHN B H63   1 
HETATM 555 H  H64   . KHN F 3 .  ? 4.736   -8.517  16.537  1.00 73.77  ? 102 KHN B H64   1 
HETATM 556 H  H65   . KHN F 3 .  ? 3.712   -7.122  15.019  1.00 77.28  ? 102 KHN B H65   1 
HETATM 557 H  H70   . KHN F 3 .  ? -1.359  -4.218  13.984  1.00 64.24  ? 102 KHN B H70   1 
HETATM 558 H  H71   . KHN F 3 .  ? -2.842  -3.596  12.359  1.00 70.94  ? 102 KHN B H71   1 
HETATM 559 H  H72   . KHN F 3 .  ? -3.184  -4.958  10.471  1.00 77.15  ? 102 KHN B H72   1 
HETATM 560 H  H73   . KHN F 3 .  ? -2.707  -7.009  9.115   1.00 89.44  ? 102 KHN B H73   1 
HETATM 561 H  H74   . KHN F 3 .  ? -1.533  -8.963  8.945   1.00 89.28  ? 102 KHN B H74   1 
HETATM 562 H  H75   . KHN F 3 .  ? 0.189   -10.471 9.982   1.00 78.59  ? 102 KHN B H75   1 
HETATM 563 H  H76   . KHN F 3 .  ? 1.704   -11.013 11.708  1.00 79.86  ? 102 KHN B H76   1 
HETATM 564 H  H77   . KHN F 3 .  ? 1.982   -9.599  13.501  1.00 83.70  ? 102 KHN B H77   1 
HETATM 565 O  O     . HOH G 4 .  ? 2.072   -3.472  4.891   1.00 67.44  ? 201 HOH A O     1 
HETATM 566 O  O     . HOH G 4 .  ? -0.259  -0.910  1.911   1.00 77.25  ? 202 HOH A O     1 
HETATM 567 O  O     . HOH G 4 .  ? -5.584  2.277   -6.191  1.00 73.60  ? 203 HOH A O     1 
HETATM 568 O  O     . HOH G 4 .  ? -0.072  -3.245  3.287   1.00 58.00  ? 204 HOH A O     1 
HETATM 569 O  O     . HOH G 4 .  ? -2.789  1.141   -2.942  1.00 57.16  ? 205 HOH A O     1 
HETATM 570 O  O     . HOH G 4 .  ? -4.507  5.756   -25.150 1.00 94.17  ? 206 HOH A O     1 
HETATM 571 O  O     . HOH G 4 .  ? 2.936   -0.106  5.867   1.00 50.21  ? 207 HOH A O     1 
HETATM 572 O  O     . HOH G 4 .  ? -5.220  1.469   -3.302  1.00 70.70  ? 208 HOH A O     1 
HETATM 573 O  O     . HOH G 4 .  ? -12.409 0.054   2.860   1.00 84.69  ? 209 HOH A O     1 
HETATM 574 O  O     . HOH G 4 .  ? -2.516  -0.878  0.146   1.00 44.62  ? 210 HOH A O     1 
HETATM 575 O  O     . HOH G 4 .  ? -5.244  -4.069  -1.678  1.00 82.07  ? 211 HOH A O     1 
HETATM 576 O  O     . HOH G 4 .  ? 3.454   -1.847  2.480   1.00 65.22  ? 212 HOH A O     1 
HETATM 577 O  O     . HOH H 4 .  ? -1.371  -2.821  -5.559  1.00 64.36  ? 201 HOH B O     1 
HETATM 578 O  O     . HOH H 4 .  ? 0.049   12.450  12.786  1.00 73.29  ? 202 HOH B O     1 
HETATM 579 O  O     . HOH H 4 .  ? 0.303   -0.654  -1.919  1.00 87.05  ? 203 HOH B O     1 
HETATM 580 O  O     . HOH H 4 .  ? 0.963   -2.336  -3.932  1.00 60.51  ? 204 HOH B O     1 
HETATM 581 O  O     . HOH H 4 .  ? 2.511   1.254   3.072   1.00 53.93  ? 205 HOH B O     1 
HETATM 582 O  O     . HOH H 4 .  ? 4.979   6.116   -3.866  0.76 48.55  ? 206 HOH B O     1 
HETATM 583 O  O     . HOH H 4 .  ? 4.891   2.471   6.566   1.00 72.92  ? 207 HOH B O     1 
HETATM 584 O  O     . HOH H 4 .  ? -2.973  0.298   -5.866  1.00 53.77  ? 208 HOH B O     1 
HETATM 585 O  O     . HOH H 4 .  ? 3.562   1.532   26.002  1.00 84.09  ? 209 HOH B O     1 
HETATM 586 O  O     . HOH H 4 .  ? 4.725   2.010   3.724   1.00 70.79  ? 210 HOH B O     1 
HETATM 587 O  O     . HOH H 4 .  ? 11.798  3.930   -2.664  1.00 82.66  ? 211 HOH B O     1 
HETATM 588 O  O     . HOH H 4 .  ? 2.558   -0.155  -0.211  1.00 47.70  ? 212 HOH B O     1 
HETATM 589 O  O     . HOH H 4 .  ? -2.834  9.533   0.899   1.00 68.45  ? 213 HOH B O     1 
HETATM 590 O  O     . HOH H 4 .  ? 0.004   10.084  1.348   1.00 69.15  ? 214 HOH B O     1 
HETATM 591 O  O     . HOH H 4 .  ? 8.092   -1.162  9.370   1.00 79.26  ? 215 HOH B O     1 
HETATM 592 O  O     . HOH H 4 .  ? -7.524  -1.559  -9.287  1.00 77.38  ? 216 HOH B O     1 
HETATM 593 O  O     . HOH H 4 .  ? 6.169   -2.559  0.966   1.00 79.09  ? 217 HOH B O     1 
HETATM 594 O  O     . HOH H 4 .  ? -2.828  -2.101  -3.027  1.00 64.49  ? 218 HOH B O     1 
# 
loop_
_atom_site_anisotrop.id 
_atom_site_anisotrop.type_symbol 
_atom_site_anisotrop.pdbx_label_atom_id 
_atom_site_anisotrop.pdbx_label_alt_id 
_atom_site_anisotrop.pdbx_label_comp_id 
_atom_site_anisotrop.pdbx_label_asym_id 
_atom_site_anisotrop.pdbx_label_seq_id 
_atom_site_anisotrop.pdbx_PDB_ins_code 
_atom_site_anisotrop.U[1][1] 
_atom_site_anisotrop.U[2][2] 
_atom_site_anisotrop.U[3][3] 
_atom_site_anisotrop.U[1][2] 
_atom_site_anisotrop.U[1][3] 
_atom_site_anisotrop.U[2][3] 
_atom_site_anisotrop.pdbx_auth_seq_id 
_atom_site_anisotrop.pdbx_auth_comp_id 
_atom_site_anisotrop.pdbx_auth_asym_id 
_atom_site_anisotrop.pdbx_auth_atom_id 
1   O "O5'" . DT A 1  ? 1.5835 1.7350 1.1327 0.6865  0.1383  0.1122  1  DT A "O5'" 
2   C "C5'" . DT A 1  ? 1.5142 1.7783 1.1559 0.6219  0.1136  0.1261  1  DT A "C5'" 
3   C "C4'" . DT A 1  ? 1.5392 1.6083 1.1473 0.5378  0.1015  0.0882  1  DT A "C4'" 
4   O "O4'" . DT A 1  ? 1.5160 1.6674 1.1779 0.5024  0.0830  0.1073  1  DT A "O4'" 
5   C "C3'" . DT A 1  ? 1.3485 1.3741 1.0267 0.4195  0.0893  0.0526  1  DT A "C3'" 
6   O "O3'" . DT A 1  ? 1.4428 1.3018 1.0309 0.4290  0.1043  0.0197  1  DT A "O3'" 
7   C "C2'" . DT A 1  ? 1.3544 1.2974 1.0418 0.3422  0.0729  0.0356  1  DT A "C2'" 
8   C "C1'" . DT A 1  ? 1.3906 1.4658 1.1028 0.3815  0.0662  0.0767  1  DT A "C1'" 
9   N N1    . DT A 1  ? 1.2880 1.5581 1.1310 0.3037  0.0497  0.1002  1  DT A N1    
10  C C2    . DT A 1  ? 1.1907 1.4362 1.0691 0.2191  0.0348  0.0953  1  DT A C2    
11  O O2    . DT A 1  ? 1.2357 1.3206 1.0555 0.2061  0.0324  0.0717  1  DT A O2    
12  N N3    . DT A 1  ? 1.0980 1.5047 1.0684 0.1438  0.0252  0.1186  1  DT A N3    
13  C C4    . DT A 1  ? 1.1370 1.7281 1.1632 0.1381  0.0278  0.1437  1  DT A C4    
14  O O4    . DT A 1  ? 1.0612 1.7694 1.1415 0.0545  0.0215  0.1619  1  DT A O4    
15  C C5    . DT A 1  ? 1.1781 1.8016 1.1772 0.2309  0.0413  0.1461  1  DT A C5    
16  C C7    . DT A 1  ? 1.0568 1.8795 1.1090 0.2287  0.0457  0.1700  1  DT A C7    
17  C C6    . DT A 1  ? 1.3099 1.7699 1.2201 0.3114  0.0523  0.1255  1  DT A C6    
18  P P     . DC A 2  ? 1.5434 1.4606 1.1879 0.4025  0.1071  0.0102  2  DC A P     
19  O OP1   . DC A 2  ? 1.4852 1.2492 0.9918 0.4672  0.1321  -0.0042 2  DC A OP1   
20  O OP2   . DC A 2  ? 1.3491 1.4984 1.1081 0.4073  0.1006  0.0451  2  DC A OP2   
21  O "O5'" . DC A 2  ? 1.2683 1.1406 0.9769 0.2832  0.0891  -0.0230 2  DC A "O5'" 
22  C "C5'" . DC A 2  ? 1.1776 0.8689 0.8030 0.2421  0.0903  -0.0611 2  DC A "C5'" 
23  C "C4'" . DC A 2  ? 0.9568 0.6670 0.6658 0.1432  0.0740  -0.0836 2  DC A "C4'" 
24  O "O4'" . DC A 2  ? 0.8907 0.7017 0.6968 0.1033  0.0600  -0.0660 2  DC A "O4'" 
25  C "C3'" . DC A 2  ? 0.8914 0.6720 0.6583 0.1247  0.0732  -0.0866 2  DC A "C3'" 
26  O "O3'" . DC A 2  ? 1.0292 0.6926 0.7033 0.1239  0.0832  -0.1140 2  DC A "O3'" 
27  C "C2'" . DC A 2  ? 0.8136 0.6468 0.6724 0.0479  0.0581  -0.0927 2  DC A "C2'" 
28  C "C1'" . DC A 2  ? 0.7643 0.6190 0.6467 0.0371  0.0516  -0.0762 2  DC A "C1'" 
29  N N1    . DC A 2  ? 0.8355 0.8279 0.8021 0.0198  0.0470  -0.0452 2  DC A N1    
30  C C2    . DC A 2  ? 0.7389 0.7425 0.7494 -0.0431 0.0398  -0.0410 2  DC A C2    
31  O O2    . DC A 2  ? 0.7462 0.6592 0.7404 -0.0771 0.0361  -0.0634 2  DC A O2    
32  N N3    . DC A 2  ? 0.6272 0.7367 0.6844 -0.0708 0.0393  -0.0130 2  DC A N3    
33  C C4    . DC A 2  ? 0.7206 0.9404 0.7914 -0.0424 0.0433  0.0091  2  DC A C4    
34  N N4    . DC A 2  ? 0.6787 1.0015 0.7786 -0.0880 0.0438  0.0350  2  DC A N4    
35  C C5    . DC A 2  ? 0.8505 1.0781 0.8928 0.0290  0.0496  0.0059  2  DC A C5    
36  C C6    . DC A 2  ? 0.8479 0.9504 0.8341 0.0595  0.0524  -0.0207 2  DC A C6    
37  P P     . DG A 3  ? 1.0390 0.7452 0.7484 0.1005  0.0821  -0.1235 3  DG A P     
38  O OP1   . DG A 3  ? 1.2057 0.7816 0.7876 0.1122  0.0975  -0.1438 3  DG A OP1   
39  O OP2   . DG A 3  ? 1.0654 0.9143 0.8651 0.1264  0.0804  -0.0958 3  DG A OP2   
40  O "O5'" . DG A 3  ? 0.9148 0.6375 0.6840 0.0198  0.0658  -0.1433 3  DG A "O5'" 
41  C "C5'" . DG A 3  ? 0.9456 0.5677 0.6440 -0.0280 0.0647  -0.1738 3  DG A "C5'" 
42  C "C4'" . DG A 3  ? 1.0676 0.7518 0.8487 -0.0878 0.0503  -0.1820 3  DG A "C4'" 
43  O "O4'" . DG A 3  ? 0.9815 0.7144 0.8314 -0.0829 0.0455  -0.1611 3  DG A "O4'" 
44  C "C3'" . DG A 3  ? 1.0013 0.7807 0.8539 -0.1005 0.0443  -0.1790 3  DG A "C3'" 
45  O "O3'" . DG A 3  ? 1.1348 0.8892 0.9356 -0.1398 0.0428  -0.2053 3  DG A "O3'" 
46  C "C2'" . DG A 3  ? 0.9043 0.7462 0.8406 -0.1238 0.0372  -0.1690 3  DG A "C2'" 
47  C "C1'" . DG A 3  ? 0.8782 0.6951 0.8153 -0.1094 0.0391  -0.1531 3  DG A "C1'" 
48  N N9    . DG A 3  ? 0.7485 0.6383 0.7353 -0.0831 0.0413  -0.1220 3  DG A N9    
49  C C8    . DG A 3  ? 0.7804 0.7175 0.7684 -0.0434 0.0464  -0.1070 3  DG A C8    
50  N N7    . DG A 3  ? 0.7150 0.7280 0.7434 -0.0402 0.0477  -0.0801 3  DG A N7    
51  C C5    . DG A 3  ? 0.6622 0.6646 0.7123 -0.0803 0.0441  -0.0761 3  DG A C5    
52  C C6    . DG A 3  ? 0.5994 0.6541 0.6770 -0.1076 0.0454  -0.0509 3  DG A C6    
53  O O6    . DG A 3  ? 0.6509 0.7870 0.7401 -0.1069 0.0490  -0.0273 3  DG A O6    
54  N N1    . DG A 3  ? 0.7356 0.7411 0.8172 -0.1481 0.0435  -0.0554 3  DG A N1    
55  C C2    . DG A 3  ? 0.8028 0.7333 0.8706 -0.1591 0.0399  -0.0821 3  DG A C2    
56  N N2    . DG A 3  ? 0.7609 0.6563 0.8358 -0.1988 0.0401  -0.0829 3  DG A N2    
57  N N3    . DG A 3  ? 0.7520 0.6450 0.7911 -0.1404 0.0377  -0.1070 3  DG A N3    
58  C C4    . DG A 3  ? 0.7344 0.6606 0.7637 -0.1020 0.0404  -0.1017 3  DG A C4    
59  P P     . DG A 4  ? 1.0692 0.8674 0.8689 -0.1318 0.0433  -0.2052 4  DG A P     
60  O OP1   . DG A 4  ? 1.1329 0.8858 0.8463 -0.1843 0.0438  -0.2328 4  DG A OP1   
61  O OP2   . DG A 4  ? 1.0599 0.8503 0.8545 -0.0741 0.0527  -0.1856 4  DG A OP2   
62  O "O5'" . DG A 4  ? 0.9750 0.8918 0.8814 -0.1324 0.0335  -0.1915 4  DG A "O5'" 
63  C "C5'" . DG A 4  ? 0.9356 0.8954 0.8773 -0.1665 0.0268  -0.1993 4  DG A "C5'" 
64  C "C4'" . DG A 4  ? 0.7956 0.8373 0.8107 -0.1440 0.0253  -0.1795 4  DG A "C4'" 
65  O "O4'" . DG A 4  ? 0.7131 0.7358 0.7555 -0.1214 0.0313  -0.1574 4  DG A "O4'" 
66  C "C3'" . DG A 4  ? 0.8140 0.9073 0.8368 -0.1206 0.0236  -0.1723 4  DG A "C3'" 
67  O "O3'" . DG A 4  ? 0.8324 1.0016 0.8910 -0.1130 0.0212  -0.1657 4  DG A "O3'" 
68  C "C2'" . DG A 4  ? 0.8060 0.8791 0.8410 -0.0858 0.0305  -0.1513 4  DG A "C2'" 
69  C "C1'" . DG A 4  ? 0.7538 0.8096 0.8131 -0.0923 0.0347  -0.1394 4  DG A "C1'" 
70  N N9    . DG A 4  ? 0.7591 0.7980 0.8186 -0.0794 0.0403  -0.1228 4  DG A N9    
71  C C8    . DG A 4  ? 0.8057 0.8217 0.8384 -0.0619 0.0421  -0.1235 4  DG A C8    
72  N N7    . DG A 4  ? 0.7687 0.8086 0.8148 -0.0505 0.0467  -0.1028 4  DG A N7    
73  C C5    . DG A 4  ? 0.7694 0.8303 0.8413 -0.0741 0.0486  -0.0898 4  DG A C5    
74  C C6    . DG A 4  ? 0.7192 0.8094 0.7977 -0.0904 0.0547  -0.0664 4  DG A C6    
75  O O6    . DG A 4  ? 0.6852 0.8206 0.7657 -0.0849 0.0565  -0.0506 4  DG A O6    
76  N N1    . DG A 4  ? 0.6474 0.7143 0.7173 -0.1162 0.0612  -0.0598 4  DG A N1    
77  C C2    . DG A 4  ? 0.8061 0.8447 0.8729 -0.1106 0.0618  -0.0713 4  DG A C2    
78  N N2    . DG A 4  ? 0.7224 0.7259 0.7604 -0.1236 0.0744  -0.0589 4  DG A N2    
79  N N3    . DG A 4  ? 0.8493 0.8949 0.9273 -0.0947 0.0529  -0.0916 4  DG A N3    
80  C C4    . DG A 4  ? 0.7521 0.8015 0.8275 -0.0841 0.0466  -0.1011 4  DG A C4    
81  P P     . DC A 5  ? 0.7957 1.0370 0.8571 -0.0913 0.0165  -0.1606 5  DC A P     
82  O OP1   . DC A 5  ? 0.8895 1.2220 0.9576 -0.1126 0.0092  -0.1712 5  DC A OP1   
83  O OP2   . DC A 5  ? 0.6818 0.8856 0.7113 -0.0894 0.0160  -0.1644 5  DC A OP2   
84  O "O5'" . DC A 5  ? 0.7638 1.0025 0.8432 -0.0458 0.0258  -0.1351 5  DC A "O5'" 
85  C "C5'" . DC A 5  ? 0.8531 1.1034 0.9444 -0.0328 0.0338  -0.1249 5  DC A "C5'" 
86  C "C4'" . DC A 5  ? 0.7495 0.9573 0.8151 0.0060  0.0482  -0.1010 5  DC A "C4'" 
87  O "O4'" . DC A 5  ? 0.7142 0.8430 0.7673 -0.0146 0.0572  -0.0930 5  DC A "O4'" 
88  C "C3'" . DC A 5  ? 0.7454 0.9616 0.7892 0.0322  0.0460  -0.0950 5  DC A "C3'" 
89  O "O3'" . DC A 5  ? 0.8962 1.1768 0.9311 0.0740  0.0458  -0.0873 5  DC A "O3'" 
90  C "C2'" . DC A 5  ? 0.8399 0.9694 0.8401 0.0357  0.0615  -0.0782 5  DC A "C2'" 
91  C "C1'" . DC A 5  ? 0.8098 0.9025 0.8271 -0.0031 0.0646  -0.0798 5  DC A "C1'" 
92  N N1    . DC A 5  ? 0.8278 0.9184 0.8607 -0.0266 0.0581  -0.0853 5  DC A N1    
93  C C2    . DC A 5  ? 0.8667 0.9242 0.8811 -0.0482 0.0675  -0.0714 5  DC A C2    
94  O O2    . DC A 5  ? 0.8415 0.8514 0.8151 -0.0584 0.0819  -0.0569 5  DC A O2    
95  N N3    . DC A 5  ? 0.7427 0.8236 0.7736 -0.0574 0.0629  -0.0726 5  DC A N3    
96  C C4    . DC A 5  ? 0.7594 0.8629 0.8087 -0.0429 0.0532  -0.0873 5  DC A C4    
97  N N4    . DC A 5  ? 0.9385 1.0584 0.9905 -0.0377 0.0537  -0.0846 5  DC A N4    
98  C C5    . DC A 5  ? 0.6903 0.8040 0.7436 -0.0336 0.0449  -0.1038 5  DC A C5    
99  C C6    . DC A 5  ? 0.7957 0.9182 0.8486 -0.0277 0.0458  -0.1018 5  DC A C6    
100 P P     . DG A 6  ? 1.0132 1.3516 1.0414 0.0935  0.0341  -0.0886 6  DG A P     
101 O OP1   . DG A 6  ? 0.9670 1.4085 0.9984 0.1352  0.0316  -0.0797 6  DG A OP1   
102 O OP2   . DG A 6  ? 0.8582 1.2043 0.9054 0.0468  0.0208  -0.1085 6  DG A OP2   
103 O "O5'" . DG A 6  ? 0.8560 1.1016 0.8275 0.1193  0.0471  -0.0735 6  DG A "O5'" 
104 C "C5'" . DG A 6  ? 0.9571 1.1371 0.8654 0.1601  0.0675  -0.0534 6  DG A "C5'" 
105 C "C4'" . DG A 6  ? 0.8549 0.9394 0.6905 0.1626  0.0787  -0.0453 6  DG A "C4'" 
106 O "O4'" . DG A 6  ? 0.9138 0.9623 0.7675 0.1058  0.0783  -0.0532 6  DG A "O4'" 
107 C "C3'" . DG A 6  ? 0.9231 1.0443 0.7524 0.1814  0.0665  -0.0490 6  DG A "C3'" 
108 O "O3'" . DG A 6  ? 1.1453 1.1701 0.8712 0.2123  0.0833  -0.0352 6  DG A "O3'" 
109 C "C2'" . DG A 6  ? 0.9595 1.0931 0.8365 0.1284  0.0546  -0.0659 6  DG A "C2'" 
110 C "C1'" . DG A 6  ? 0.9402 1.0075 0.8045 0.0928  0.0680  -0.0622 6  DG A "C1'" 
111 N N9    . DG A 6  ? 0.8632 0.9620 0.7872 0.0543  0.0590  -0.0744 6  DG A N9    
112 C C8    . DG A 6  ? 0.8599 1.0148 0.8379 0.0449  0.0447  -0.0896 6  DG A C8    
113 N N7    . DG A 6  ? 0.7264 0.8743 0.7249 0.0209  0.0441  -0.0957 6  DG A N7    
114 C C5    . DG A 6  ? 0.8273 0.9421 0.8006 0.0107  0.0559  -0.0828 6  DG A C5    
115 C C6    . DG A 6  ? 0.9001 1.0225 0.8827 -0.0093 0.0602  -0.0785 6  DG A C6    
116 O O6    . DG A 6  ? 0.8350 0.9781 0.8452 -0.0086 0.0564  -0.0846 6  DG A O6    
117 N N1    . DG A 6  ? 0.8893 0.9920 0.8289 -0.0305 0.0726  -0.0642 6  DG A N1    
118 C C2    . DG A 6  ? 0.9032 0.9480 0.7765 -0.0307 0.0830  -0.0564 6  DG A C2    
119 N N2    . DG A 6  ? 0.8097 0.8211 0.6181 -0.0679 0.0978  -0.0444 6  DG A N2    
120 N N3    . DG A 6  ? 0.8547 0.8764 0.7121 0.0035  0.0811  -0.0589 6  DG A N3    
121 C C4    . DG A 6  ? 0.8580 0.9330 0.7777 0.0223  0.0658  -0.0714 6  DG A C4    
122 P P     . DC A 7  ? 1.2752 1.3200 0.9691 0.2480  0.0742  -0.0341 7  DC A P     
123 O OP1   . DC A 7  ? 1.4134 1.3880 0.9983 0.3188  0.0938  -0.0130 7  DC A OP1   
124 O OP2   . DC A 7  ? 1.1672 1.3471 0.9556 0.2373  0.0484  -0.0467 7  DC A OP2   
125 O "O5'" . DC A 7  ? 1.1707 1.1431 0.8307 0.1998  0.0772  -0.0434 7  DC A "O5'" 
126 C "C5'" . DC A 7  ? 1.2280 1.0803 0.7952 0.1735  0.0999  -0.0369 7  DC A "C5'" 
127 C "C4'" . DC A 7  ? 1.1849 1.0366 0.7623 0.1159  0.0963  -0.0491 7  DC A "C4'" 
128 O "O4'" . DC A 7  ? 1.1008 1.0140 0.7666 0.0750  0.0900  -0.0554 7  DC A "O4'" 
129 C "C3'" . DC A 7  ? 1.0703 0.9848 0.6932 0.1231  0.0779  -0.0611 7  DC A "C3'" 
130 O "O3'" . DC A 7  ? 1.2026 1.0439 0.7260 0.1448  0.0849  -0.0577 7  DC A "O3'" 
131 C "C2'" . DC A 7  ? 0.9162 0.8657 0.5875 0.0698  0.0759  -0.0718 7  DC A "C2'" 
132 C "C1'" . DC A 7  ? 0.8850 0.8492 0.5956 0.0481  0.0807  -0.0669 7  DC A "C1'" 
133 N N1    . DC A 7  ? 0.8355 0.8813 0.6480 0.0484  0.0657  -0.0761 7  DC A N1    
134 C C2    . DC A 7  ? 0.8740 0.9504 0.7267 0.0192  0.0676  -0.0774 7  DC A C2    
135 O O2    . DC A 7  ? 0.7992 0.8611 0.6164 -0.0112 0.0792  -0.0698 7  DC A O2    
136 N N3    . DC A 7  ? 0.7833 0.9038 0.6990 0.0235  0.0579  -0.0862 7  DC A N3    
137 C C4    . DC A 7  ? 0.9050 1.0439 0.8415 0.0401  0.0464  -0.0952 7  DC A C4    
138 N N4    . DC A 7  ? 0.7885 0.9467 0.7573 0.0329  0.0407  -0.1056 7  DC A N4    
139 C C5    . DC A 7  ? 0.9143 1.0539 0.8256 0.0637  0.0418  -0.0928 7  DC A C5    
140 C C6    . DC A 7  ? 0.8919 0.9819 0.7424 0.0749  0.0518  -0.0822 7  DC A C6    
141 P P     . DC A 8  ? 1.2108 1.1071 0.7564 0.1823  0.0664  -0.0618 8  DC A P     
142 O OP1   . DC A 8  ? 1.2611 1.0518 0.6750 0.2149  0.0786  -0.0538 8  DC A OP1   
143 O OP2   . DC A 8  ? 1.1678 1.1731 0.8003 0.2112  0.0506  -0.0590 8  DC A OP2   
144 O "O5'" . DC A 8  ? 1.0520 0.9943 0.6579 0.1344  0.0560  -0.0793 8  DC A "O5'" 
145 C "C5'" . DC A 8  ? 0.9713 0.8542 0.5171 0.0969  0.0673  -0.0855 8  DC A "C5'" 
146 C "C4'" . DC A 8  ? 0.9082 0.8553 0.5216 0.0698  0.0585  -0.0995 8  DC A "C4'" 
147 O "O4'" . DC A 8  ? 0.9065 0.9159 0.6018 0.0537  0.0574  -0.1011 8  DC A "O4'" 
148 C "C3'" . DC A 8  ? 0.8867 0.8771 0.5364 0.0920  0.0414  -0.1051 8  DC A "C3'" 
149 O "O3'" . DC A 8  ? 1.0145 0.9540 0.5949 0.0942  0.0421  -0.1086 8  DC A "O3'" 
150 C "C2'" . DC A 8  ? 0.8700 0.9166 0.5929 0.0682  0.0389  -0.1154 8  DC A "C2'" 
151 C "C1'" . DC A 8  ? 0.8661 0.9252 0.6169 0.0526  0.0492  -0.1111 8  DC A "C1'" 
152 N N1    . DC A 8  ? 0.8859 0.9866 0.6987 0.0584  0.0427  -0.1112 8  DC A N1    
153 C C2    . DC A 8  ? 0.9445 1.0699 0.7950 0.0493  0.0466  -0.1166 8  DC A C2    
154 O O2    . DC A 8  ? 0.7728 0.9023 0.6145 0.0441  0.0558  -0.1192 8  DC A O2    
155 N N3    . DC A 8  ? 0.8491 0.9902 0.7333 0.0498  0.0424  -0.1187 8  DC A N3    
156 C C4    . DC A 8  ? 0.7559 0.9094 0.6507 0.0542  0.0332  -0.1162 8  DC A C4    
157 N N4    . DC A 8  ? 0.7421 0.9111 0.6631 0.0454  0.0296  -0.1210 8  DC A N4    
158 C C5    . DC A 8  ? 0.8202 0.9673 0.6871 0.0722  0.0298  -0.1079 8  DC A C5    
159 C C6    . DC A 8  ? 0.8802 0.9903 0.6999 0.0760  0.0354  -0.1053 8  DC A C6    
160 P P     . DG A 9  ? 1.1277 1.0960 0.7126 0.1187  0.0247  -0.1099 9  DG A P     
161 O OP1   . DG A 9  ? 1.1876 1.0718 0.6690 0.1333  0.0288  -0.1085 9  DG A OP1   
162 O OP2   . DG A 9  ? 0.9569 1.0037 0.5968 0.1446  0.0114  -0.1014 9  DG A OP2   
163 O "O5'" . DG A 9  ? 1.0191 1.0213 0.6538 0.0838  0.0221  -0.1244 9  DG A "O5'" 
164 C "C5'" . DG A 9  ? 0.9390 0.9088 0.5499 0.0554  0.0350  -0.1339 9  DG A "C5'" 
165 C "C4'" . DG A 9  ? 1.0615 1.0658 0.7188 0.0405  0.0360  -0.1430 9  DG A "C4'" 
166 O "O4'" . DG A 9  ? 0.9223 0.9644 0.6332 0.0394  0.0426  -0.1407 9  DG A "O4'" 
167 C "C3'" . DG A 9  ? 1.0025 1.0255 0.6700 0.0445  0.0209  -0.1441 9  DG A "C3'" 
168 O "O3'" . DG A 9  ? 1.1963 1.1853 0.8195 0.0364  0.0182  -0.1502 9  DG A "O3'" 
169 C "C2'" . DG A 9  ? 0.9203 0.9616 0.6240 0.0310  0.0280  -0.1491 9  DG A "C2'" 
170 C "C1'" . DG A 9  ? 0.8925 0.9497 0.6284 0.0384  0.0382  -0.1446 9  DG A "C1'" 
171 N N9    . DG A 9  ? 0.8125 0.8996 0.5804 0.0441  0.0298  -0.1391 9  DG A N9    
172 C C8    . DG A 9  ? 0.8032 0.9155 0.5732 0.0573  0.0159  -0.1317 9  DG A C8    
173 N N7    . DG A 9  ? 0.8642 1.0098 0.6684 0.0573  0.0127  -0.1292 9  DG A N7    
174 C C5    . DG A 9  ? 0.8814 1.0094 0.7003 0.0438  0.0247  -0.1354 9  DG A C5    
175 C C6    . DG A 9  ? 0.8921 1.0273 0.7356 0.0373  0.0279  -0.1371 9  DG A C6    
176 O O6    . DG A 9  ? 0.7498 0.9150 0.6151 0.0347  0.0202  -0.1351 9  DG A O6    
177 N N1    . DG A 9  ? 0.8482 0.9522 0.6830 0.0392  0.0437  -0.1404 9  DG A N1    
178 C C2    . DG A 9  ? 0.9984 1.0833 0.8115 0.0473  0.0558  -0.1414 9  DG A C2    
179 N N2    . DG A 9  ? 1.0074 1.0760 0.8101 0.0635  0.0736  -0.1407 9  DG A N2    
180 N N3    . DG A 9  ? 0.8845 0.9672 0.6807 0.0444  0.0524  -0.1424 9  DG A N3    
181 C C4    . DG A 9  ? 0.8755 0.9731 0.6725 0.0418  0.0362  -0.1397 9  DG A C4    
182 P P     . DA A 10 ? 1.3637 1.3672 0.9842 0.0210  0.0070  -0.1531 10 DA A P     
183 O OP1   . DA A 10 ? 1.3139 1.2759 0.8823 0.0175  0.0028  -0.1570 10 DA A OP1   
184 O OP2   . DA A 10 ? 1.2126 1.2821 0.8600 0.0269  -0.0092 -0.1438 10 DA A OP2   
185 O "O5'" . DA A 10 ? 1.3766 1.3604 1.0081 0.0005  0.0258  -0.1621 10 DA A "O5'" 
186 C "C5'" . DA A 10 ? 1.3185 1.2708 0.9165 -0.0246 0.0295  -0.1682 10 DA A "C5'" 
187 C "C4'" . DA A 10 ? 1.2509 1.1621 0.8369 -0.0244 0.0557  -0.1734 10 DA A "C4'" 
188 O "O4'" . DA A 10 ? 1.1914 1.1203 0.8003 -0.0185 0.0580  -0.1698 10 DA A "O4'" 
189 C "C3'" . DA A 10 ? 1.3929 1.2383 0.9150 -0.0512 0.0676  -0.1791 10 DA A "C3'" 
190 O "O3'" . DA A 10 ? 1.5726 1.3664 1.0663 -0.0303 0.0984  -0.1822 10 DA A "O3'" 
191 C "C2'" . DA A 10 ? 1.3127 1.1569 0.8150 -0.0776 0.0630  -0.1776 10 DA A "C2'" 
192 C "C1'" . DA A 10 ? 1.3128 1.2001 0.8709 -0.0487 0.0625  -0.1733 10 DA A "C1'" 
193 N N9    . DA A 10 ? 1.3140 1.2606 0.8951 -0.0687 0.0415  -0.1700 10 DA A N9    
194 C C8    . DA A 10 ? 1.2418 1.2644 0.8489 -0.0754 0.0156  -0.1639 10 DA A C8    
195 N N7    . DA A 10 ? 1.2140 1.3007 0.8401 -0.0901 0.0026  -0.1606 10 DA A N7    
196 C C5    . DA A 10 ? 1.2475 1.2798 0.8520 -0.1013 0.0205  -0.1676 10 DA A C5    
197 C C6    . DA A 10 ? 1.2316 1.2828 0.8320 -0.1251 0.0191  -0.1707 10 DA A C6    
198 N N6    . DA A 10 ? 1.2503 1.4054 0.8811 -0.1439 -0.0022 -0.1664 10 DA A N6    
199 N N1    . DA A 10 ? 1.3552 1.3169 0.9118 -0.1251 0.0418  -0.1777 10 DA A N1    
200 C C2    . DA A 10 ? 1.3437 1.2208 0.8688 -0.0948 0.0652  -0.1784 10 DA A C2    
201 N N3    . DA A 10 ? 1.2144 1.0847 0.7492 -0.0724 0.0690  -0.1756 10 DA A N3    
202 C C4    . DA A 10 ? 1.2519 1.1952 0.8253 -0.0820 0.0451  -0.1718 10 DA A C4    
203 O "O5'" . DT B 1  ? 1.9067 1.5698 1.1595 -0.6478 0.0424  0.0513  1  DT B "O5'" 
204 C "C5'" . DT B 1  ? 2.0186 1.4553 1.1809 -0.5856 0.0473  0.0429  1  DT B "C5'" 
205 C "C4'" . DT B 1  ? 1.8345 1.3374 1.1486 -0.4568 0.0474  0.0429  1  DT B "C4'" 
206 O "O4'" . DT B 1  ? 1.7261 1.3859 1.1356 -0.4633 0.0488  0.0377  1  DT B "O4'" 
207 C "C3'" . DT B 1  ? 1.5599 1.1939 1.0262 -0.3843 0.0425  0.0522  1  DT B "C3'" 
208 O "O3'" . DT B 1  ? 1.6070 1.0970 1.0188 -0.3304 0.0417  0.0586  1  DT B "O3'" 
209 C "C2'" . DT B 1  ? 1.4522 1.1946 1.0592 -0.3015 0.0436  0.0495  1  DT B "C2'" 
210 C "C1'" . DT B 1  ? 1.4871 1.2783 1.0695 -0.3619 0.0485  0.0410  1  DT B "C1'" 
211 N N1    . DT B 1  ? 1.3665 1.3945 1.0668 -0.3854 0.0532  0.0453  1  DT B N1    
212 C C2    . DT B 1  ? 1.1611 1.3056 0.9768 -0.3273 0.0601  0.0423  1  DT B C2    
213 O O2    . DT B 1  ? 1.1326 1.2011 0.9654 -0.2640 0.0591  0.0356  1  DT B O2    
214 N N3    . DT B 1  ? 1.0492 1.4075 0.9530 -0.3409 0.0707  0.0509  1  DT B N3    
215 C C4    . DT B 1  ? 1.2219 1.7012 1.1131 -0.4035 0.0736  0.0656  1  DT B C4    
216 O O4    . DT B 1  ? 1.2066 1.8876 1.1724 -0.3977 0.0877  0.0791  1  DT B O4    
217 C C5    . DT B 1  ? 1.2836 1.6385 1.0601 -0.4700 0.0616  0.0676  1  DT B C5    
218 C C7    . DT B 1  ? 1.3364 1.8167 1.0908 -0.5427 0.0615  0.0863  1  DT B C7    
219 C C6    . DT B 1  ? 1.4246 1.5551 1.1103 -0.4583 0.0530  0.0559  1  DT B C6    
220 P P     . DC B 2  ? 1.7088 1.2640 1.1815 -0.3155 0.0361  0.0684  2  DC B P     
221 O OP1   . DC B 2  ? 1.7142 1.0717 1.0383 -0.3196 0.0402  0.0734  2  DC B OP1   
222 O OP2   . DC B 2  ? 1.5929 1.3232 1.1261 -0.3844 0.0339  0.0708  2  DC B OP2   
223 O "O5'" . DC B 2  ? 1.3688 1.0198 0.9945 -0.2085 0.0322  0.0728  2  DC B "O5'" 
224 C "C5'" . DC B 2  ? 1.2776 0.8316 0.8868 -0.1265 0.0325  0.0784  2  DC B "C5'" 
225 C "C4'" . DC B 2  ? 0.9798 0.6542 0.7332 -0.0517 0.0262  0.0841  2  DC B "C4'" 
226 O "O4'" . DC B 2  ? 0.9199 0.7347 0.7814 -0.0553 0.0278  0.0753  2  DC B "O4'" 
227 C "C3'" . DC B 2  ? 0.9246 0.6569 0.7278 -0.0457 0.0207  0.0905  2  DC B "C3'" 
228 O "O3'" . DC B 2  ? 1.0029 0.6318 0.7396 -0.0048 0.0194  0.1039  2  DC B "O3'" 
229 C "C2'" . DC B 2  ? 0.8283 0.6931 0.7651 -0.0024 0.0179  0.0893  2  DC B "C2'" 
230 C "C1'" . DC B 2  ? 0.7414 0.6569 0.7103 -0.0125 0.0245  0.0790  2  DC B "C1'" 
231 N N1    . DC B 2  ? 0.7624 0.8111 0.7979 -0.0417 0.0332  0.0733  2  DC B N1    
232 C C2    . DC B 2  ? 0.6814 0.8252 0.8050 -0.0061 0.0411  0.0691  2  DC B C2    
233 O O2    . DC B 2  ? 0.6024 0.7241 0.7569 0.0413  0.0370  0.0686  2  DC B O2    
234 N N3    . DC B 2  ? 0.6871 0.9483 0.8539 -0.0191 0.0555  0.0690  2  DC B N3    
235 C C4    . DC B 2  ? 0.7789 1.0818 0.9125 -0.0659 0.0593  0.0753  2  DC B C4    
236 N N4    . DC B 2  ? 0.7138 1.1482 0.8853 -0.0640 0.0773  0.0819  2  DC B N4    
237 C C5    . DC B 2  ? 0.8748 1.0908 0.9268 -0.1130 0.0476  0.0786  2  DC B C5    
238 C C6    . DC B 2  ? 0.8752 0.9566 0.8772 -0.0981 0.0361  0.0762  2  DC B C6    
239 P P     . DG B 3  ? 1.0397 0.7079 0.8122 0.0112  0.0132  0.1136  3  DG B P     
240 O OP1   . DG B 3  ? 1.1365 0.6759 0.7986 0.0401  0.0185  0.1283  3  DG B OP1   
241 O OP2   . DG B 3  ? 1.0390 0.7908 0.8537 -0.0450 0.0117  0.1054  3  DG B OP2   
242 O "O5'" . DG B 3  ? 0.8516 0.6200 0.7323 0.0709  0.0053  0.1202  3  DG B "O5'" 
243 C "C5'" . DG B 3  ? 0.8766 0.6150 0.7406 0.1344  0.0043  0.1359  3  DG B "C5'" 
244 C "C4'" . DG B 3  ? 0.9355 0.7942 0.9110 0.1640  -0.0045 0.1383  3  DG B "C4'" 
245 O "O4'" . DG B 3  ? 0.8129 0.7247 0.8470 0.1374  -0.0007 0.1192  3  DG B "O4'" 
246 C "C3'" . DG B 3  ? 0.9148 0.8520 0.9468 0.1542  -0.0125 0.1408  3  DG B "C3'" 
247 O "O3'" . DG B 3  ? 0.9639 0.9125 0.9786 0.1980  -0.0192 0.1656  3  DG B "O3'" 
248 C "C2'" . DG B 3  ? 0.7325 0.7606 0.8536 0.1485  -0.0139 0.1295  3  DG B "C2'" 
249 C "C1'" . DG B 3  ? 0.7317 0.7430 0.8528 0.1349  -0.0037 0.1143  3  DG B "C1'" 
250 N N9    . DG B 3  ? 0.6241 0.6682 0.7597 0.0908  0.0063  0.0990  3  DG B N9    
251 C C8    . DG B 3  ? 0.6768 0.7027 0.7727 0.0522  0.0087  0.0976  3  DG B C8    
252 N N7    . DG B 3  ? 0.6388 0.7256 0.7555 0.0244  0.0198  0.0899  3  DG B N7    
253 C C5    . DG B 3  ? 0.5952 0.7356 0.7670 0.0487  0.0272  0.0839  3  DG B C5    
254 C C6    . DG B 3  ? 0.5457 0.7690 0.7537 0.0459  0.0445  0.0785  3  DG B C6    
255 O O6    . DG B 3  ? 0.5765 0.8557 0.7746 0.0225  0.0564  0.0812  3  DG B O6    
256 N N1    . DG B 3  ? 0.6001 0.8511 0.8569 0.0799  0.0496  0.0733  3  DG B N1    
257 C C2    . DG B 3  ? 0.6489 0.8615 0.9208 0.1093  0.0368  0.0753  3  DG B C2    
258 N N2    . DG B 3  ? 0.5814 0.8341 0.9034 0.1382  0.0435  0.0709  3  DG B N2    
259 N N3    . DG B 3  ? 0.6003 0.7478 0.8367 0.1160  0.0201  0.0849  3  DG B N3    
260 C C4    . DG B 3  ? 0.6649 0.7758 0.8508 0.0858  0.0176  0.0878  3  DG B C4    
261 P P     . DG B 4  ? 0.9425 0.9039 0.9413 0.1875  -0.0236 0.1752  4  DG B P     
262 O OP1   . DG B 4  ? 0.8746 0.8555 0.8421 0.2451  -0.0259 0.2072  4  DG B OP1   
263 O OP2   . DG B 4  ? 0.9862 0.8711 0.9328 0.1480  -0.0160 0.1621  4  DG B OP2   
264 O "O5'" . DG B 4  ? 0.9023 0.9592 0.9823 0.1546  -0.0324 0.1644  4  DG B "O5'" 
265 C "C5'" . DG B 4  ? 0.8241 0.9614 0.9553 0.1693  -0.0410 0.1728  4  DG B "C5'" 
266 C "C4'" . DG B 4  ? 0.7133 0.8948 0.8828 0.1275  -0.0433 0.1586  4  DG B "C4'" 
267 O "O4'" . DG B 4  ? 0.5704 0.7224 0.7523 0.1078  -0.0297 0.1347  4  DG B "O4'" 
268 C "C3'" . DG B 4  ? 0.7307 0.9138 0.8775 0.0997  -0.0476 0.1606  4  DG B "C3'" 
269 O "O3'" . DG B 4  ? 0.8199 1.0577 0.9828 0.0725  -0.0553 0.1619  4  DG B "O3'" 
270 C "C2'" . DG B 4  ? 0.7647 0.8929 0.8976 0.0749  -0.0349 0.1397  4  DG B "C2'" 
271 C "C1'" . DG B 4  ? 0.6017 0.7387 0.7666 0.0767  -0.0243 0.1250  4  DG B "C1'" 
272 N N9    . DG B 4  ? 0.6693 0.7812 0.8259 0.0673  -0.0103 0.1126  4  DG B N9    
273 C C8    . DG B 4  ? 0.8313 0.9020 0.9545 0.0618  -0.0090 0.1139  4  DG B C8    
274 N N7    . DG B 4  ? 0.7405 0.8212 0.8622 0.0419  0.0029  0.1046  4  DG B N7    
275 C C5    . DG B 4  ? 0.7627 0.8918 0.9187 0.0486  0.0137  0.0982  4  DG B C5    
276 C C6    . DG B 4  ? 0.7024 0.8763 0.8666 0.0461  0.0331  0.0931  4  DG B C6    
277 O O6    . DG B 4  ? 0.6392 0.8421 0.7927 0.0282  0.0412  0.0941  4  DG B O6    
278 N N1    . DG B 4  ? 0.5994 0.7882 0.7749 0.0659  0.0459  0.0894  4  DG B N1    
279 C C2    . DG B 4  ? 0.7342 0.8969 0.9096 0.0703  0.0373  0.0888  4  DG B C2    
280 N N2    . DG B 4  ? 0.6329 0.7893 0.7936 0.0815  0.0550  0.0838  4  DG B N2    
281 N N3    . DG B 4  ? 0.7865 0.9339 0.9653 0.0641  0.0153  0.0953  4  DG B N3    
282 C C4    . DG B 4  ? 0.7648 0.8970 0.9348 0.0607  0.0061  0.1008  4  DG B C4    
283 P P     . DC B 5  ? 0.7955 1.0564 0.9312 0.0403  -0.0647 0.1698  5  DC B P     
284 O OP1   . DC B 5  ? 0.8873 1.2439 1.0323 0.0364  -0.0802 0.1941  5  DC B OP1   
285 O OP2   . DC B 5  ? 0.6714 0.8883 0.7795 0.0512  -0.0611 0.1717  5  DC B OP2   
286 O "O5'" . DC B 5  ? 0.7394 0.9560 0.8564 -0.0018 -0.0548 0.1462  5  DC B "O5'" 
287 C "C5'" . DC B 5  ? 0.7569 0.9813 0.8760 -0.0205 -0.0516 0.1389  5  DC B "C5'" 
288 C "C4'" . DC B 5  ? 0.7310 0.8798 0.7994 -0.0458 -0.0333 0.1190  5  DC B "C4'" 
289 O "O4'" . DC B 5  ? 0.7154 0.8295 0.7973 -0.0138 -0.0125 0.1062  5  DC B "O4'" 
290 C "C3'" . DC B 5  ? 0.7633 0.8767 0.7854 -0.0666 -0.0340 0.1183  5  DC B "C3'" 
291 O "O3'" . DC B 5  ? 0.9570 1.0750 0.9316 -0.1166 -0.0443 0.1222  5  DC B "O3'" 
292 C "C2'" . DC B 5  ? 0.8854 0.9249 0.8697 -0.0528 -0.0077 0.1030  5  DC B "C2'" 
293 C "C1'" . DC B 5  ? 0.7943 0.8557 0.8299 -0.0159 0.0033  0.0989  5  DC B "C1'" 
294 N N1    . DC B 5  ? 0.7251 0.8023 0.7903 0.0067  0.0046  0.1016  5  DC B N1    
295 C C2    . DC B 5  ? 0.8300 0.9058 0.8938 0.0266  0.0265  0.0961  5  DC B C2    
296 O O2    . DC B 5  ? 0.7498 0.8065 0.7872 0.0386  0.0480  0.0901  5  DC B O2    
297 N N3    . DC B 5  ? 0.7067 0.8041 0.7872 0.0309  0.0257  0.1000  5  DC B N3    
298 C C4    . DC B 5  ? 0.7806 0.8746 0.8688 0.0211  0.0074  0.1063  5  DC B C4    
299 N N4    . DC B 5  ? 0.9729 1.0699 1.0568 0.0148  0.0087  0.1088  5  DC B N4    
300 C C5    . DC B 5  ? 0.6742 0.7641 0.7620 0.0157  -0.0109 0.1132  5  DC B C5    
301 C C6    . DC B 5  ? 0.8124 0.9078 0.8946 0.0062  -0.0132 0.1118  5  DC B C6    
302 P P     . DG B 6  ? 1.1025 1.2358 1.0480 -0.1440 -0.0581 0.1317  6  DG B P     
303 O OP1   . DG B 6  ? 1.0712 1.2497 0.9800 -0.2042 -0.0738 0.1411  6  DG B OP1   
304 O OP2   . DG B 6  ? 0.9338 1.1141 0.9316 -0.1027 -0.0659 0.1449  6  DG B OP2   
305 O "O5'" . DG B 6  ? 0.9799 1.0055 0.8572 -0.1474 -0.0378 0.1151  6  DG B "O5'" 
306 C "C5'" . DG B 6  ? 1.0777 1.0126 0.8724 -0.1695 -0.0185 0.1013  6  DG B "C5'" 
307 C "C4'" . DG B 6  ? 0.9901 0.8353 0.7186 -0.1506 0.0028  0.0942  6  DG B "C4'" 
308 O "O4'" . DG B 6  ? 1.0020 0.8746 0.7903 -0.0939 0.0139  0.0959  6  DG B "O4'" 
309 C "C3'" . DG B 6  ? 1.1104 0.9562 0.8146 -0.1733 -0.0112 0.1001  6  DG B "C3'" 
310 O "O3'" . DG B 6  ? 1.2944 1.0240 0.8836 -0.1804 0.0094  0.0927  6  DG B "O3'" 
311 C "C2'" . DG B 6  ? 1.0334 0.9390 0.8201 -0.1282 -0.0166 0.1082  6  DG B "C2'" 
312 C "C1'" . DG B 6  ? 1.0427 0.9334 0.8467 -0.0840 0.0061  0.1031  6  DG B "C1'" 
313 N N9    . DG B 6  ? 0.9396 0.8972 0.8274 -0.0560 -0.0008 0.1088  6  DG B N9    
314 C C8    . DG B 6  ? 0.9348 0.9512 0.8812 -0.0576 -0.0213 0.1167  6  DG B C8    
315 N N7    . DG B 6  ? 0.8584 0.8944 0.8441 -0.0333 -0.0193 0.1190  6  DG B N7    
316 C C5    . DG B 6  ? 0.8722 0.8880 0.8381 -0.0200 0.0008  0.1140  6  DG B C5    
317 C C6    . DG B 6  ? 0.9032 0.9433 0.8890 -0.0051 0.0102  0.1161  6  DG B C6    
318 O O6    . DG B 6  ? 0.8562 0.9146 0.8705 -0.0068 0.0026  0.1187  6  DG B O6    
319 N N1    . DG B 6  ? 0.8792 0.9191 0.8316 0.0117  0.0331  0.1178  6  DG B N1    
320 C C2    . DG B 6  ? 0.8824 0.8728 0.7726 0.0211  0.0488  0.1162  6  DG B C2    
321 N N2    . DG B 6  ? 0.8369 0.8323 0.6853 0.0538  0.0764  0.1243  6  DG B N2    
322 N N3    . DG B 6  ? 0.8632 0.8023 0.7201 -0.0010 0.0402  0.1100  6  DG B N3    
323 C C4    . DG B 6  ? 0.8830 0.8516 0.7886 -0.0245 0.0144  0.1096  6  DG B C4    
324 P P     . DC B 7  ? 1.4106 1.1154 0.9452 -0.2148 -0.0027 0.0961  7  DC B P     
325 O OP1   . DC B 7  ? 1.5979 1.1720 0.9836 -0.2605 0.0122  0.0861  7  DC B OP1   
326 O OP2   . DC B 7  ? 1.2663 1.0950 0.8895 -0.2358 -0.0343 0.1081  7  DC B OP2   
327 O "O5'" . DC B 7  ? 1.2763 0.9647 0.8199 -0.1560 0.0111  0.1012  7  DC B "O5'" 
328 C "C5'" . DC B 7  ? 1.3107 0.9186 0.7855 -0.1092 0.0446  0.1002  7  DC B "C5'" 
329 C "C4'" . DC B 7  ? 1.2498 0.9057 0.7698 -0.0588 0.0488  0.1128  7  DC B "C4'" 
330 O "O4'" . DC B 7  ? 1.1526 0.9048 0.7803 -0.0361 0.0440  0.1161  7  DC B "O4'" 
331 C "C3'" . DC B 7  ? 1.1473 0.8461 0.7049 -0.0777 0.0241  0.1186  7  DC B "C3'" 
332 O "O3'" . DC B 7  ? 1.3468 0.9582 0.8000 -0.0811 0.0333  0.1201  7  DC B "O3'" 
333 C "C2'" . DC B 7  ? 1.0342 0.8142 0.6734 -0.0388 0.0231  0.1303  7  DC B "C2'" 
334 C "C1'" . DC B 7  ? 0.9367 0.7535 0.6225 -0.0226 0.0325  0.1268  7  DC B "C1'" 
335 N N1    . DC B 7  ? 0.9602 0.8521 0.7429 -0.0369 0.0108  0.1257  7  DC B N1    
336 C C2    . DC B 7  ? 0.9641 0.9089 0.7996 -0.0167 0.0156  0.1297  7  DC B C2    
337 O O2    . DC B 7  ? 0.8238 0.7786 0.6369 0.0102  0.0359  0.1366  7  DC B O2    
338 N N3    . DC B 7  ? 0.9009 0.8854 0.7979 -0.0264 -0.0004 0.1291  7  DC B N3    
339 C C4    . DC B 7  ? 0.9356 0.9250 0.8483 -0.0435 -0.0187 0.1290  7  DC B C4    
340 N N4    . DC B 7  ? 0.7667 0.7846 0.7212 -0.0387 -0.0286 0.1328  7  DC B N4    
341 C C5    . DC B 7  ? 1.0009 0.9677 0.8744 -0.0663 -0.0255 0.1278  7  DC B C5    
342 C C6    . DC B 7  ? 1.0258 0.9356 0.8320 -0.0680 -0.0114 0.1239  7  DC B C6    
343 P P     . DC B 8  ? 1.3645 0.9864 0.8144 -0.1289 0.0073  0.1196  8  DC B P     
344 O OP1   . DC B 8  ? 1.4412 0.9368 0.7493 -0.1371 0.0227  0.1174  8  DC B OP1   
345 O OP2   . DC B 8  ? 1.3451 1.0368 0.8536 -0.1774 -0.0156 0.1152  8  DC B OP2   
346 O "O5'" . DC B 8  ? 1.1576 0.8680 0.7002 -0.0986 -0.0058 0.1324  8  DC B "O5'" 
347 C "C5'" . DC B 8  ? 1.1528 0.8458 0.6682 -0.0523 0.0095  0.1441  8  DC B "C5'" 
348 C "C4'" . DC B 8  ? 1.0196 0.8013 0.6250 -0.0416 -0.0070 0.1552  8  DC B "C4'" 
349 O "O4'" . DC B 8  ? 1.0140 0.8629 0.7010 -0.0375 -0.0110 0.1551  8  DC B "O4'" 
350 C "C3'" . DC B 8  ? 1.0023 0.8136 0.6395 -0.0739 -0.0307 0.1538  8  DC B "C3'" 
351 O "O3'" . DC B 8  ? 1.1298 0.9038 0.7140 -0.0677 -0.0299 0.1597  8  DC B "O3'" 
352 C "C2'" . DC B 8  ? 0.9194 0.8096 0.6490 -0.0637 -0.0416 0.1609  8  DC B "C2'" 
353 C "C1'" . DC B 8  ? 0.8946 0.7982 0.6462 -0.0461 -0.0290 0.1601  8  DC B "C1'" 
354 N N1    . DC B 8  ? 0.8867 0.8244 0.6927 -0.0569 -0.0366 0.1545  8  DC B N1    
355 C C2    . DC B 8  ? 0.9578 0.9289 0.8094 -0.0495 -0.0393 0.1596  8  DC B C2    
356 O O2    . DC B 8  ? 0.8821 0.8626 0.7319 -0.0440 -0.0375 0.1685  8  DC B O2    
357 N N3    . DC B 8  ? 0.8492 0.8360 0.7334 -0.0514 -0.0434 0.1563  8  DC B N3    
358 C C4    . DC B 8  ? 0.8080 0.8006 0.6945 -0.0600 -0.0472 0.1508  8  DC B C4    
359 N N4    . DC B 8  ? 0.8095 0.8260 0.7273 -0.0538 -0.0509 0.1520  8  DC B N4    
360 C C5    . DC B 8  ? 0.8261 0.7940 0.6694 -0.0785 -0.0464 0.1453  8  DC B C5    
361 C C6    . DC B 8  ? 0.9668 0.8969 0.7643 -0.0762 -0.0400 0.1462  8  DC B C6    
362 P P     . DG B 9  ? 1.2185 1.0086 0.8032 -0.1025 -0.0496 0.1585  9  DG B P     
363 O OP1   . DG B 9  ? 1.2589 0.9634 0.7426 -0.1015 -0.0415 0.1591  9  DG B OP1   
364 O OP2   . DG B 9  ? 1.0496 0.8820 0.6611 -0.1438 -0.0620 0.1516  9  DG B OP2   
365 O "O5'" . DG B 9  ? 1.0726 0.9405 0.7427 -0.0815 -0.0606 0.1702  9  DG B "O5'" 
366 C "C5'" . DG B 9  ? 0.9691 0.8398 0.6441 -0.0478 -0.0542 0.1819  9  DG B "C5'" 
367 C "C4'" . DG B 9  ? 1.1355 1.0655 0.8792 -0.0441 -0.0648 0.1896  9  DG B "C4'" 
368 O "O4'" . DG B 9  ? 0.8767 0.8303 0.6613 -0.0438 -0.0619 0.1877  9  DG B "O4'" 
369 C "C3'" . DG B 9  ? 0.9752 0.9363 0.7391 -0.0615 -0.0775 0.1884  9  DG B "C3'" 
370 O "O3'" . DG B 9  ? 1.2529 1.2140 1.0030 -0.0560 -0.0824 0.1950  9  DG B "O3'" 
371 C "C2'" . DG B 9  ? 0.8823 0.8812 0.6979 -0.0510 -0.0783 0.1935  9  DG B "C2'" 
372 C "C1'" . DG B 9  ? 0.8559 0.8382 0.6775 -0.0482 -0.0698 0.1889  9  DG B "C1'" 
373 N N9    . DG B 9  ? 0.8479 0.8403 0.6820 -0.0573 -0.0698 0.1815  9  DG B N9    
374 C C8    . DG B 9  ? 0.8657 0.8612 0.6815 -0.0784 -0.0736 0.1746  9  DG B C8    
375 N N7    . DG B 9  ? 0.8754 0.8905 0.7120 -0.0817 -0.0736 0.1718  9  DG B N7    
376 C C5    . DG B 9  ? 0.9114 0.9249 0.7761 -0.0593 -0.0681 0.1754  9  DG B C5    
377 C C6    . DG B 9  ? 0.9567 0.9769 0.8437 -0.0496 -0.0648 0.1748  9  DG B C6    
378 O O6    . DG B 9  ? 0.8687 0.9101 0.7671 -0.0537 -0.0667 0.1723  9  DG B O6    
379 N N1    . DG B 9  ? 0.8971 0.8922 0.7839 -0.0386 -0.0587 0.1782  9  DG B N1    
380 C C2    . DG B 9  ? 1.0155 0.9931 0.8874 -0.0406 -0.0572 0.1831  9  DG B C2    
381 N N2    . DG B 9  ? 0.9947 0.9436 0.8521 -0.0446 -0.0516 0.1861  9  DG B N2    
382 N N3    . DG B 9  ? 0.8561 0.8403 0.7189 -0.0430 -0.0611 0.1858  9  DG B N3    
383 C C4    . DG B 9  ? 0.8293 0.8268 0.6877 -0.0502 -0.0659 0.1810  9  DG B C4    
384 P P     . DA B 10 ? 1.3026 1.3199 1.0832 -0.0592 -0.0919 0.2015  10 DA B P     
385 O OP1   . DA B 10 ? 1.3067 1.3132 1.0591 -0.0593 -0.0964 0.2047  10 DA B OP1   
386 O OP2   . DA B 10 ? 1.1729 1.2347 0.9624 -0.0815 -0.0964 0.1989  10 DA B OP2   
387 O "O5'" . DA B 10 ? 1.2513 1.2826 1.0720 -0.0317 -0.0869 0.2112  10 DA B "O5'" 
388 C "C5'" . DA B 10 ? 1.2142 1.2762 1.0506 -0.0141 -0.0868 0.2221  10 DA B "C5'" 
389 C "C4'" . DA B 10 ? 1.1167 1.1496 0.9560 0.0037  -0.0774 0.2289  10 DA B "C4'" 
390 O "O4'" . DA B 10 ? 1.0558 1.0765 0.8955 0.0037  -0.0712 0.2255  10 DA B "O4'" 
391 C "C3'" . DA B 10 ? 1.2035 1.2445 1.0381 0.0306  -0.0700 0.2415  10 DA B "C3'" 
392 O "O3'" . DA B 10 ? 1.2696 1.2569 1.0827 0.0325  -0.0630 0.2465  10 DA B "O3'" 
393 C "C2'" . DA B 10 ? 1.0821 1.1436 0.9121 0.0509  -0.0609 0.2476  10 DA B "C2'" 
394 C "C1'" . DA B 10 ? 1.1576 1.1910 0.9894 0.0316  -0.0621 0.2364  10 DA B "C1'" 
395 N N9    . DA B 10 ? 1.1441 1.2321 0.9899 0.0314  -0.0653 0.2372  10 DA B N9    
396 C C8    . DA B 10 ? 1.1022 1.2554 0.9618 0.0095  -0.0770 0.2356  10 DA B C8    
397 N N7    . DA B 10 ? 1.0471 1.2531 0.9142 0.0065  -0.0788 0.2401  10 DA B N7    
398 C C5    . DA B 10 ? 1.0807 1.2495 0.9399 0.0386  -0.0663 0.2456  10 DA B C5    
399 C C6    . DA B 10 ? 1.0534 1.2482 0.9118 0.0584  -0.0611 0.2546  10 DA B C6    
400 N N6    . DA B 10 ? 1.0773 1.3631 0.9533 0.0440  -0.0702 0.2617  10 DA B N6    
401 N N1    . DA B 10 ? 1.1974 1.3186 1.0263 0.0895  -0.0462 0.2575  10 DA B N1    
402 C C2    . DA B 10 ? 1.1887 1.2204 0.9885 0.0891  -0.0382 0.2513  10 DA B C2    
403 N N3    . DA B 10 ? 1.0600 1.0758 0.8655 0.0689  -0.0436 0.2447  10 DA B N3    
404 C C4    . DA B 10 ? 1.0844 1.1715 0.9230 0.0497  -0.0574 0.2424  10 DA B C4    
# 
